data_6Q0V
#
_entry.id   6Q0V
#
_cell.length_a   81.769
_cell.length_b   94.613
_cell.length_c   260.39
_cell.angle_alpha   90
_cell.angle_beta   90
_cell.angle_gamma   90
#
_symmetry.space_group_name_H-M   'P 21 21 21'
#
loop_
_entity.id
_entity.type
_entity.pdbx_description
1 polymer 'DNA damage-binding protein 1'
2 polymer 'DDB1- and CUL4-associated factor 15'
3 polymer 'DDB1- and CUL4-associated factor 15'
4 polymer 'RNA-binding protein 39'
5 polymer 'DET1- and DDB1-associated protein 1'
6 non-polymer N-[(5-bromothiophen-2-yl)sulfonyl]-2,4-dichlorobenzamide
7 non-polymer 'ZINC ION'
8 water water
#
loop_
_entity_poly.entity_id
_entity_poly.type
_entity_poly.pdbx_seq_one_letter_code
_entity_poly.pdbx_strand_id
1 'polypeptide(L)'
;MGSSHHHHHHSAAHIVMVDAYKPTKGGRMSYNYVVTAQKPTAVNGCVTGHFTSAEDLNLLIAKNTRLEIYVVTAEGLRPV
KEVGMYGKIAVMELFRPKGESKDLLFILTAKYNACILEYKQSGESIDIITRAHGNVQDRIGRPSETGIIGIIDPECRMIG
LRLYDGLFKVIPLDRDNKELKAFNIRLEELHVIDVKFLYGCQAPTICFVYQDPQGRHVKTYEVSLREKEFNKGPWKQENV
EAEASMVIAVPEPFGGAIIIGQESITYHNGDKYLAIAPPIIKQSTIVCHNRVDPNGSRYLLGDMEGRLFMLLLEKEEQMD
GTVTLKDLRVELLGETSIAECLTYLDNGVVFVGSRLGDSQLVKLNVDSNEQGSYVVAMETFTNLGPIVDMCVVDLERQGQ
GQLVTCSGAFKEGSLRIIRNGIGGNGNSGEIQKLHIRTVPLYESPRKICYQEVSQCFGVLSSRIEVQDTSGGTTALRPSA
STQALSSSVSSSKLFSSSTAPHETSFGEEVEVHNLLIIDQHTFEVLHAHQFLQNEYALSLVSCKLGKDPNTYFIVGTAMV
YPEEAEPKQGRIVVFQYSDGKLQTVAEKEVKGAVYSMVEFNGKLLASINSTVRLYEWTTEKELRTECNHYNNIMALYLKT
KGDFILVGDLMRSVLLLAYKPMEGNFEEIARDFNPNWMSAVEILDDDNFLGAENAFNLFVCQKDSAATTDEERQHLQEVG
LFHLGEFVNVFCHGSLVMQNLGETSTPTQGSVLFGTVNGMIGLVTSLSESWYNLLLDMQNRLNKVIKSVGKIEHSFWRSF
HTERKTEPATGFIDGDLIESFLDISRPKMQEVVANLQYDDGSGMKREATADDLIKVVEELTRIH
;
A
2 'polypeptide(L)'
;MDWSHPQFEKSAVGLNDIFEAQKIEWHEGGGGSGENLYFQGGGRMGRRREHVLKQLERVKISGQLSPRLFRKLPPRVCVS
LKNIVDEDFLYAGHIFLGFSKCGRYVLSYTSSSGDDDFSFYIYHLYWWEFNVHSKLKLVRQVRLFQDEEIYSDLYLTVCE
WPSDASKVIVFGFNTRSANGMLMNMMMMSDENHRDIYVSTVAVPPPGRCAACQDASRAHPGDPNAQCLRHGFMLHTKYQV
VYPFPTFQPAFQLKKDQVVLLNTSYSLVACAVSVHS
;
B
3 'polypeptide(L)'
;MDWSHPQFEKSAVGLNDIFEAQKIEWHEGGGGSGENLYFQGGGRMEPGYVNYTKLYYVLESGEGTEPEDELEDDKISLPF
VVTDLRGRNLRPMRERTAVQGQYLTVEQLTLDFEYVINEVIRHDATWGHQFCSFSDYDIVILEVCPETNQVLINIGLLLL
AFPSPTEEGQLRPKTYHTSLKVAWDLNTGIFETVSVGDLTEVKGQTSGSVWSSYRKSCVDMVMKWLVPESSGRYVNRMTN
EALHKGCSLKVLADSERYTWIVL
;
C
4 'polypeptide(L)'
;MGSSHHHHHHSAVDENLYFQGGGRMRLYVGSLHFNITEDMLRGIFEPFGRIESIQLMMDSETGRSKGYGFITFSDSECAK
KALEQLNGFELAGRPMKVGHVTERTDA
;
D
5 'polypeptide(L)'
;MGSSHHHHHHSAVDENLYFQGGGRMADFLKGLPVYNKSNFSRFHADSVCKASNRRPSVYLPTREYPSEQIIVTEKTNILL
RYLHQQWDKKNAAKKRDQEQVELEGESSAPPRKVARTDSPDMHEDT
;
E
#
# COMPACT_ATOMS: atom_id res chain seq x y z
N MET A 29 -11.22 -16.25 25.03
CA MET A 29 -10.10 -15.35 24.67
C MET A 29 -8.84 -16.15 24.29
N SER A 30 -8.08 -15.64 23.28
CA SER A 30 -6.87 -16.28 22.76
C SER A 30 -5.59 -15.56 23.14
N TYR A 31 -4.64 -16.35 23.67
CA TYR A 31 -3.33 -15.88 24.09
C TYR A 31 -2.26 -16.68 23.35
N ASN A 32 -1.40 -15.98 22.61
CA ASN A 32 -0.37 -16.64 21.82
C ASN A 32 1.04 -16.12 22.10
N TYR A 33 2.03 -16.94 21.75
CA TYR A 33 3.46 -16.68 21.93
C TYR A 33 4.14 -16.95 20.60
N VAL A 34 4.88 -15.95 20.10
CA VAL A 34 5.60 -16.05 18.82
C VAL A 34 7.09 -15.91 19.09
N VAL A 35 7.89 -16.83 18.52
CA VAL A 35 9.33 -16.83 18.68
C VAL A 35 10.01 -17.22 17.37
N THR A 36 11.28 -16.84 17.23
CA THR A 36 12.08 -17.09 16.04
C THR A 36 12.87 -18.36 16.29
N ALA A 37 12.75 -19.30 15.35
CA ALA A 37 13.51 -20.57 15.33
C ALA A 37 14.78 -20.33 14.49
N GLN A 38 14.63 -19.57 13.36
CA GLN A 38 15.67 -19.24 12.43
C GLN A 38 15.48 -17.79 11.96
N LYS A 39 16.48 -16.91 12.20
CA LYS A 39 16.46 -15.50 11.80
C LYS A 39 16.49 -15.36 10.28
N PRO A 40 15.92 -14.26 9.69
CA PRO A 40 15.92 -14.13 8.22
C PRO A 40 17.33 -14.27 7.61
N THR A 41 17.43 -15.00 6.48
CA THR A 41 18.70 -15.31 5.82
C THR A 41 18.88 -14.55 4.47
N ALA A 42 17.77 -14.07 3.85
CA ALA A 42 17.85 -13.30 2.60
C ALA A 42 18.56 -11.95 2.87
N VAL A 43 19.40 -11.46 1.93
CA VAL A 43 20.05 -10.15 2.13
C VAL A 43 19.33 -9.15 1.23
N ASN A 44 18.82 -8.09 1.85
CA ASN A 44 18.06 -7.06 1.19
C ASN A 44 18.94 -5.85 0.83
N GLY A 45 20.08 -5.71 1.52
CA GLY A 45 21.02 -4.62 1.31
C GLY A 45 22.38 -4.81 1.94
N CYS A 46 23.39 -4.15 1.34
CA CYS A 46 24.78 -4.11 1.79
C CYS A 46 25.49 -2.83 1.37
N VAL A 47 26.18 -2.20 2.32
CA VAL A 47 26.98 -1.00 2.09
C VAL A 47 28.40 -1.12 2.65
N THR A 48 29.36 -0.41 2.05
CA THR A 48 30.75 -0.32 2.51
C THR A 48 31.05 1.14 2.93
N GLY A 49 31.95 1.30 3.89
CA GLY A 49 32.35 2.59 4.44
C GLY A 49 33.19 2.43 5.70
N HIS A 50 33.35 3.53 6.46
CA HIS A 50 34.22 3.59 7.65
C HIS A 50 33.43 4.04 8.88
N PHE A 51 32.64 3.10 9.41
CA PHE A 51 31.68 3.30 10.49
C PHE A 51 32.20 3.02 11.91
N THR A 52 32.90 1.90 12.09
CA THR A 52 33.46 1.49 13.38
C THR A 52 34.65 2.38 13.76
N SER A 53 35.51 2.69 12.77
CA SER A 53 36.67 3.59 12.90
C SER A 53 36.98 4.19 11.54
N ALA A 54 37.72 5.31 11.52
CA ALA A 54 38.10 5.97 10.27
C ALA A 54 39.01 5.08 9.42
N GLU A 55 39.75 4.15 10.07
CA GLU A 55 40.71 3.18 9.49
C GLU A 55 40.05 1.91 8.93
N ASP A 56 39.03 1.38 9.65
CA ASP A 56 38.33 0.14 9.27
C ASP A 56 37.49 0.29 8.04
N LEU A 57 37.58 -0.68 7.15
CA LEU A 57 36.72 -0.75 5.97
C LEU A 57 35.67 -1.71 6.44
N ASN A 58 34.43 -1.24 6.53
CA ASN A 58 33.33 -2.05 7.02
C ASN A 58 32.42 -2.52 5.92
N LEU A 59 31.76 -3.64 6.20
CA LEU A 59 30.69 -4.20 5.40
C LEU A 59 29.50 -4.22 6.35
N LEU A 60 28.38 -3.62 5.91
CA LEU A 60 27.15 -3.62 6.66
C LEU A 60 26.12 -4.42 5.86
N ILE A 61 25.50 -5.44 6.47
CA ILE A 61 24.50 -6.27 5.80
C ILE A 61 23.13 -6.14 6.48
N ALA A 62 22.07 -5.92 5.67
CA ALA A 62 20.70 -5.80 6.13
C ALA A 62 19.96 -7.02 5.73
N LYS A 63 19.45 -7.75 6.72
CA LYS A 63 18.65 -8.99 6.57
C LYS A 63 17.31 -8.76 7.29
N ASN A 64 16.47 -7.98 6.65
CA ASN A 64 15.18 -7.50 7.14
C ASN A 64 15.34 -6.59 8.38
N THR A 65 15.19 -7.15 9.57
CA THR A 65 15.26 -6.44 10.85
C THR A 65 16.70 -6.45 11.39
N ARG A 66 17.54 -7.35 10.82
CA ARG A 66 18.93 -7.59 11.23
C ARG A 66 19.96 -6.73 10.51
N LEU A 67 20.87 -6.11 11.30
CA LEU A 67 22.00 -5.32 10.80
C LEU A 67 23.27 -5.97 11.28
N GLU A 68 24.05 -6.51 10.34
CA GLU A 68 25.34 -7.19 10.61
C GLU A 68 26.46 -6.22 10.28
N ILE A 69 27.36 -5.99 11.26
CA ILE A 69 28.52 -5.10 11.11
C ILE A 69 29.80 -5.96 11.07
N TYR A 70 30.62 -5.78 10.02
CA TYR A 70 31.87 -6.51 9.83
C TYR A 70 33.04 -5.57 9.58
N VAL A 71 34.27 -6.02 9.88
CA VAL A 71 35.51 -5.29 9.59
C VAL A 71 36.29 -6.10 8.54
N VAL A 72 36.59 -5.48 7.38
CA VAL A 72 37.33 -6.17 6.33
C VAL A 72 38.77 -6.28 6.83
N THR A 73 39.10 -7.48 7.31
CA THR A 73 40.37 -7.78 7.93
C THR A 73 41.21 -8.69 7.04
N ALA A 74 42.49 -8.89 7.40
CA ALA A 74 43.47 -9.74 6.69
C ALA A 74 42.95 -11.18 6.43
N GLU A 75 42.06 -11.67 7.34
CA GLU A 75 41.45 -13.00 7.31
C GLU A 75 40.21 -13.08 6.43
N GLY A 76 39.60 -11.91 6.21
CA GLY A 76 38.42 -11.72 5.37
C GLY A 76 37.11 -11.76 6.11
N LEU A 77 36.57 -10.58 6.48
CA LEU A 77 35.27 -10.39 7.17
C LEU A 77 35.28 -10.83 8.63
N ARG A 78 35.61 -9.89 9.53
CA ARG A 78 35.62 -10.09 10.97
C ARG A 78 34.28 -9.59 11.52
N PRO A 79 33.43 -10.46 12.09
CA PRO A 79 32.16 -9.96 12.67
C PRO A 79 32.41 -9.15 13.94
N VAL A 80 31.78 -7.96 14.05
CA VAL A 80 31.97 -7.12 15.23
C VAL A 80 30.70 -7.10 16.08
N LYS A 81 29.55 -6.79 15.48
CA LYS A 81 28.26 -6.81 16.17
C LYS A 81 27.07 -6.93 15.22
N GLU A 82 26.05 -7.66 15.68
CA GLU A 82 24.78 -7.84 14.97
C GLU A 82 23.71 -7.19 15.82
N VAL A 83 23.06 -6.19 15.27
CA VAL A 83 22.02 -5.48 16.00
C VAL A 83 20.67 -5.67 15.33
N GLY A 84 19.72 -6.09 16.15
CA GLY A 84 18.35 -6.30 15.75
C GLY A 84 17.61 -5.00 15.99
N MET A 85 17.07 -4.43 14.89
CA MET A 85 16.31 -3.20 14.95
C MET A 85 14.83 -3.58 15.13
N TYR A 86 14.09 -2.69 15.78
CA TYR A 86 12.66 -2.81 15.97
C TYR A 86 11.98 -2.19 14.72
N GLY A 87 12.36 -2.72 13.55
CA GLY A 87 11.79 -2.32 12.27
C GLY A 87 12.40 -3.05 11.09
N LYS A 88 11.70 -3.05 9.92
CA LYS A 88 12.23 -3.67 8.70
C LYS A 88 13.12 -2.63 8.01
N ILE A 89 14.45 -2.86 7.88
CA ILE A 89 15.41 -1.91 7.26
C ILE A 89 15.09 -1.58 5.75
N ALA A 90 14.60 -0.37 5.46
CA ALA A 90 14.25 0.08 4.10
C ALA A 90 15.34 0.93 3.41
N VAL A 91 16.12 1.66 4.21
CA VAL A 91 17.19 2.51 3.76
C VAL A 91 18.35 2.26 4.71
N MET A 92 19.53 2.07 4.15
CA MET A 92 20.78 1.84 4.90
C MET A 92 21.88 2.54 4.12
N GLU A 93 22.33 3.72 4.60
CA GLU A 93 23.34 4.55 3.93
C GLU A 93 24.36 5.16 4.86
N LEU A 94 25.64 5.00 4.51
CA LEU A 94 26.67 5.61 5.28
C LEU A 94 26.92 7.05 4.69
N PHE A 95 27.18 8.02 5.57
CA PHE A 95 27.47 9.39 5.14
C PHE A 95 28.39 10.08 6.13
N ARG A 96 29.26 10.98 5.64
CA ARG A 96 30.16 11.68 6.55
C ARG A 96 30.01 13.17 6.45
N PRO A 97 29.22 13.77 7.36
CA PRO A 97 29.09 15.23 7.35
C PRO A 97 30.41 15.87 7.84
N LYS A 98 30.75 17.09 7.38
CA LYS A 98 32.00 17.78 7.75
C LYS A 98 32.06 17.93 9.30
N GLY A 99 33.24 17.63 9.85
CA GLY A 99 33.46 17.65 11.30
C GLY A 99 33.43 16.27 11.94
N GLU A 100 33.00 15.22 11.20
CA GLU A 100 32.97 13.86 11.70
C GLU A 100 34.29 13.18 11.39
N SER A 101 34.79 12.41 12.37
CA SER A 101 36.01 11.62 12.28
C SER A 101 35.73 10.28 11.54
N LYS A 102 34.48 9.82 11.54
CA LYS A 102 34.06 8.59 10.85
C LYS A 102 32.64 8.73 10.31
N ASP A 103 32.24 7.79 9.42
CA ASP A 103 30.92 7.78 8.80
C ASP A 103 29.83 7.56 9.84
N LEU A 104 28.69 8.20 9.62
CA LEU A 104 27.49 8.01 10.41
C LEU A 104 26.56 7.16 9.55
N LEU A 105 25.62 6.48 10.19
CA LEU A 105 24.69 5.62 9.46
C LEU A 105 23.25 6.15 9.47
N PHE A 106 22.65 6.21 8.27
CA PHE A 106 21.25 6.58 8.18
C PHE A 106 20.42 5.32 7.96
N ILE A 107 19.40 5.14 8.79
CA ILE A 107 18.49 4.01 8.68
C ILE A 107 17.06 4.51 8.72
N LEU A 108 16.27 4.04 7.74
CA LEU A 108 14.85 4.28 7.68
C LEU A 108 14.17 2.91 7.66
N THR A 109 13.20 2.72 8.54
CA THR A 109 12.46 1.45 8.59
C THR A 109 11.22 1.53 7.71
N ALA A 110 10.58 0.37 7.46
CA ALA A 110 9.36 0.22 6.67
C ALA A 110 8.17 1.01 7.27
N LYS A 111 8.17 1.18 8.62
CA LYS A 111 7.19 1.95 9.40
C LYS A 111 7.64 3.43 9.55
N TYR A 112 8.65 3.85 8.73
CA TYR A 112 9.13 5.23 8.57
C TYR A 112 9.85 5.82 9.80
N ASN A 113 10.51 4.95 10.58
CA ASN A 113 11.31 5.38 11.72
C ASN A 113 12.67 5.78 11.12
N ALA A 114 13.04 7.05 11.23
CA ALA A 114 14.29 7.58 10.68
C ALA A 114 15.29 7.82 11.78
N CYS A 115 16.56 7.42 11.56
CA CYS A 115 17.59 7.64 12.55
C CYS A 115 18.99 7.83 11.93
N ILE A 116 19.86 8.54 12.65
CA ILE A 116 21.26 8.72 12.30
C ILE A 116 22.06 8.17 13.47
N LEU A 117 22.83 7.10 13.20
CA LEU A 117 23.56 6.36 14.21
C LEU A 117 25.06 6.56 14.16
N GLU A 118 25.69 6.55 15.33
CA GLU A 118 27.15 6.66 15.51
C GLU A 118 27.71 5.48 16.34
N TYR A 119 28.73 4.80 15.80
CA TYR A 119 29.36 3.68 16.48
C TYR A 119 30.42 4.24 17.43
N LYS A 120 30.41 3.77 18.68
CA LYS A 120 31.36 4.22 19.69
C LYS A 120 31.93 3.02 20.44
N GLN A 121 33.24 2.90 20.40
CA GLN A 121 33.96 1.86 21.13
C GLN A 121 34.89 2.53 22.14
N SER A 122 34.77 2.12 23.42
CA SER A 122 35.59 2.59 24.54
C SER A 122 36.24 1.35 25.20
N GLY A 123 37.45 1.03 24.74
CA GLY A 123 38.19 -0.16 25.15
C GLY A 123 37.49 -1.42 24.68
N GLU A 124 36.85 -2.13 25.63
CA GLU A 124 36.11 -3.37 25.36
C GLU A 124 34.61 -3.09 25.20
N SER A 125 34.15 -1.86 25.55
CA SER A 125 32.74 -1.46 25.48
C SER A 125 32.33 -0.96 24.11
N ILE A 126 31.24 -1.52 23.55
CA ILE A 126 30.70 -1.15 22.24
C ILE A 126 29.28 -0.58 22.39
N ASP A 127 29.03 0.65 21.89
CA ASP A 127 27.73 1.32 21.98
C ASP A 127 27.35 2.02 20.68
N ILE A 128 26.07 1.85 20.24
CA ILE A 128 25.52 2.50 19.06
C ILE A 128 24.65 3.66 19.51
N ILE A 129 25.14 4.88 19.26
CA ILE A 129 24.53 6.14 19.66
C ILE A 129 23.51 6.62 18.63
N THR A 130 22.29 7.01 19.08
CA THR A 130 21.26 7.58 18.23
C THR A 130 21.47 9.09 18.25
N ARG A 131 22.09 9.63 17.18
CA ARG A 131 22.39 11.06 17.05
C ARG A 131 21.12 11.88 16.84
N ALA A 132 20.19 11.37 16.00
CA ALA A 132 18.88 11.97 15.71
C ALA A 132 17.91 10.89 15.27
N HIS A 133 16.62 11.05 15.62
CA HIS A 133 15.57 10.10 15.28
C HIS A 133 14.22 10.76 15.26
N GLY A 134 13.30 10.14 14.56
CA GLY A 134 11.92 10.58 14.47
C GLY A 134 11.16 9.80 13.41
N ASN A 135 9.81 9.87 13.45
CA ASN A 135 8.98 9.21 12.42
C ASN A 135 8.65 10.17 11.28
N VAL A 136 8.94 9.76 10.03
CA VAL A 136 8.77 10.68 8.91
C VAL A 136 7.57 10.33 8.02
N GLN A 137 6.61 9.56 8.56
CA GLN A 137 5.39 9.16 7.88
C GLN A 137 4.51 10.37 7.66
N ASP A 138 3.81 10.40 6.52
CA ASP A 138 2.82 11.42 6.17
C ASP A 138 1.43 10.75 6.23
N ARG A 139 0.40 11.39 6.83
CA ARG A 139 -0.91 10.72 6.91
C ARG A 139 -1.48 10.57 5.50
N ILE A 140 -1.36 11.65 4.70
CA ILE A 140 -1.70 11.67 3.29
C ILE A 140 -0.55 11.01 2.51
N GLY A 141 -0.78 10.77 1.23
CA GLY A 141 0.29 10.19 0.43
C GLY A 141 0.18 8.69 0.38
N ARG A 142 0.28 8.17 -0.86
CA ARG A 142 0.17 6.77 -1.14
C ARG A 142 1.52 6.17 -1.45
N PRO A 143 1.88 5.04 -0.81
CA PRO A 143 3.17 4.42 -1.06
C PRO A 143 3.44 4.17 -2.53
N SER A 144 4.65 4.46 -2.96
CA SER A 144 5.05 4.33 -4.36
C SER A 144 5.27 2.89 -4.81
N GLU A 145 5.05 2.65 -6.09
CA GLU A 145 5.19 1.37 -6.77
C GLU A 145 6.60 0.79 -6.58
N THR A 146 7.66 1.57 -6.93
CA THR A 146 9.06 1.13 -6.81
C THR A 146 9.58 1.31 -5.36
N GLY A 147 8.66 1.59 -4.42
CA GLY A 147 8.91 1.69 -2.98
C GLY A 147 9.73 2.83 -2.43
N ILE A 148 10.08 2.70 -1.13
CA ILE A 148 10.88 3.69 -0.40
C ILE A 148 12.26 3.79 -1.05
N ILE A 149 12.66 5.04 -1.38
CA ILE A 149 13.96 5.40 -1.92
C ILE A 149 14.58 6.46 -0.96
N GLY A 150 15.75 6.13 -0.42
CA GLY A 150 16.49 6.99 0.50
C GLY A 150 17.86 7.32 -0.04
N ILE A 151 18.09 8.61 -0.32
CA ILE A 151 19.33 9.11 -0.94
C ILE A 151 19.98 10.26 -0.08
N ILE A 152 21.31 10.33 -0.06
CA ILE A 152 21.98 11.39 0.72
C ILE A 152 22.87 12.21 -0.22
N ASP A 153 22.88 13.52 -0.05
CA ASP A 153 23.64 14.41 -0.91
C ASP A 153 25.15 14.21 -0.74
N PRO A 154 25.96 14.13 -1.83
CA PRO A 154 27.43 13.93 -1.67
C PRO A 154 28.15 14.93 -0.72
N GLU A 155 27.64 16.19 -0.67
CA GLU A 155 28.18 17.24 0.21
C GLU A 155 27.48 17.28 1.60
N CYS A 156 26.61 16.27 1.89
CA CYS A 156 25.87 16.08 3.15
C CYS A 156 25.05 17.30 3.55
N ARG A 157 24.46 17.95 2.54
CA ARG A 157 23.63 19.14 2.73
C ARG A 157 22.25 18.76 3.18
N MET A 158 21.80 17.52 2.84
CA MET A 158 20.47 17.01 3.16
C MET A 158 20.30 15.51 2.87
N ILE A 159 19.18 14.93 3.35
CA ILE A 159 18.73 13.58 3.05
C ILE A 159 17.48 13.74 2.19
N GLY A 160 17.40 12.96 1.13
CA GLY A 160 16.22 12.93 0.26
C GLY A 160 15.47 11.61 0.37
N LEU A 161 14.15 11.68 0.51
CA LEU A 161 13.35 10.48 0.59
C LEU A 161 12.15 10.54 -0.37
N ARG A 162 11.99 9.47 -1.17
CA ARG A 162 10.85 9.30 -2.02
C ARG A 162 10.06 8.19 -1.36
N LEU A 163 8.98 8.56 -0.61
CA LEU A 163 8.15 7.59 0.15
C LEU A 163 6.82 7.39 -0.51
N TYR A 164 6.26 8.49 -1.08
CA TYR A 164 4.91 8.53 -1.66
C TYR A 164 4.90 9.18 -3.01
N ASP A 165 3.84 8.96 -3.77
CA ASP A 165 3.73 9.54 -5.11
C ASP A 165 3.40 11.02 -5.03
N GLY A 166 4.11 11.86 -5.77
CA GLY A 166 3.80 13.28 -5.82
C GLY A 166 4.52 14.15 -4.82
N LEU A 167 5.18 13.52 -3.83
CA LEU A 167 5.95 14.16 -2.77
C LEU A 167 7.42 13.67 -2.68
N PHE A 168 8.33 14.64 -2.45
CA PHE A 168 9.74 14.42 -2.20
C PHE A 168 10.05 15.04 -0.83
N LYS A 169 10.45 14.19 0.17
CA LYS A 169 10.75 14.64 1.53
C LYS A 169 12.21 14.99 1.68
N VAL A 170 12.48 16.16 2.26
CA VAL A 170 13.86 16.59 2.49
C VAL A 170 14.12 16.81 3.98
N ILE A 171 15.14 16.09 4.52
CA ILE A 171 15.59 16.21 5.89
C ILE A 171 16.89 17.05 5.84
N PRO A 172 16.87 18.33 6.24
CA PRO A 172 18.10 19.13 6.18
C PRO A 172 19.14 18.59 7.16
N LEU A 173 20.38 18.45 6.74
CA LEU A 173 21.41 18.01 7.65
C LEU A 173 22.07 19.28 8.17
N ASP A 174 21.76 19.62 9.41
CA ASP A 174 22.28 20.81 10.11
C ASP A 174 22.61 20.31 11.50
N ARG A 175 23.84 20.54 11.96
CA ARG A 175 24.25 20.01 13.27
C ARG A 175 24.00 20.98 14.41
N ASP A 176 23.91 22.29 14.09
CA ASP A 176 23.68 23.35 15.06
C ASP A 176 22.20 23.73 15.18
N ASN A 177 21.34 22.75 15.50
CA ASN A 177 19.92 22.95 15.71
C ASN A 177 19.28 21.77 16.45
N LYS A 178 18.40 22.08 17.44
CA LYS A 178 17.64 21.14 18.29
C LYS A 178 16.88 20.10 17.49
N GLU A 179 16.25 20.51 16.38
CA GLU A 179 15.48 19.59 15.54
C GLU A 179 15.77 19.74 14.05
N LEU A 180 15.75 18.59 13.36
CA LEU A 180 15.93 18.52 11.92
C LEU A 180 14.52 18.62 11.29
N LYS A 181 14.05 19.86 11.04
CA LYS A 181 12.71 20.15 10.49
C LYS A 181 12.63 19.76 8.98
N ALA A 182 12.05 18.56 8.73
CA ALA A 182 11.88 17.92 7.43
C ALA A 182 10.65 18.43 6.75
N PHE A 183 10.71 18.68 5.45
CA PHE A 183 9.57 19.20 4.68
C PHE A 183 9.37 18.46 3.35
N ASN A 184 8.14 18.55 2.80
CA ASN A 184 7.79 17.95 1.50
C ASN A 184 7.77 19.01 0.39
N ILE A 185 8.26 18.63 -0.80
CA ILE A 185 8.22 19.42 -2.04
C ILE A 185 7.32 18.63 -3.01
N ARG A 186 6.43 19.32 -3.73
CA ARG A 186 5.53 18.66 -4.66
C ARG A 186 6.36 18.28 -5.87
N LEU A 187 6.11 17.07 -6.36
CA LEU A 187 6.73 16.46 -7.53
C LEU A 187 5.62 16.28 -8.57
N GLU A 188 5.69 17.03 -9.70
CA GLU A 188 4.72 16.95 -10.81
C GLU A 188 4.73 15.56 -11.42
N GLU A 189 5.93 14.93 -11.47
CA GLU A 189 6.12 13.57 -11.97
C GLU A 189 5.69 12.58 -10.87
N LEU A 190 4.42 12.10 -10.96
CA LEU A 190 3.84 11.21 -9.94
C LEU A 190 4.32 9.77 -9.95
N HIS A 191 4.99 9.34 -11.02
CA HIS A 191 5.52 7.99 -11.12
C HIS A 191 7.03 8.01 -11.33
N VAL A 192 7.81 8.03 -10.22
CA VAL A 192 9.26 8.06 -10.41
C VAL A 192 9.75 6.62 -10.20
N ILE A 193 10.65 6.18 -11.13
CA ILE A 193 11.23 4.84 -11.20
C ILE A 193 12.47 4.77 -10.28
N ASP A 194 13.44 5.70 -10.44
CA ASP A 194 14.61 5.78 -9.57
C ASP A 194 15.09 7.22 -9.53
N VAL A 195 15.80 7.63 -8.45
CA VAL A 195 16.31 8.99 -8.22
C VAL A 195 17.63 8.90 -7.43
N LYS A 196 18.55 9.83 -7.68
CA LYS A 196 19.85 9.93 -7.01
C LYS A 196 20.30 11.39 -6.92
N PHE A 197 21.21 11.70 -5.98
CA PHE A 197 21.75 13.06 -5.90
C PHE A 197 23.00 13.07 -6.78
N LEU A 198 23.14 14.10 -7.63
CA LEU A 198 24.30 14.24 -8.51
C LEU A 198 25.53 14.73 -7.80
N TYR A 199 26.69 14.39 -8.35
CA TYR A 199 28.01 14.77 -7.87
C TYR A 199 28.43 16.06 -8.58
N GLY A 200 29.40 16.77 -7.99
CA GLY A 200 29.98 18.00 -8.52
C GLY A 200 29.01 19.15 -8.75
N CYS A 201 28.04 19.34 -7.83
CA CYS A 201 26.98 20.34 -7.92
C CYS A 201 27.07 21.42 -6.86
N GLN A 202 27.01 22.69 -7.30
CA GLN A 202 27.03 23.81 -6.35
C GLN A 202 25.75 23.89 -5.53
N ALA A 203 24.65 23.41 -6.12
CA ALA A 203 23.36 23.35 -5.47
C ALA A 203 22.95 21.89 -5.43
N PRO A 204 22.38 21.38 -4.31
CA PRO A 204 21.98 19.96 -4.30
C PRO A 204 21.08 19.68 -5.48
N THR A 205 21.36 18.61 -6.24
CA THR A 205 20.59 18.33 -7.44
C THR A 205 20.23 16.88 -7.49
N ILE A 206 18.93 16.58 -7.72
CA ILE A 206 18.38 15.22 -7.87
C ILE A 206 18.21 14.89 -9.33
N CYS A 207 18.55 13.65 -9.73
CA CYS A 207 18.39 13.16 -11.10
C CYS A 207 17.50 11.96 -11.04
N PHE A 208 16.39 11.97 -11.80
CA PHE A 208 15.45 10.86 -11.74
C PHE A 208 14.85 10.46 -13.09
N VAL A 209 14.40 9.19 -13.15
CA VAL A 209 13.69 8.57 -14.29
C VAL A 209 12.22 8.49 -13.86
N TYR A 210 11.34 8.98 -14.73
CA TYR A 210 9.91 8.96 -14.44
C TYR A 210 9.10 8.46 -15.64
N GLN A 211 7.87 8.03 -15.37
CA GLN A 211 6.96 7.52 -16.38
C GLN A 211 5.71 8.35 -16.47
N ASP A 212 5.32 8.63 -17.71
CA ASP A 212 4.11 9.33 -18.06
C ASP A 212 3.45 8.68 -19.32
N PRO A 213 2.23 9.07 -19.80
CA PRO A 213 1.66 8.42 -20.99
C PRO A 213 2.53 8.47 -22.24
N GLN A 214 3.48 9.42 -22.31
CA GLN A 214 4.41 9.57 -23.44
C GLN A 214 5.70 8.70 -23.32
N GLY A 215 5.81 7.93 -22.25
CA GLY A 215 6.92 7.03 -22.01
C GLY A 215 7.76 7.34 -20.78
N ARG A 216 9.07 6.98 -20.84
CA ARG A 216 10.00 7.21 -19.74
C ARG A 216 10.94 8.30 -20.13
N HIS A 217 11.31 9.14 -19.14
CA HIS A 217 12.17 10.32 -19.31
C HIS A 217 13.09 10.47 -18.10
N VAL A 218 14.19 11.21 -18.28
CA VAL A 218 15.18 11.55 -17.22
C VAL A 218 15.13 13.09 -17.00
N LYS A 219 14.96 13.54 -15.76
CA LYS A 219 14.86 14.95 -15.39
C LYS A 219 15.74 15.27 -14.17
N THR A 220 16.14 16.53 -14.01
CA THR A 220 16.92 17.00 -12.88
C THR A 220 16.23 18.26 -12.31
N TYR A 221 16.36 18.41 -10.97
CA TYR A 221 15.86 19.53 -10.17
C TYR A 221 16.91 19.91 -9.15
N GLU A 222 17.10 21.21 -8.96
CA GLU A 222 17.96 21.70 -7.90
C GLU A 222 17.07 21.80 -6.67
N VAL A 223 17.60 21.44 -5.48
CA VAL A 223 16.84 21.48 -4.24
C VAL A 223 17.27 22.68 -3.39
N SER A 224 16.34 23.60 -3.15
CA SER A 224 16.55 24.80 -2.36
C SER A 224 16.04 24.61 -0.93
N LEU A 225 16.95 24.59 0.05
CA LEU A 225 16.55 24.48 1.46
C LEU A 225 15.90 25.79 1.95
N ARG A 226 16.42 26.92 1.47
CA ARG A 226 16.02 28.30 1.77
C ARG A 226 14.57 28.54 1.36
N GLU A 227 14.22 28.19 0.12
CA GLU A 227 12.90 28.41 -0.43
C GLU A 227 11.95 27.24 -0.27
N LYS A 228 12.44 26.06 0.16
CA LYS A 228 11.63 24.84 0.36
C LYS A 228 10.92 24.46 -0.95
N GLU A 229 11.68 24.52 -2.05
CA GLU A 229 11.20 24.26 -3.40
C GLU A 229 12.30 23.68 -4.35
N PHE A 230 11.86 23.27 -5.55
CA PHE A 230 12.76 22.78 -6.59
C PHE A 230 12.98 23.93 -7.53
N ASN A 231 14.18 24.00 -8.09
CA ASN A 231 14.53 24.99 -9.11
C ASN A 231 14.94 24.18 -10.33
N LYS A 232 14.95 24.82 -11.53
CA LYS A 232 15.31 24.19 -12.80
C LYS A 232 16.65 23.45 -12.67
N GLY A 233 16.65 22.16 -12.99
CA GLY A 233 17.84 21.33 -12.94
C GLY A 233 18.93 21.78 -13.90
N PRO A 234 20.20 21.31 -13.66
CA PRO A 234 21.32 21.72 -14.51
C PRO A 234 21.16 21.34 -15.96
N TRP A 235 20.60 20.17 -16.22
CA TRP A 235 20.42 19.77 -17.59
C TRP A 235 19.02 19.34 -17.92
N LYS A 236 18.75 19.60 -19.18
CA LYS A 236 17.63 19.32 -20.05
C LYS A 236 17.06 17.93 -19.73
N GLN A 237 15.76 17.84 -19.75
CA GLN A 237 15.07 16.59 -19.59
C GLN A 237 15.38 15.81 -20.89
N GLU A 238 15.60 14.50 -20.80
CA GLU A 238 15.82 13.70 -21.99
C GLU A 238 14.91 12.52 -21.99
N ASN A 239 14.47 12.07 -23.18
CA ASN A 239 13.64 10.85 -23.32
C ASN A 239 14.52 9.61 -23.19
N VAL A 240 14.02 8.56 -22.57
CA VAL A 240 14.80 7.35 -22.38
C VAL A 240 14.04 6.12 -22.84
N GLU A 241 14.68 4.94 -22.73
CA GLU A 241 14.15 3.63 -23.08
C GLU A 241 12.92 3.33 -22.22
N ALA A 242 11.90 2.69 -22.80
CA ALA A 242 10.65 2.30 -22.14
C ALA A 242 10.83 1.50 -20.86
N GLU A 243 11.96 0.75 -20.74
CA GLU A 243 12.19 -0.05 -19.56
C GLU A 243 13.42 0.40 -18.74
N ALA A 244 13.78 1.73 -18.87
CA ALA A 244 14.87 2.41 -18.12
C ALA A 244 14.52 2.34 -16.64
N SER A 245 15.27 1.55 -15.86
CA SER A 245 14.92 1.24 -14.48
C SER A 245 15.85 1.78 -13.38
N MET A 246 17.12 2.18 -13.69
CA MET A 246 17.95 2.65 -12.59
C MET A 246 18.90 3.79 -12.97
N VAL A 247 19.18 4.65 -11.98
CA VAL A 247 20.07 5.80 -12.10
C VAL A 247 21.31 5.58 -11.27
N ILE A 248 22.48 5.80 -11.88
CA ILE A 248 23.75 5.74 -11.21
C ILE A 248 24.32 7.15 -11.27
N ALA A 249 24.63 7.76 -10.11
CA ALA A 249 25.24 9.11 -10.09
C ALA A 249 26.75 8.87 -10.12
N VAL A 250 27.39 9.26 -11.23
CA VAL A 250 28.81 9.06 -11.46
C VAL A 250 29.63 10.12 -10.66
N PRO A 251 30.64 9.74 -9.86
CA PRO A 251 31.39 10.76 -9.11
C PRO A 251 32.26 11.60 -9.99
N GLU A 252 32.95 12.55 -9.39
CA GLU A 252 33.88 13.38 -10.15
C GLU A 252 35.15 12.58 -10.51
N PRO A 253 35.91 12.89 -11.60
CA PRO A 253 35.77 14.01 -12.55
C PRO A 253 34.63 13.89 -13.57
N PHE A 254 34.08 12.69 -13.81
CA PHE A 254 33.00 12.52 -14.79
C PHE A 254 31.75 13.33 -14.47
N GLY A 255 31.18 13.10 -13.29
CA GLY A 255 29.92 13.71 -12.93
C GLY A 255 28.82 13.11 -13.80
N GLY A 256 27.66 13.73 -13.82
CA GLY A 256 26.57 13.22 -14.65
C GLY A 256 25.90 12.00 -14.09
N ALA A 257 25.10 11.34 -14.93
CA ALA A 257 24.35 10.13 -14.53
C ALA A 257 24.33 9.06 -15.61
N ILE A 258 24.29 7.77 -15.17
CA ILE A 258 24.18 6.59 -16.03
C ILE A 258 22.83 6.03 -15.84
N ILE A 259 22.07 5.77 -16.93
CA ILE A 259 20.75 5.14 -16.79
C ILE A 259 20.77 3.74 -17.47
N ILE A 260 20.42 2.75 -16.71
CA ILE A 260 20.36 1.36 -17.15
C ILE A 260 18.90 0.96 -17.52
N GLY A 261 18.75 0.45 -18.74
CA GLY A 261 17.51 -0.06 -19.30
C GLY A 261 17.60 -1.55 -19.64
N GLN A 262 16.60 -2.09 -20.33
CA GLN A 262 16.59 -3.51 -20.72
C GLN A 262 17.49 -3.81 -21.93
N GLU A 263 17.60 -2.87 -22.87
CA GLU A 263 18.36 -3.02 -24.11
C GLU A 263 19.52 -2.02 -24.25
N SER A 264 19.53 -0.96 -23.42
CA SER A 264 20.54 0.08 -23.54
C SER A 264 21.08 0.60 -22.22
N ILE A 265 22.26 1.26 -22.31
CA ILE A 265 22.94 1.95 -21.21
C ILE A 265 23.29 3.33 -21.73
N THR A 266 22.79 4.39 -21.09
CA THR A 266 23.12 5.75 -21.53
C THR A 266 23.77 6.55 -20.42
N TYR A 267 24.55 7.54 -20.84
CA TYR A 267 25.24 8.49 -19.99
C TYR A 267 24.72 9.86 -20.33
N HIS A 268 24.42 10.66 -19.31
CA HIS A 268 23.91 12.01 -19.51
C HIS A 268 24.68 12.96 -18.65
N ASN A 269 25.04 14.10 -19.20
CA ASN A 269 25.75 15.18 -18.50
C ASN A 269 25.69 16.45 -19.28
N GLY A 270 24.62 17.20 -19.08
CA GLY A 270 24.42 18.48 -19.73
C GLY A 270 24.36 18.35 -21.22
N ASP A 271 25.41 18.83 -21.89
CA ASP A 271 25.53 18.72 -23.33
C ASP A 271 25.81 17.26 -23.77
N LYS A 272 26.63 16.53 -22.97
CA LYS A 272 26.99 15.13 -23.24
C LYS A 272 25.84 14.13 -23.11
N TYR A 273 25.82 13.18 -24.05
CA TYR A 273 24.89 12.06 -24.14
C TYR A 273 25.57 10.91 -24.90
N LEU A 274 25.84 9.82 -24.18
CA LEU A 274 26.42 8.61 -24.75
C LEU A 274 25.36 7.53 -24.64
N ALA A 275 25.27 6.67 -25.66
CA ALA A 275 24.31 5.57 -25.66
C ALA A 275 24.93 4.35 -26.32
N ILE A 276 24.80 3.23 -25.63
CA ILE A 276 25.24 1.92 -26.08
C ILE A 276 24.08 0.95 -25.96
N ALA A 277 23.91 0.08 -26.95
CA ALA A 277 22.87 -0.94 -26.94
C ALA A 277 23.54 -2.33 -27.13
N PRO A 278 24.25 -2.81 -26.08
CA PRO A 278 24.92 -4.10 -26.22
C PRO A 278 23.93 -5.27 -26.20
N PRO A 279 24.04 -6.18 -27.21
CA PRO A 279 23.12 -7.33 -27.24
C PRO A 279 23.24 -8.27 -26.04
N ILE A 280 24.43 -8.27 -25.38
CA ILE A 280 24.75 -9.08 -24.20
C ILE A 280 23.76 -8.88 -23.03
N ILE A 281 23.20 -7.66 -22.88
CA ILE A 281 22.31 -7.31 -21.76
C ILE A 281 20.82 -7.57 -22.06
N LYS A 282 20.44 -7.69 -23.35
CA LYS A 282 19.06 -7.84 -23.84
C LYS A 282 18.24 -8.96 -23.20
N GLN A 283 18.85 -10.13 -22.96
CA GLN A 283 18.17 -11.32 -22.42
C GLN A 283 17.63 -11.20 -21.00
N SER A 284 18.32 -10.49 -20.12
CA SER A 284 17.94 -10.33 -18.71
C SER A 284 18.06 -8.88 -18.19
N THR A 285 17.15 -8.51 -17.30
CA THR A 285 17.10 -7.17 -16.73
C THR A 285 18.18 -7.00 -15.64
N ILE A 286 18.96 -5.90 -15.75
CA ILE A 286 19.97 -5.53 -14.76
C ILE A 286 19.21 -4.98 -13.55
N VAL A 287 19.53 -5.51 -12.37
CA VAL A 287 18.76 -5.18 -11.18
C VAL A 287 19.60 -4.65 -10.03
N CYS A 288 20.93 -4.68 -10.14
CA CYS A 288 21.79 -4.07 -9.13
C CYS A 288 23.11 -3.56 -9.73
N HIS A 289 23.80 -2.67 -9.00
CA HIS A 289 25.04 -2.08 -9.40
C HIS A 289 25.88 -1.75 -8.20
N ASN A 290 27.18 -1.69 -8.41
CA ASN A 290 28.14 -1.30 -7.39
C ASN A 290 29.33 -0.68 -8.04
N ARG A 291 29.75 0.48 -7.50
CA ARG A 291 30.91 1.21 -7.94
C ARG A 291 32.14 0.49 -7.47
N VAL A 292 33.03 0.15 -8.42
CA VAL A 292 34.27 -0.56 -8.12
C VAL A 292 35.26 0.55 -7.70
N ASP A 293 35.67 1.40 -8.66
CA ASP A 293 36.63 2.48 -8.46
C ASP A 293 35.99 3.72 -7.84
N PRO A 294 36.66 4.39 -6.87
CA PRO A 294 36.09 5.59 -6.26
C PRO A 294 35.73 6.70 -7.24
N ASN A 295 36.46 6.80 -8.39
CA ASN A 295 36.23 7.80 -9.42
C ASN A 295 35.14 7.38 -10.44
N GLY A 296 34.54 6.21 -10.22
CA GLY A 296 33.48 5.68 -11.06
C GLY A 296 33.89 5.24 -12.45
N SER A 297 35.12 4.74 -12.61
CA SER A 297 35.64 4.28 -13.89
C SER A 297 35.05 2.92 -14.23
N ARG A 298 34.75 2.12 -13.18
CA ARG A 298 34.22 0.78 -13.37
C ARG A 298 33.09 0.50 -12.41
N TYR A 299 32.06 -0.17 -12.92
CA TYR A 299 30.88 -0.56 -12.16
C TYR A 299 30.59 -2.03 -12.36
N LEU A 300 30.07 -2.68 -11.33
CA LEU A 300 29.60 -4.07 -11.41
C LEU A 300 28.08 -3.98 -11.61
N LEU A 301 27.56 -4.85 -12.47
CA LEU A 301 26.15 -4.93 -12.78
C LEU A 301 25.74 -6.36 -12.62
N GLY A 302 24.65 -6.55 -11.91
CA GLY A 302 24.05 -7.87 -11.70
C GLY A 302 22.67 -7.94 -12.33
N ASP A 303 22.34 -9.05 -13.02
CA ASP A 303 21.03 -9.23 -13.65
C ASP A 303 20.25 -10.35 -12.97
N MET A 304 18.99 -10.54 -13.41
CA MET A 304 18.04 -11.54 -12.95
C MET A 304 18.51 -13.00 -13.18
N GLU A 305 19.33 -13.25 -14.20
CA GLU A 305 19.84 -14.61 -14.44
C GLU A 305 21.10 -14.94 -13.62
N GLY A 306 21.59 -13.98 -12.82
CA GLY A 306 22.79 -14.13 -12.01
C GLY A 306 24.08 -13.75 -12.74
N ARG A 307 23.94 -13.19 -13.95
CA ARG A 307 25.10 -12.79 -14.72
C ARG A 307 25.77 -11.56 -14.06
N LEU A 308 27.10 -11.46 -14.20
CA LEU A 308 27.85 -10.36 -13.64
C LEU A 308 28.56 -9.67 -14.74
N PHE A 309 28.35 -8.36 -14.89
CA PHE A 309 29.04 -7.58 -15.92
C PHE A 309 29.88 -6.50 -15.29
N MET A 310 30.80 -5.96 -16.10
CA MET A 310 31.64 -4.82 -15.74
C MET A 310 31.33 -3.74 -16.74
N LEU A 311 30.85 -2.59 -16.22
CA LEU A 311 30.57 -1.42 -17.03
C LEU A 311 31.82 -0.53 -16.95
N LEU A 312 32.42 -0.24 -18.10
CA LEU A 312 33.62 0.55 -18.16
C LEU A 312 33.39 1.91 -18.78
N LEU A 313 33.80 2.93 -18.05
CA LEU A 313 33.68 4.32 -18.46
C LEU A 313 35.04 4.75 -18.87
N GLU A 314 35.27 4.84 -20.20
CA GLU A 314 36.58 5.23 -20.72
C GLU A 314 36.73 6.73 -20.65
N LYS A 315 37.81 7.22 -20.03
CA LYS A 315 38.04 8.65 -19.83
C LYS A 315 38.97 9.31 -20.84
N GLU A 316 38.90 10.64 -20.91
CA GLU A 316 39.76 11.47 -21.76
C GLU A 316 40.11 12.72 -20.98
N GLU A 317 41.42 12.91 -20.70
CA GLU A 317 41.95 14.05 -19.96
C GLU A 317 41.89 15.28 -20.87
N GLN A 318 41.28 16.37 -20.40
CA GLN A 318 41.19 17.58 -21.20
C GLN A 318 42.41 18.41 -20.86
N MET A 319 42.76 19.31 -21.75
CA MET A 319 43.92 20.18 -21.57
C MET A 319 43.71 21.15 -20.41
N ASP A 320 42.43 21.48 -20.12
CA ASP A 320 42.09 22.40 -19.07
C ASP A 320 42.06 21.75 -17.72
N GLY A 321 42.49 20.50 -17.67
CA GLY A 321 42.57 19.75 -16.42
C GLY A 321 41.46 18.80 -16.11
N THR A 322 40.25 19.10 -16.61
CA THR A 322 39.02 18.31 -16.42
C THR A 322 39.08 16.97 -17.15
N VAL A 323 38.29 15.98 -16.74
CA VAL A 323 38.29 14.70 -17.43
C VAL A 323 36.87 14.46 -17.94
N THR A 324 36.74 14.12 -19.26
CA THR A 324 35.45 13.81 -19.90
C THR A 324 35.34 12.32 -20.25
N LEU A 325 34.11 11.78 -20.33
CA LEU A 325 33.81 10.38 -20.67
C LEU A 325 33.78 10.23 -22.20
N LYS A 326 34.72 9.43 -22.75
CA LYS A 326 34.91 9.15 -24.19
C LYS A 326 34.02 8.01 -24.76
N ASP A 327 33.71 6.95 -23.95
CA ASP A 327 32.91 5.78 -24.33
C ASP A 327 32.59 4.89 -23.15
N LEU A 328 31.53 4.06 -23.33
CA LEU A 328 31.03 3.05 -22.39
C LEU A 328 31.24 1.69 -23.03
N ARG A 329 31.55 0.67 -22.22
CA ARG A 329 31.78 -0.68 -22.70
C ARG A 329 31.34 -1.64 -21.63
N VAL A 330 30.64 -2.74 -22.03
CA VAL A 330 30.20 -3.74 -21.07
C VAL A 330 30.85 -5.06 -21.38
N GLU A 331 31.37 -5.75 -20.34
CA GLU A 331 32.03 -7.05 -20.49
C GLU A 331 31.41 -8.04 -19.52
N LEU A 332 31.05 -9.23 -20.01
CA LEU A 332 30.45 -10.30 -19.17
C LEU A 332 31.58 -10.98 -18.38
N LEU A 333 31.47 -10.96 -17.05
CA LEU A 333 32.48 -11.51 -16.14
C LEU A 333 32.28 -12.99 -15.81
N GLY A 334 31.03 -13.39 -15.73
CA GLY A 334 30.62 -14.74 -15.39
C GLY A 334 29.28 -14.76 -14.69
N GLU A 335 29.07 -15.79 -13.89
CA GLU A 335 27.83 -16.01 -13.15
C GLU A 335 28.09 -16.02 -11.64
N THR A 336 27.15 -15.44 -10.89
CA THR A 336 27.09 -15.45 -9.43
C THR A 336 25.66 -15.87 -9.07
N SER A 337 25.34 -15.95 -7.77
CA SER A 337 23.99 -16.19 -7.31
C SER A 337 23.16 -15.02 -7.82
N ILE A 338 21.82 -15.21 -8.02
CA ILE A 338 20.94 -14.13 -8.48
C ILE A 338 21.06 -13.05 -7.41
N ALA A 339 21.79 -11.93 -7.76
CA ALA A 339 22.12 -10.83 -6.87
C ALA A 339 21.00 -9.81 -6.68
N GLU A 340 20.71 -9.50 -5.41
CA GLU A 340 19.77 -8.47 -4.98
C GLU A 340 20.66 -7.19 -4.85
N CYS A 341 21.91 -7.37 -4.39
CA CYS A 341 22.93 -6.34 -4.24
C CYS A 341 24.36 -6.92 -4.34
N LEU A 342 25.31 -6.05 -4.69
CA LEU A 342 26.74 -6.33 -4.87
C LEU A 342 27.52 -5.26 -4.13
N THR A 343 28.66 -5.63 -3.54
CA THR A 343 29.58 -4.70 -2.91
C THR A 343 30.99 -5.18 -3.12
N TYR A 344 31.77 -4.35 -3.82
CA TYR A 344 33.18 -4.64 -4.02
C TYR A 344 33.82 -4.38 -2.66
N LEU A 345 34.69 -5.28 -2.22
CA LEU A 345 35.36 -5.16 -0.92
C LEU A 345 36.81 -4.65 -1.06
N ASP A 346 37.74 -5.55 -1.34
CA ASP A 346 39.16 -5.22 -1.55
C ASP A 346 39.83 -6.40 -2.22
N ASN A 347 40.85 -6.10 -3.05
CA ASN A 347 41.69 -7.06 -3.78
C ASN A 347 40.87 -8.04 -4.67
N GLY A 348 39.97 -7.49 -5.48
CA GLY A 348 39.17 -8.28 -6.40
C GLY A 348 38.10 -9.14 -5.77
N VAL A 349 37.85 -8.96 -4.45
CA VAL A 349 36.80 -9.69 -3.72
C VAL A 349 35.50 -8.87 -3.70
N VAL A 350 34.40 -9.51 -4.09
CA VAL A 350 33.07 -8.93 -4.19
C VAL A 350 32.08 -9.75 -3.37
N PHE A 351 31.25 -9.06 -2.60
CA PHE A 351 30.18 -9.69 -1.85
C PHE A 351 28.90 -9.70 -2.73
N VAL A 352 28.31 -10.87 -2.89
CA VAL A 352 27.08 -11.05 -3.66
C VAL A 352 25.99 -11.26 -2.64
N GLY A 353 25.14 -10.25 -2.47
CA GLY A 353 23.99 -10.26 -1.56
C GLY A 353 22.79 -10.80 -2.31
N SER A 354 22.39 -12.05 -1.99
CA SER A 354 21.27 -12.71 -2.65
C SER A 354 20.02 -12.84 -1.75
N ARG A 355 18.86 -12.72 -2.41
CA ARG A 355 17.50 -12.74 -1.89
C ARG A 355 16.82 -14.09 -2.27
N LEU A 356 17.08 -14.56 -3.50
CA LEU A 356 16.52 -15.76 -4.09
C LEU A 356 17.41 -17.03 -4.02
N GLY A 357 18.68 -16.84 -3.63
CA GLY A 357 19.65 -17.91 -3.49
C GLY A 357 20.65 -17.63 -2.38
N ASP A 358 21.73 -18.44 -2.31
CA ASP A 358 22.78 -18.26 -1.31
C ASP A 358 23.65 -17.03 -1.63
N SER A 359 24.03 -16.27 -0.59
CA SER A 359 24.94 -15.14 -0.76
C SER A 359 26.38 -15.69 -0.92
N GLN A 360 27.28 -14.90 -1.53
CA GLN A 360 28.63 -15.35 -1.79
C GLN A 360 29.66 -14.28 -1.60
N LEU A 361 30.93 -14.73 -1.60
CA LEU A 361 32.14 -13.91 -1.70
C LEU A 361 32.73 -14.43 -3.00
N VAL A 362 32.96 -13.56 -3.98
CA VAL A 362 33.50 -14.01 -5.27
C VAL A 362 34.80 -13.31 -5.57
N LYS A 363 35.69 -13.96 -6.31
CA LYS A 363 36.97 -13.36 -6.67
C LYS A 363 36.98 -13.08 -8.15
N LEU A 364 37.34 -11.85 -8.48
CA LEU A 364 37.45 -11.44 -9.86
C LEU A 364 38.96 -11.58 -10.24
N ASN A 365 39.27 -12.29 -11.35
CA ASN A 365 40.64 -12.44 -11.82
C ASN A 365 40.72 -12.27 -13.35
N VAL A 366 41.87 -11.72 -13.82
CA VAL A 366 42.16 -11.40 -15.22
C VAL A 366 42.21 -12.59 -16.17
N ASP A 367 42.50 -13.81 -15.65
CA ASP A 367 42.55 -14.96 -16.52
C ASP A 367 41.40 -15.93 -16.28
N SER A 368 40.66 -16.17 -17.36
CA SER A 368 39.49 -17.02 -17.46
C SER A 368 39.81 -18.48 -17.19
N ASN A 369 38.84 -19.22 -16.61
CA ASN A 369 38.98 -20.64 -16.30
C ASN A 369 38.66 -21.56 -17.51
N GLU A 370 38.21 -22.81 -17.24
CA GLU A 370 37.87 -23.81 -18.26
C GLU A 370 36.64 -23.40 -19.11
N GLN A 371 35.64 -22.75 -18.49
CA GLN A 371 34.40 -22.32 -19.15
C GLN A 371 34.50 -20.89 -19.70
N GLY A 372 35.62 -20.22 -19.40
CA GLY A 372 35.90 -18.86 -19.84
C GLY A 372 35.50 -17.79 -18.86
N SER A 373 35.03 -18.19 -17.66
CA SER A 373 34.57 -17.28 -16.61
C SER A 373 35.73 -16.62 -15.82
N TYR A 374 35.56 -15.33 -15.48
CA TYR A 374 36.50 -14.53 -14.68
C TYR A 374 36.07 -14.45 -13.21
N VAL A 375 34.91 -15.07 -12.88
CA VAL A 375 34.33 -15.08 -11.52
C VAL A 375 34.43 -16.47 -10.91
N VAL A 376 35.05 -16.55 -9.73
CA VAL A 376 35.32 -17.78 -8.97
C VAL A 376 34.76 -17.58 -7.56
N ALA A 377 33.86 -18.49 -7.13
CA ALA A 377 33.26 -18.40 -5.80
C ALA A 377 34.29 -18.76 -4.73
N MET A 378 34.35 -17.95 -3.65
CA MET A 378 35.29 -18.13 -2.55
C MET A 378 34.56 -18.65 -1.30
N GLU A 379 33.31 -18.22 -1.09
CA GLU A 379 32.48 -18.62 0.06
C GLU A 379 31.00 -18.57 -0.30
N THR A 380 30.17 -19.32 0.43
CA THR A 380 28.74 -19.43 0.24
C THR A 380 28.08 -19.29 1.60
N PHE A 381 27.02 -18.45 1.65
CA PHE A 381 26.27 -18.18 2.86
C PHE A 381 24.82 -18.68 2.66
N THR A 382 24.43 -19.72 3.45
CA THR A 382 23.12 -20.36 3.32
C THR A 382 21.97 -19.35 3.48
N ASN A 383 21.06 -19.36 2.48
CA ASN A 383 19.82 -18.57 2.39
C ASN A 383 18.65 -19.54 2.14
N LEU A 384 17.74 -19.60 3.11
CA LEU A 384 16.58 -20.48 3.05
C LEU A 384 15.45 -19.89 2.23
N GLY A 385 15.48 -18.57 2.03
CA GLY A 385 14.41 -17.85 1.38
C GLY A 385 14.41 -17.80 -0.14
N PRO A 386 13.23 -17.64 -0.76
CA PRO A 386 11.91 -17.69 -0.13
C PRO A 386 11.48 -19.14 0.21
N ILE A 387 10.87 -19.34 1.39
CA ILE A 387 10.33 -20.66 1.73
C ILE A 387 8.90 -20.58 1.12
N VAL A 388 8.68 -21.26 -0.02
CA VAL A 388 7.42 -21.24 -0.77
C VAL A 388 6.43 -22.33 -0.24
N ASP A 389 6.97 -23.41 0.36
CA ASP A 389 6.27 -24.56 0.95
C ASP A 389 7.20 -25.35 1.86
N MET A 390 6.65 -26.08 2.83
CA MET A 390 7.43 -26.93 3.73
C MET A 390 6.62 -28.15 4.31
N CYS A 391 7.37 -29.12 4.96
CA CYS A 391 7.00 -30.45 5.54
C CYS A 391 7.58 -30.65 6.93
N VAL A 392 6.95 -31.45 7.79
CA VAL A 392 7.52 -31.87 9.09
C VAL A 392 7.38 -33.43 9.22
N GLN A 402 11.77 -33.15 11.99
CA GLN A 402 12.57 -32.46 10.96
C GLN A 402 11.76 -31.54 9.94
N LEU A 403 12.33 -30.38 9.53
CA LEU A 403 11.68 -29.50 8.55
C LEU A 403 12.25 -29.67 7.13
N VAL A 404 11.39 -29.79 6.11
CA VAL A 404 11.84 -29.91 4.71
C VAL A 404 11.12 -28.85 3.90
N THR A 405 11.87 -27.84 3.39
CA THR A 405 11.33 -26.70 2.65
C THR A 405 11.56 -26.74 1.13
N CYS A 406 10.72 -25.98 0.39
CA CYS A 406 10.88 -25.68 -1.04
C CYS A 406 11.47 -24.30 -0.95
N SER A 407 12.81 -24.19 -1.17
CA SER A 407 13.54 -22.93 -1.02
C SER A 407 14.04 -22.33 -2.34
N GLY A 408 14.31 -21.02 -2.34
CA GLY A 408 14.85 -20.29 -3.49
C GLY A 408 13.96 -20.30 -4.72
N ALA A 409 14.50 -19.77 -5.83
CA ALA A 409 13.76 -19.66 -7.10
C ALA A 409 14.68 -19.72 -8.31
N PHE A 410 14.14 -20.18 -9.47
CA PHE A 410 14.84 -20.29 -10.76
C PHE A 410 16.08 -21.20 -10.63
N LYS A 411 17.28 -20.81 -11.17
CA LYS A 411 18.50 -21.63 -11.06
C LYS A 411 18.94 -21.88 -9.58
N GLU A 412 18.43 -21.06 -8.63
CA GLU A 412 18.75 -21.16 -7.20
C GLU A 412 17.84 -22.09 -6.39
N GLY A 413 16.78 -22.58 -7.05
CA GLY A 413 15.77 -23.47 -6.47
C GLY A 413 16.37 -24.69 -5.80
N SER A 414 16.02 -24.91 -4.52
CA SER A 414 16.55 -26.03 -3.73
C SER A 414 15.54 -26.60 -2.70
N LEU A 415 15.96 -27.68 -2.02
CA LEU A 415 15.23 -28.25 -0.89
C LEU A 415 16.15 -28.07 0.29
N ARG A 416 15.62 -27.74 1.46
CA ARG A 416 16.47 -27.59 2.65
C ARG A 416 15.93 -28.44 3.79
N ILE A 417 16.77 -29.34 4.33
CA ILE A 417 16.40 -30.25 5.41
C ILE A 417 16.98 -29.74 6.72
N ILE A 418 16.12 -29.26 7.62
CA ILE A 418 16.47 -28.59 8.87
C ILE A 418 16.12 -29.41 10.11
N ARG A 419 17.09 -29.56 11.03
CA ARG A 419 17.01 -30.31 12.29
C ARG A 419 17.91 -29.71 13.39
N ASN A 420 17.67 -30.05 14.68
CA ASN A 420 18.46 -29.61 15.83
C ASN A 420 19.81 -30.36 15.91
N LEU A 434 21.33 -25.46 14.65
CA LEU A 434 20.53 -26.02 13.56
C LEU A 434 21.38 -26.59 12.45
N HIS A 435 21.07 -27.82 12.02
CA HIS A 435 21.77 -28.50 10.92
C HIS A 435 20.98 -28.32 9.67
N ILE A 436 21.62 -27.81 8.60
CA ILE A 436 20.94 -27.57 7.33
C ILE A 436 21.61 -28.32 6.18
N ARG A 437 20.85 -29.14 5.47
CA ARG A 437 21.29 -29.89 4.28
C ARG A 437 20.60 -29.26 3.08
N THR A 438 21.36 -28.96 2.03
CA THR A 438 20.74 -28.34 0.84
C THR A 438 20.83 -29.23 -0.39
N VAL A 439 19.69 -29.45 -1.05
CA VAL A 439 19.56 -30.26 -2.25
C VAL A 439 19.32 -29.32 -3.46
N PRO A 440 20.36 -29.04 -4.30
CA PRO A 440 20.14 -28.16 -5.46
C PRO A 440 19.18 -28.76 -6.49
N LEU A 441 18.29 -27.95 -7.06
CA LEU A 441 17.35 -28.43 -8.07
C LEU A 441 17.59 -27.77 -9.44
N TYR A 442 18.19 -26.55 -9.44
CA TYR A 442 18.50 -25.71 -10.61
C TYR A 442 17.24 -25.29 -11.42
N GLU A 443 16.08 -25.31 -10.72
CA GLU A 443 14.74 -24.92 -11.16
C GLU A 443 13.90 -24.60 -9.92
N SER A 444 12.73 -23.99 -10.12
CA SER A 444 11.86 -23.52 -9.04
C SER A 444 11.04 -24.62 -8.36
N PRO A 445 11.32 -25.01 -7.07
CA PRO A 445 10.39 -25.91 -6.38
C PRO A 445 9.11 -25.11 -6.01
N ARG A 446 7.92 -25.69 -6.13
CA ARG A 446 6.68 -24.98 -5.86
C ARG A 446 5.92 -25.51 -4.63
N LYS A 447 5.68 -26.82 -4.61
CA LYS A 447 4.98 -27.53 -3.53
C LYS A 447 5.70 -28.84 -3.15
N ILE A 448 5.55 -29.28 -1.89
CA ILE A 448 6.15 -30.50 -1.34
C ILE A 448 5.14 -31.32 -0.49
N CYS A 449 5.17 -32.68 -0.63
CA CYS A 449 4.37 -33.69 0.09
C CYS A 449 5.20 -34.90 0.35
N TYR A 450 5.01 -35.51 1.51
CA TYR A 450 5.75 -36.73 1.84
C TYR A 450 4.84 -37.95 1.70
N GLN A 451 5.32 -39.02 1.04
CA GLN A 451 4.56 -40.27 0.89
C GLN A 451 5.32 -41.40 1.60
N GLU A 452 5.00 -41.61 2.88
CA GLU A 452 5.67 -42.57 3.77
C GLU A 452 5.83 -43.97 3.15
N VAL A 453 4.71 -44.52 2.60
CA VAL A 453 4.58 -45.84 1.99
C VAL A 453 5.49 -46.04 0.77
N SER A 454 5.86 -44.93 0.09
CA SER A 454 6.74 -44.95 -1.08
C SER A 454 8.17 -44.53 -0.72
N GLN A 455 8.40 -44.11 0.56
CA GLN A 455 9.69 -43.60 1.09
C GLN A 455 10.30 -42.50 0.19
N CYS A 456 9.46 -41.53 -0.19
CA CYS A 456 9.85 -40.45 -1.09
C CYS A 456 9.01 -39.20 -0.87
N PHE A 457 9.42 -38.08 -1.50
CA PHE A 457 8.69 -36.84 -1.48
C PHE A 457 8.21 -36.54 -2.89
N GLY A 458 7.06 -35.89 -2.97
CA GLY A 458 6.45 -35.41 -4.21
C GLY A 458 6.74 -33.94 -4.24
N VAL A 459 7.40 -33.46 -5.30
CA VAL A 459 7.79 -32.03 -5.40
C VAL A 459 7.32 -31.45 -6.72
N LEU A 460 6.49 -30.40 -6.67
CA LEU A 460 6.10 -29.76 -7.91
C LEU A 460 7.19 -28.74 -8.23
N SER A 461 7.58 -28.64 -9.51
CA SER A 461 8.62 -27.73 -9.93
C SER A 461 8.34 -27.18 -11.31
N SER A 462 8.97 -26.04 -11.60
CA SER A 462 8.85 -25.34 -12.86
C SER A 462 10.25 -24.96 -13.37
N ARG A 463 10.47 -25.14 -14.69
CA ARG A 463 11.74 -24.80 -15.35
C ARG A 463 11.49 -23.88 -16.51
N ILE A 464 12.46 -23.03 -16.81
CA ILE A 464 12.32 -22.10 -17.92
C ILE A 464 12.95 -22.70 -19.18
N GLU A 465 12.18 -22.65 -20.29
CA GLU A 465 12.55 -23.11 -21.62
C GLU A 465 12.38 -21.94 -22.62
N VAL A 466 13.18 -21.92 -23.70
CA VAL A 466 13.10 -20.80 -24.67
C VAL A 466 12.65 -21.27 -26.05
N GLN A 467 11.91 -20.38 -26.76
CA GLN A 467 11.43 -20.60 -28.12
C GLN A 467 12.61 -20.42 -29.07
N ASP A 468 13.08 -21.53 -29.67
CA ASP A 468 14.20 -21.52 -30.61
C ASP A 468 13.71 -21.44 -32.06
N THR A 469 14.63 -21.51 -33.04
CA THR A 469 14.32 -21.47 -34.47
C THR A 469 13.38 -22.62 -34.87
N SER A 470 13.85 -23.87 -34.63
CA SER A 470 13.10 -25.09 -34.96
C SER A 470 12.28 -25.63 -33.78
N GLY A 471 11.18 -26.30 -34.15
CA GLY A 471 10.23 -26.97 -33.26
C GLY A 471 9.73 -26.15 -32.10
N GLY A 472 9.54 -26.86 -30.98
CA GLY A 472 9.06 -26.28 -29.72
C GLY A 472 10.13 -25.52 -28.98
N THR A 473 10.18 -25.72 -27.67
CA THR A 473 11.10 -25.02 -26.78
C THR A 473 12.23 -25.93 -26.26
N THR A 474 13.38 -25.32 -25.91
CA THR A 474 14.53 -26.03 -25.35
C THR A 474 15.03 -25.42 -24.03
N ALA A 475 15.49 -26.29 -23.11
CA ALA A 475 16.02 -25.88 -21.80
C ALA A 475 17.35 -25.17 -21.96
N LEU A 476 17.56 -24.12 -21.17
CA LEU A 476 18.79 -23.33 -21.22
C LEU A 476 19.86 -23.87 -20.27
N ARG A 477 19.45 -24.67 -19.26
CA ARG A 477 20.33 -25.22 -18.23
C ARG A 477 19.78 -26.57 -17.75
N PRO A 478 20.64 -27.59 -17.47
CA PRO A 478 20.08 -28.86 -16.95
C PRO A 478 19.65 -28.70 -15.50
N SER A 479 18.50 -29.31 -15.15
CA SER A 479 17.88 -29.24 -13.82
C SER A 479 17.22 -30.58 -13.42
N ALA A 480 16.72 -30.67 -12.16
CA ALA A 480 16.09 -31.86 -11.58
C ALA A 480 15.10 -32.58 -12.51
N SER A 481 14.19 -31.83 -13.16
CA SER A 481 13.19 -32.36 -14.08
C SER A 481 13.74 -32.97 -15.38
N THR A 482 14.95 -32.60 -15.78
CA THR A 482 15.57 -33.08 -17.01
C THR A 482 16.68 -34.11 -16.72
N GLN A 483 17.02 -34.30 -15.42
CA GLN A 483 18.07 -35.21 -14.99
C GLN A 483 17.56 -36.28 -14.03
N ALA A 484 16.31 -36.78 -14.24
CA ALA A 484 15.69 -37.83 -13.42
C ALA A 484 16.11 -39.20 -13.93
N LEU A 485 16.09 -40.23 -13.04
CA LEU A 485 16.42 -41.64 -13.32
C LEU A 485 15.54 -42.17 -14.47
N SER A 486 14.23 -41.90 -14.39
CA SER A 486 13.24 -42.24 -15.41
C SER A 486 12.25 -41.05 -15.54
N SER A 487 11.59 -40.90 -16.70
CA SER A 487 10.69 -39.78 -16.89
C SER A 487 9.49 -40.14 -17.74
N SER A 488 8.38 -39.40 -17.54
CA SER A 488 7.14 -39.58 -18.28
C SER A 488 6.55 -38.21 -18.68
N VAL A 489 5.60 -38.23 -19.61
CA VAL A 489 4.91 -37.03 -20.12
C VAL A 489 3.38 -37.26 -20.11
N SER A 490 2.62 -36.19 -19.85
CA SER A 490 1.15 -36.24 -19.80
C SER A 490 0.51 -36.49 -21.18
N SER A 491 -0.64 -37.23 -21.20
CA SER A 491 -1.44 -37.53 -22.37
C SER A 491 -2.67 -36.61 -22.47
N GLU A 509 10.36 -16.86 -23.51
CA GLU A 509 10.53 -17.90 -22.50
C GLU A 509 9.20 -18.47 -21.93
N VAL A 510 9.18 -19.78 -21.62
CA VAL A 510 8.00 -20.50 -21.09
C VAL A 510 8.32 -21.40 -19.89
N GLU A 511 7.31 -21.60 -19.01
CA GLU A 511 7.37 -22.45 -17.83
C GLU A 511 6.94 -23.89 -18.21
N VAL A 512 7.78 -24.88 -17.88
CA VAL A 512 7.51 -26.31 -18.10
C VAL A 512 7.41 -26.92 -16.71
N HIS A 513 6.19 -27.40 -16.37
CA HIS A 513 5.90 -27.91 -15.03
C HIS A 513 6.09 -29.40 -14.92
N ASN A 514 6.59 -29.85 -13.75
CA ASN A 514 6.86 -31.27 -13.49
C ASN A 514 6.53 -31.66 -12.07
N LEU A 515 6.16 -32.96 -11.88
CA LEU A 515 5.98 -33.58 -10.58
C LEU A 515 7.20 -34.47 -10.42
N LEU A 516 8.00 -34.16 -9.41
CA LEU A 516 9.24 -34.86 -9.10
C LEU A 516 9.05 -35.80 -7.93
N ILE A 517 9.55 -37.03 -8.10
CA ILE A 517 9.54 -38.08 -7.07
C ILE A 517 10.99 -38.14 -6.60
N ILE A 518 11.24 -37.65 -5.37
CA ILE A 518 12.59 -37.59 -4.83
C ILE A 518 12.74 -38.51 -3.61
N ASP A 519 13.78 -39.37 -3.68
CA ASP A 519 14.14 -40.35 -2.65
C ASP A 519 14.30 -39.67 -1.27
N GLN A 520 13.61 -40.16 -0.22
CA GLN A 520 13.69 -39.58 1.12
C GLN A 520 15.07 -39.66 1.79
N HIS A 521 15.93 -40.59 1.34
CA HIS A 521 17.24 -40.80 1.95
C HIS A 521 18.35 -40.09 1.22
N THR A 522 18.50 -40.39 -0.09
CA THR A 522 19.54 -39.81 -0.94
C THR A 522 19.13 -38.50 -1.59
N PHE A 523 17.80 -38.23 -1.69
CA PHE A 523 17.21 -37.05 -2.33
C PHE A 523 17.49 -37.04 -3.84
N GLU A 524 17.70 -38.24 -4.40
CA GLU A 524 17.96 -38.46 -5.81
C GLU A 524 16.61 -38.33 -6.52
N VAL A 525 16.61 -37.72 -7.71
CA VAL A 525 15.39 -37.53 -8.51
C VAL A 525 15.12 -38.86 -9.21
N LEU A 526 14.20 -39.64 -8.61
CA LEU A 526 13.81 -40.96 -9.07
C LEU A 526 12.99 -40.95 -10.36
N HIS A 527 12.03 -40.01 -10.46
CA HIS A 527 11.12 -39.88 -11.61
C HIS A 527 10.64 -38.45 -11.75
N ALA A 528 10.45 -38.01 -13.00
CA ALA A 528 9.92 -36.68 -13.33
C ALA A 528 8.76 -36.84 -14.34
N HIS A 529 7.55 -36.38 -13.94
CA HIS A 529 6.38 -36.43 -14.82
C HIS A 529 6.09 -35.01 -15.29
N GLN A 530 6.24 -34.78 -16.60
CA GLN A 530 6.03 -33.48 -17.23
C GLN A 530 4.56 -33.32 -17.55
N PHE A 531 4.01 -32.18 -17.12
CA PHE A 531 2.62 -31.86 -17.38
C PHE A 531 2.47 -31.30 -18.79
N LEU A 532 1.23 -31.13 -19.27
CA LEU A 532 0.93 -30.65 -20.62
C LEU A 532 1.54 -29.28 -20.99
N GLN A 533 1.59 -28.98 -22.31
CA GLN A 533 2.06 -27.70 -22.82
C GLN A 533 1.10 -26.66 -22.27
N ASN A 534 1.63 -25.62 -21.60
CA ASN A 534 0.86 -24.54 -20.97
C ASN A 534 0.14 -24.97 -19.67
N GLU A 535 0.51 -26.12 -19.11
CA GLU A 535 -0.14 -26.57 -17.89
C GLU A 535 0.73 -26.28 -16.69
N TYR A 536 0.17 -25.54 -15.70
CA TYR A 536 0.83 -25.14 -14.46
C TYR A 536 0.29 -26.01 -13.32
N ALA A 537 1.17 -26.60 -12.52
CA ALA A 537 0.75 -27.43 -11.40
C ALA A 537 0.73 -26.54 -10.18
N LEU A 538 -0.45 -26.38 -9.55
CA LEU A 538 -0.66 -25.45 -8.42
C LEU A 538 -0.73 -26.06 -7.02
N SER A 539 -1.37 -27.22 -6.88
CA SER A 539 -1.55 -27.86 -5.59
C SER A 539 -1.09 -29.29 -5.62
N LEU A 540 -0.75 -29.82 -4.45
CA LEU A 540 -0.26 -31.19 -4.33
C LEU A 540 -0.64 -31.81 -2.97
N VAL A 541 -1.09 -33.10 -2.98
CA VAL A 541 -1.43 -33.88 -1.77
C VAL A 541 -1.03 -35.34 -1.91
N SER A 542 -0.63 -35.95 -0.79
CA SER A 542 -0.38 -37.38 -0.74
C SER A 542 -1.32 -37.94 0.34
N CYS A 543 -2.23 -38.82 -0.07
CA CYS A 543 -3.25 -39.33 0.86
C CYS A 543 -3.90 -40.59 0.32
N LYS A 544 -4.79 -41.17 1.14
CA LYS A 544 -5.63 -42.32 0.81
C LYS A 544 -7.03 -41.74 0.69
N LEU A 545 -7.82 -42.21 -0.27
CA LEU A 545 -9.19 -41.73 -0.41
C LEU A 545 -10.18 -42.88 -0.34
N GLY A 546 -11.39 -42.59 0.14
CA GLY A 546 -12.49 -43.53 0.29
C GLY A 546 -12.11 -44.81 1.02
N LYS A 547 -12.56 -45.97 0.48
CA LYS A 547 -12.24 -47.30 1.02
C LYS A 547 -11.12 -47.95 0.18
N ASP A 548 -10.43 -47.14 -0.65
CA ASP A 548 -9.32 -47.55 -1.51
C ASP A 548 -8.03 -47.62 -0.66
N PRO A 549 -7.38 -48.82 -0.61
CA PRO A 549 -6.16 -48.97 0.21
C PRO A 549 -4.94 -48.18 -0.24
N ASN A 550 -4.85 -47.86 -1.54
CA ASN A 550 -3.74 -47.12 -2.13
C ASN A 550 -3.59 -45.69 -1.64
N THR A 551 -2.32 -45.22 -1.56
CA THR A 551 -1.92 -43.85 -1.27
C THR A 551 -1.52 -43.25 -2.62
N TYR A 552 -2.07 -42.07 -2.93
CA TYR A 552 -1.81 -41.42 -4.23
C TYR A 552 -1.21 -40.04 -4.11
N PHE A 553 -0.58 -39.58 -5.19
CA PHE A 553 -0.04 -38.22 -5.33
C PHE A 553 -1.08 -37.53 -6.20
N ILE A 554 -1.79 -36.57 -5.62
CA ILE A 554 -2.83 -35.84 -6.33
C ILE A 554 -2.36 -34.41 -6.65
N VAL A 555 -2.48 -34.02 -7.93
CA VAL A 555 -2.01 -32.72 -8.45
C VAL A 555 -3.21 -31.92 -9.02
N GLY A 556 -3.26 -30.65 -8.62
CA GLY A 556 -4.25 -29.70 -9.09
C GLY A 556 -3.57 -28.77 -10.05
N THR A 557 -4.14 -28.60 -11.25
CA THR A 557 -3.53 -27.81 -12.30
C THR A 557 -4.41 -26.70 -12.86
N ALA A 558 -3.82 -25.90 -13.78
CA ALA A 558 -4.44 -24.80 -14.50
C ALA A 558 -3.79 -24.61 -15.88
N MET A 559 -4.61 -24.32 -16.90
CA MET A 559 -4.14 -24.08 -18.26
C MET A 559 -3.86 -22.59 -18.42
N VAL A 560 -2.58 -22.25 -18.60
CA VAL A 560 -2.07 -20.88 -18.72
C VAL A 560 -1.64 -20.60 -20.15
N TYR A 561 -2.46 -19.83 -20.89
CA TYR A 561 -2.20 -19.48 -22.30
C TYR A 561 -1.73 -18.05 -22.50
N PRO A 562 -0.89 -17.80 -23.53
CA PRO A 562 -0.41 -16.44 -23.77
C PRO A 562 -1.40 -15.63 -24.62
N GLU A 563 -2.68 -15.63 -24.21
CA GLU A 563 -3.77 -14.91 -24.85
C GLU A 563 -4.73 -14.36 -23.78
N GLU A 564 -4.97 -15.16 -22.71
CA GLU A 564 -5.88 -14.83 -21.62
C GLU A 564 -5.15 -14.46 -20.31
N ALA A 565 -5.90 -13.86 -19.36
CA ALA A 565 -5.43 -13.43 -18.05
C ALA A 565 -5.75 -14.43 -16.93
N GLU A 566 -6.97 -15.01 -16.94
CA GLU A 566 -7.42 -15.90 -15.86
C GLU A 566 -7.56 -17.34 -16.31
N PRO A 567 -7.30 -18.36 -15.45
CA PRO A 567 -7.53 -19.75 -15.89
C PRO A 567 -9.01 -20.07 -15.89
N LYS A 568 -9.46 -20.72 -16.96
CA LYS A 568 -10.84 -21.13 -17.19
C LYS A 568 -10.91 -22.64 -17.34
N GLN A 569 -9.72 -23.30 -17.30
CA GLN A 569 -9.56 -24.76 -17.45
C GLN A 569 -8.44 -25.24 -16.55
N GLY A 570 -8.59 -26.47 -16.06
CA GLY A 570 -7.63 -27.13 -15.19
C GLY A 570 -7.95 -28.60 -15.02
N ARG A 571 -7.15 -29.33 -14.22
CA ARG A 571 -7.34 -30.77 -14.01
C ARG A 571 -6.96 -31.18 -12.59
N ILE A 572 -7.56 -32.28 -12.11
CA ILE A 572 -7.16 -32.94 -10.87
C ILE A 572 -6.67 -34.27 -11.38
N VAL A 573 -5.38 -34.53 -11.16
CA VAL A 573 -4.73 -35.74 -11.66
C VAL A 573 -4.30 -36.64 -10.49
N VAL A 574 -4.79 -37.90 -10.50
CA VAL A 574 -4.48 -38.89 -9.48
C VAL A 574 -3.40 -39.83 -10.01
N PHE A 575 -2.21 -39.79 -9.37
CA PHE A 575 -1.04 -40.59 -9.74
C PHE A 575 -0.73 -41.58 -8.65
N GLN A 576 -0.14 -42.69 -9.06
CA GLN A 576 0.35 -43.70 -8.15
C GLN A 576 1.79 -43.99 -8.53
N TYR A 577 2.67 -43.96 -7.54
CA TYR A 577 4.08 -44.23 -7.75
C TYR A 577 4.38 -45.67 -7.42
N SER A 578 4.80 -46.44 -8.43
CA SER A 578 5.15 -47.85 -8.29
C SER A 578 6.23 -48.26 -9.28
N ASP A 579 7.21 -49.07 -8.81
CA ASP A 579 8.35 -49.59 -9.57
C ASP A 579 9.12 -48.49 -10.32
N GLY A 580 9.42 -47.41 -9.59
CA GLY A 580 10.18 -46.28 -10.09
C GLY A 580 9.51 -45.44 -11.16
N LYS A 581 8.19 -45.63 -11.37
CA LYS A 581 7.41 -44.87 -12.37
C LYS A 581 6.08 -44.34 -11.81
N LEU A 582 5.58 -43.28 -12.43
CA LEU A 582 4.33 -42.62 -12.05
C LEU A 582 3.26 -42.96 -13.07
N GLN A 583 2.17 -43.62 -12.60
CA GLN A 583 1.05 -44.03 -13.45
C GLN A 583 -0.15 -43.17 -13.23
N THR A 584 -0.82 -42.76 -14.32
CA THR A 584 -2.02 -41.93 -14.22
C THR A 584 -3.22 -42.85 -13.93
N VAL A 585 -3.75 -42.77 -12.69
CA VAL A 585 -4.88 -43.55 -12.17
C VAL A 585 -6.22 -42.95 -12.63
N ALA A 586 -6.37 -41.61 -12.51
CA ALA A 586 -7.58 -40.86 -12.89
C ALA A 586 -7.27 -39.37 -13.18
N GLU A 587 -8.11 -38.76 -14.04
CA GLU A 587 -8.10 -37.36 -14.46
C GLU A 587 -9.52 -36.81 -14.30
N LYS A 588 -9.64 -35.60 -13.73
CA LYS A 588 -10.91 -34.91 -13.55
C LYS A 588 -10.76 -33.47 -14.06
N GLU A 589 -11.52 -33.12 -15.12
CA GLU A 589 -11.49 -31.78 -15.70
C GLU A 589 -12.31 -30.82 -14.81
N VAL A 590 -11.75 -29.62 -14.59
CA VAL A 590 -12.37 -28.54 -13.84
C VAL A 590 -12.39 -27.28 -14.74
N LYS A 591 -13.28 -26.35 -14.42
CA LYS A 591 -13.45 -25.11 -15.16
C LYS A 591 -12.77 -23.90 -14.44
N GLY A 592 -11.51 -24.10 -14.06
CA GLY A 592 -10.70 -23.09 -13.38
C GLY A 592 -9.40 -23.63 -12.80
N ALA A 593 -8.73 -22.85 -11.98
CA ALA A 593 -7.46 -23.22 -11.39
C ALA A 593 -7.63 -23.99 -10.08
N VAL A 594 -6.99 -25.16 -9.92
CA VAL A 594 -7.10 -25.90 -8.66
C VAL A 594 -6.09 -25.34 -7.69
N TYR A 595 -6.42 -24.26 -6.96
CA TYR A 595 -5.47 -23.55 -6.07
C TYR A 595 -4.97 -24.30 -4.86
N SER A 596 -5.86 -25.03 -4.17
CA SER A 596 -5.55 -25.75 -2.96
C SER A 596 -6.37 -27.03 -2.89
N MET A 597 -5.79 -28.08 -2.27
CA MET A 597 -6.39 -29.42 -2.04
C MET A 597 -5.99 -29.95 -0.67
N VAL A 598 -6.95 -30.47 0.08
CA VAL A 598 -6.70 -31.00 1.41
C VAL A 598 -7.42 -32.35 1.51
N GLU A 599 -6.83 -33.38 2.18
CA GLU A 599 -7.52 -34.65 2.41
C GLU A 599 -8.56 -34.30 3.48
N PHE A 600 -9.80 -34.73 3.30
CA PHE A 600 -10.86 -34.38 4.23
C PHE A 600 -11.76 -35.57 4.49
N ASN A 601 -11.51 -36.25 5.60
CA ASN A 601 -12.25 -37.42 6.07
C ASN A 601 -12.49 -38.46 4.94
N GLY A 602 -11.40 -38.87 4.28
CA GLY A 602 -11.43 -39.84 3.18
C GLY A 602 -12.05 -39.34 1.89
N LYS A 603 -12.19 -37.98 1.77
CA LYS A 603 -12.71 -37.24 0.61
C LYS A 603 -11.66 -36.24 0.22
N LEU A 604 -11.77 -35.67 -1.01
CA LEU A 604 -10.81 -34.66 -1.48
C LEU A 604 -11.48 -33.31 -1.56
N LEU A 605 -11.02 -32.42 -0.69
CA LEU A 605 -11.47 -31.03 -0.61
C LEU A 605 -10.56 -30.19 -1.53
N ALA A 606 -11.12 -29.52 -2.54
CA ALA A 606 -10.34 -28.72 -3.50
C ALA A 606 -10.98 -27.40 -3.76
N SER A 607 -10.16 -26.34 -4.00
CA SER A 607 -10.65 -25.00 -4.29
C SER A 607 -10.31 -24.62 -5.72
N ILE A 608 -11.34 -24.38 -6.53
CA ILE A 608 -11.23 -24.06 -7.95
C ILE A 608 -11.74 -22.64 -8.16
N ASN A 609 -10.79 -21.73 -8.39
CA ASN A 609 -11.07 -20.32 -8.59
C ASN A 609 -11.75 -19.76 -7.33
N SER A 610 -13.09 -19.60 -7.37
CA SER A 610 -13.90 -19.02 -6.30
C SER A 610 -14.87 -20.01 -5.68
N THR A 611 -14.71 -21.30 -6.02
CA THR A 611 -15.57 -22.34 -5.48
C THR A 611 -14.73 -23.33 -4.71
N VAL A 612 -15.24 -23.74 -3.51
CA VAL A 612 -14.60 -24.80 -2.71
C VAL A 612 -15.52 -25.98 -2.94
N ARG A 613 -14.93 -27.13 -3.33
CA ARG A 613 -15.64 -28.36 -3.71
C ARG A 613 -15.15 -29.61 -2.99
N LEU A 614 -16.08 -30.50 -2.65
CA LEU A 614 -15.82 -31.77 -2.01
C LEU A 614 -16.07 -32.89 -3.02
N TYR A 615 -15.03 -33.70 -3.26
CA TYR A 615 -15.09 -34.83 -4.18
C TYR A 615 -15.05 -36.13 -3.40
N GLU A 616 -15.83 -37.12 -3.88
CA GLU A 616 -15.88 -38.46 -3.36
C GLU A 616 -15.10 -39.33 -4.34
N TRP A 617 -14.31 -40.29 -3.82
CA TRP A 617 -13.55 -41.22 -4.64
C TRP A 617 -14.36 -42.52 -4.71
N THR A 618 -14.80 -42.86 -5.91
CA THR A 618 -15.62 -44.05 -6.13
C THR A 618 -14.79 -45.34 -6.18
N THR A 619 -15.47 -46.46 -6.02
CA THR A 619 -14.89 -47.79 -6.14
C THR A 619 -14.43 -48.03 -7.61
N GLU A 620 -14.92 -47.16 -8.54
CA GLU A 620 -14.63 -47.17 -9.98
C GLU A 620 -13.42 -46.31 -10.32
N LYS A 621 -12.70 -45.85 -9.27
CA LYS A 621 -11.51 -44.99 -9.33
C LYS A 621 -11.76 -43.67 -10.09
N GLU A 622 -12.87 -42.97 -9.73
CA GLU A 622 -13.29 -41.70 -10.31
C GLU A 622 -13.63 -40.70 -9.22
N LEU A 623 -13.39 -39.39 -9.49
CA LEU A 623 -13.75 -38.34 -8.55
C LEU A 623 -15.15 -37.85 -8.91
N ARG A 624 -16.08 -37.91 -7.95
CA ARG A 624 -17.46 -37.51 -8.14
C ARG A 624 -17.76 -36.34 -7.21
N THR A 625 -18.20 -35.21 -7.78
CA THR A 625 -18.53 -34.02 -7.00
C THR A 625 -19.68 -34.32 -6.04
N GLU A 626 -19.51 -33.94 -4.75
CA GLU A 626 -20.57 -34.11 -3.74
C GLU A 626 -21.26 -32.75 -3.43
N CYS A 627 -20.48 -31.72 -3.05
CA CYS A 627 -21.05 -30.42 -2.70
C CYS A 627 -20.14 -29.26 -3.01
N ASN A 628 -20.72 -28.05 -3.09
CA ASN A 628 -19.99 -26.81 -3.43
C ASN A 628 -20.31 -25.64 -2.52
N HIS A 629 -19.37 -24.72 -2.36
CA HIS A 629 -19.52 -23.45 -1.66
C HIS A 629 -18.99 -22.40 -2.64
N TYR A 630 -19.84 -21.47 -3.06
CA TYR A 630 -19.52 -20.48 -4.10
C TYR A 630 -19.19 -19.04 -3.66
N ASN A 631 -19.49 -18.67 -2.40
CA ASN A 631 -19.25 -17.34 -1.81
C ASN A 631 -17.79 -17.06 -1.49
N ASN A 632 -16.95 -16.99 -2.54
CA ASN A 632 -15.52 -16.68 -2.42
C ASN A 632 -15.08 -15.76 -3.57
N ILE A 633 -13.92 -15.15 -3.46
CA ILE A 633 -13.41 -14.30 -4.52
C ILE A 633 -12.27 -15.08 -5.21
N MET A 634 -11.30 -15.51 -4.38
CA MET A 634 -10.20 -16.36 -4.78
C MET A 634 -9.85 -17.28 -3.60
N ALA A 635 -10.45 -18.49 -3.56
CA ALA A 635 -10.19 -19.43 -2.46
C ALA A 635 -8.82 -20.08 -2.68
N LEU A 636 -7.79 -19.38 -2.19
CA LEU A 636 -6.42 -19.78 -2.35
C LEU A 636 -5.89 -20.71 -1.31
N TYR A 637 -6.38 -20.63 -0.05
CA TYR A 637 -5.84 -21.44 1.05
C TYR A 637 -6.90 -22.24 1.82
N LEU A 638 -6.64 -23.54 2.05
CA LEU A 638 -7.54 -24.45 2.77
C LEU A 638 -6.80 -25.16 3.92
N LYS A 639 -7.50 -25.32 5.07
CA LYS A 639 -7.06 -25.97 6.30
C LYS A 639 -8.31 -26.56 6.96
N THR A 640 -8.21 -27.78 7.49
CA THR A 640 -9.36 -28.45 8.10
C THR A 640 -9.02 -29.11 9.43
N LYS A 641 -10.03 -29.19 10.31
CA LYS A 641 -9.92 -29.84 11.61
C LYS A 641 -11.28 -30.40 11.88
N GLY A 642 -11.37 -31.71 11.73
CA GLY A 642 -12.63 -32.43 11.91
C GLY A 642 -13.50 -32.18 10.69
N ASP A 643 -14.74 -31.75 10.92
CA ASP A 643 -15.68 -31.43 9.84
C ASP A 643 -15.63 -29.92 9.48
N PHE A 644 -14.73 -29.15 10.12
CA PHE A 644 -14.57 -27.71 9.93
C PHE A 644 -13.52 -27.38 8.91
N ILE A 645 -13.80 -26.36 8.07
CA ILE A 645 -12.92 -25.90 7.00
C ILE A 645 -12.63 -24.42 7.17
N LEU A 646 -11.36 -24.04 7.18
CA LEU A 646 -10.91 -22.64 7.25
C LEU A 646 -10.43 -22.30 5.84
N VAL A 647 -11.17 -21.39 5.18
CA VAL A 647 -10.90 -20.92 3.82
C VAL A 647 -10.24 -19.56 3.91
N GLY A 648 -9.10 -19.44 3.25
CA GLY A 648 -8.35 -18.20 3.15
C GLY A 648 -8.56 -17.61 1.77
N ASP A 649 -8.92 -16.34 1.69
CA ASP A 649 -9.14 -15.66 0.43
C ASP A 649 -8.00 -14.69 0.13
N LEU A 650 -7.64 -14.52 -1.15
CA LEU A 650 -6.53 -13.59 -1.42
C LEU A 650 -6.97 -12.17 -1.11
N MET A 651 -8.25 -11.87 -1.23
CA MET A 651 -8.77 -10.53 -1.05
C MET A 651 -9.82 -10.32 0.04
N ARG A 652 -10.57 -11.38 0.33
CA ARG A 652 -11.68 -11.38 1.23
C ARG A 652 -11.48 -12.02 2.62
N SER A 653 -10.29 -11.84 3.27
CA SER A 653 -10.08 -12.33 4.66
C SER A 653 -10.26 -13.86 4.82
N VAL A 654 -10.72 -14.32 5.99
CA VAL A 654 -10.97 -15.76 6.23
C VAL A 654 -12.45 -16.12 6.54
N LEU A 655 -12.79 -17.40 6.37
CA LEU A 655 -14.14 -17.89 6.66
C LEU A 655 -14.11 -19.34 7.12
N LEU A 656 -15.10 -19.71 7.92
CA LEU A 656 -15.23 -21.03 8.44
C LEU A 656 -16.48 -21.67 7.89
N LEU A 657 -16.31 -22.89 7.36
CA LEU A 657 -17.37 -23.74 6.82
C LEU A 657 -17.40 -24.98 7.66
N ALA A 658 -18.52 -25.70 7.61
CA ALA A 658 -18.67 -26.97 8.28
C ALA A 658 -19.30 -27.91 7.31
N TYR A 659 -18.79 -29.13 7.25
CA TYR A 659 -19.36 -30.14 6.39
C TYR A 659 -20.42 -30.80 7.26
N LYS A 660 -21.64 -30.95 6.72
CA LYS A 660 -22.76 -31.53 7.45
C LYS A 660 -22.97 -32.97 6.94
N PRO A 661 -22.41 -33.97 7.67
CA PRO A 661 -22.49 -35.38 7.22
C PRO A 661 -23.88 -35.86 6.88
N MET A 662 -24.86 -35.41 7.69
CA MET A 662 -26.27 -35.77 7.56
C MET A 662 -26.91 -35.15 6.32
N GLU A 663 -26.49 -33.92 6.01
CA GLU A 663 -27.04 -33.18 4.91
C GLU A 663 -26.27 -33.34 3.56
N GLY A 664 -25.04 -33.84 3.61
CA GLY A 664 -24.21 -34.04 2.41
C GLY A 664 -23.97 -32.75 1.66
N ASN A 665 -23.62 -31.69 2.43
CA ASN A 665 -23.39 -30.33 1.95
C ASN A 665 -22.58 -29.48 2.94
N PHE A 666 -22.19 -28.27 2.54
CA PHE A 666 -21.45 -27.36 3.43
C PHE A 666 -22.42 -26.38 4.07
N GLU A 667 -22.03 -25.82 5.24
CA GLU A 667 -22.76 -24.79 5.97
C GLU A 667 -21.74 -23.74 6.32
N GLU A 668 -22.00 -22.50 5.90
CA GLU A 668 -21.13 -21.34 6.14
C GLU A 668 -21.33 -20.94 7.61
N ILE A 669 -20.38 -21.30 8.49
CA ILE A 669 -20.48 -21.05 9.94
C ILE A 669 -20.25 -19.60 10.30
N ALA A 670 -19.12 -18.99 9.90
CA ALA A 670 -18.84 -17.60 10.24
C ALA A 670 -17.77 -17.05 9.36
N ARG A 671 -17.74 -15.73 9.18
CA ARG A 671 -16.69 -15.09 8.41
C ARG A 671 -16.11 -13.87 9.14
N ASP A 672 -14.84 -13.58 8.85
CA ASP A 672 -14.10 -12.43 9.38
C ASP A 672 -14.40 -11.28 8.45
N PHE A 673 -15.25 -10.36 8.90
CA PHE A 673 -15.70 -9.22 8.11
C PHE A 673 -14.67 -8.12 7.91
N ASN A 674 -13.41 -8.34 8.35
CA ASN A 674 -12.33 -7.39 8.24
C ASN A 674 -11.72 -7.49 6.87
N PRO A 675 -11.22 -6.38 6.30
CA PRO A 675 -10.60 -6.49 4.98
C PRO A 675 -9.15 -6.94 5.16
N ASN A 676 -8.80 -8.16 4.72
CA ASN A 676 -7.45 -8.68 4.82
C ASN A 676 -7.09 -9.42 3.55
N TRP A 677 -5.90 -9.11 2.98
CA TRP A 677 -5.29 -9.77 1.82
C TRP A 677 -4.37 -10.85 2.36
N MET A 678 -4.90 -12.08 2.43
CA MET A 678 -4.24 -13.25 3.04
C MET A 678 -3.04 -13.83 2.28
N SER A 679 -2.06 -14.34 3.03
CA SER A 679 -0.92 -15.03 2.45
C SER A 679 -0.90 -16.50 2.90
N ALA A 680 -1.40 -16.78 4.13
CA ALA A 680 -1.42 -18.12 4.73
C ALA A 680 -2.43 -18.14 5.87
N VAL A 681 -2.99 -19.36 6.16
CA VAL A 681 -3.97 -19.60 7.23
C VAL A 681 -3.64 -20.87 7.98
N GLU A 682 -4.00 -20.95 9.26
CA GLU A 682 -3.85 -22.14 10.06
C GLU A 682 -4.97 -22.29 11.14
N ILE A 683 -5.35 -23.53 11.46
CA ILE A 683 -6.32 -23.79 12.54
C ILE A 683 -5.48 -24.12 13.76
N LEU A 684 -5.58 -23.28 14.79
CA LEU A 684 -4.82 -23.48 16.03
C LEU A 684 -5.49 -24.59 16.86
N ASP A 685 -6.82 -24.48 16.98
CA ASP A 685 -7.71 -25.40 17.68
C ASP A 685 -9.14 -25.16 17.17
N ASP A 686 -10.10 -25.97 17.65
CA ASP A 686 -11.52 -25.90 17.30
C ASP A 686 -12.12 -24.49 17.26
N ASP A 687 -11.60 -23.55 18.09
CA ASP A 687 -12.14 -22.19 18.19
C ASP A 687 -11.19 -21.06 17.81
N ASN A 688 -9.91 -21.37 17.52
CA ASN A 688 -8.96 -20.31 17.17
C ASN A 688 -8.28 -20.56 15.83
N PHE A 689 -8.37 -19.52 14.97
CA PHE A 689 -7.88 -19.54 13.61
C PHE A 689 -6.85 -18.44 13.41
N LEU A 690 -5.67 -18.83 12.90
CA LEU A 690 -4.53 -17.94 12.69
C LEU A 690 -4.42 -17.51 11.24
N GLY A 691 -4.21 -16.21 11.07
CA GLY A 691 -4.06 -15.59 9.76
C GLY A 691 -2.81 -14.75 9.64
N ALA A 692 -2.23 -14.74 8.43
CA ALA A 692 -1.04 -13.96 8.06
C ALA A 692 -1.40 -13.22 6.79
N GLU A 693 -1.18 -11.91 6.77
CA GLU A 693 -1.55 -11.08 5.62
C GLU A 693 -0.38 -10.29 4.98
N ASN A 694 -0.69 -9.64 3.88
CA ASN A 694 0.21 -8.88 3.01
C ASN A 694 0.98 -7.70 3.68
N ALA A 695 0.46 -7.18 4.81
CA ALA A 695 1.03 -6.07 5.55
C ALA A 695 1.99 -6.51 6.66
N PHE A 696 2.35 -7.82 6.70
CA PHE A 696 3.30 -8.48 7.59
C PHE A 696 2.81 -8.59 9.01
N ASN A 697 1.50 -8.75 9.19
CA ASN A 697 0.84 -8.94 10.49
C ASN A 697 0.23 -10.32 10.64
N LEU A 698 0.09 -10.75 11.89
CA LEU A 698 -0.59 -11.98 12.32
C LEU A 698 -1.84 -11.54 13.03
N PHE A 699 -2.89 -12.34 12.93
CA PHE A 699 -4.16 -12.11 13.63
C PHE A 699 -4.81 -13.42 13.93
N VAL A 700 -5.52 -13.47 15.06
CA VAL A 700 -6.23 -14.66 15.51
C VAL A 700 -7.70 -14.36 15.58
N CYS A 701 -8.48 -15.20 14.90
CA CYS A 701 -9.94 -15.18 14.82
C CYS A 701 -10.52 -16.19 15.76
N GLN A 702 -11.66 -15.83 16.31
CA GLN A 702 -12.36 -16.70 17.24
C GLN A 702 -13.84 -16.60 17.00
N LYS A 703 -14.56 -17.73 17.20
CA LYS A 703 -16.03 -17.75 17.06
C LYS A 703 -16.60 -16.91 18.21
N ASP A 704 -17.53 -16.01 17.90
CA ASP A 704 -18.18 -15.14 18.89
C ASP A 704 -19.02 -15.96 19.93
N SER A 705 -18.51 -16.02 21.17
CA SER A 705 -19.10 -16.76 22.29
C SER A 705 -20.23 -15.98 23.00
N THR A 708 -26.32 -16.13 21.21
CA THR A 708 -27.68 -15.64 21.45
C THR A 708 -28.52 -15.55 20.17
N THR A 709 -27.90 -15.08 19.07
CA THR A 709 -28.52 -14.93 17.75
C THR A 709 -27.64 -15.63 16.70
N ASP A 710 -28.27 -16.09 15.60
CA ASP A 710 -27.65 -16.77 14.47
C ASP A 710 -26.58 -15.88 13.83
N GLU A 711 -26.90 -14.58 13.67
CA GLU A 711 -26.03 -13.56 13.09
C GLU A 711 -24.79 -13.29 13.97
N GLU A 712 -24.94 -13.37 15.30
CA GLU A 712 -23.84 -13.16 16.24
C GLU A 712 -22.79 -14.26 16.08
N ARG A 713 -23.26 -15.52 15.96
CA ARG A 713 -22.42 -16.72 15.78
C ARG A 713 -21.74 -16.73 14.42
N GLN A 714 -22.34 -16.04 13.42
CA GLN A 714 -21.86 -15.96 12.02
C GLN A 714 -20.75 -14.90 11.78
N HIS A 715 -20.27 -14.31 12.89
CA HIS A 715 -19.25 -13.28 12.89
C HIS A 715 -17.98 -13.71 13.66
N LEU A 716 -16.85 -13.90 12.93
CA LEU A 716 -15.53 -14.22 13.53
C LEU A 716 -14.90 -12.94 14.05
N GLN A 717 -14.41 -12.98 15.30
CA GLN A 717 -13.80 -11.83 15.98
C GLN A 717 -12.26 -11.91 16.03
N GLU A 718 -11.59 -10.82 15.63
CA GLU A 718 -10.11 -10.75 15.69
C GLU A 718 -9.73 -10.39 17.12
N VAL A 719 -9.24 -11.40 17.86
CA VAL A 719 -8.91 -11.26 19.29
C VAL A 719 -7.40 -11.12 19.55
N GLY A 720 -6.59 -11.42 18.55
CA GLY A 720 -5.14 -11.35 18.60
C GLY A 720 -4.64 -10.59 17.40
N LEU A 721 -3.75 -9.61 17.64
CA LEU A 721 -3.12 -8.77 16.60
C LEU A 721 -1.63 -8.60 16.91
N PHE A 722 -0.76 -8.76 15.89
CA PHE A 722 0.70 -8.67 16.10
C PHE A 722 1.45 -8.39 14.83
N HIS A 723 2.30 -7.35 14.82
CA HIS A 723 3.09 -7.05 13.63
C HIS A 723 4.35 -7.94 13.65
N LEU A 724 4.34 -8.97 12.78
CA LEU A 724 5.44 -9.90 12.69
C LEU A 724 6.64 -9.28 11.99
N GLY A 725 6.42 -8.62 10.86
CA GLY A 725 7.51 -8.03 10.11
C GLY A 725 8.05 -8.97 9.05
N GLU A 726 7.33 -10.05 8.75
CA GLU A 726 7.74 -11.04 7.74
C GLU A 726 6.50 -11.38 6.90
N PHE A 727 6.70 -11.93 5.67
CA PHE A 727 5.64 -12.42 4.79
C PHE A 727 5.60 -13.98 4.87
N VAL A 728 4.57 -14.56 5.55
CA VAL A 728 4.38 -16.00 5.77
C VAL A 728 3.70 -16.67 4.56
N ASN A 729 4.40 -17.62 3.95
CA ASN A 729 3.87 -18.40 2.83
C ASN A 729 3.30 -19.77 3.30
N VAL A 730 3.76 -20.34 4.44
CA VAL A 730 3.33 -21.67 4.86
C VAL A 730 3.32 -21.83 6.38
N PHE A 731 2.22 -22.41 6.87
CA PHE A 731 1.99 -22.74 8.24
C PHE A 731 1.84 -24.28 8.30
N CYS A 732 2.44 -24.90 9.32
CA CYS A 732 2.29 -26.31 9.53
C CYS A 732 2.52 -26.71 10.98
N HIS A 733 1.69 -27.61 11.49
CA HIS A 733 1.80 -28.12 12.83
C HIS A 733 2.98 -29.09 12.89
N GLY A 734 3.89 -28.90 13.85
CA GLY A 734 5.07 -29.75 14.01
C GLY A 734 6.24 -29.09 14.71
N THR A 746 3.81 -27.68 32.31
CA THR A 746 3.81 -27.43 30.87
C THR A 746 3.49 -25.93 30.58
N PRO A 747 4.39 -25.22 29.87
CA PRO A 747 4.19 -23.77 29.69
C PRO A 747 3.33 -23.33 28.49
N THR A 748 3.61 -23.93 27.33
CA THR A 748 2.93 -23.63 26.08
C THR A 748 2.22 -24.86 25.53
N GLN A 749 1.18 -24.60 24.73
CA GLN A 749 0.36 -25.64 24.10
C GLN A 749 0.27 -25.40 22.61
N GLY A 750 0.54 -26.46 21.86
CA GLY A 750 0.52 -26.44 20.41
C GLY A 750 1.85 -26.00 19.84
N SER A 751 2.09 -26.32 18.58
CA SER A 751 3.33 -25.96 17.92
C SER A 751 3.09 -25.79 16.42
N VAL A 752 2.96 -24.54 15.98
CA VAL A 752 2.79 -24.21 14.57
C VAL A 752 4.04 -23.51 14.06
N LEU A 753 4.71 -24.13 13.07
CA LEU A 753 5.90 -23.60 12.41
C LEU A 753 5.48 -22.84 11.18
N PHE A 754 6.20 -21.76 10.89
CA PHE A 754 5.91 -20.95 9.70
C PHE A 754 7.17 -20.59 8.94
N GLY A 755 7.07 -20.67 7.61
CA GLY A 755 8.12 -20.39 6.66
C GLY A 755 7.81 -19.08 5.96
N THR A 756 8.80 -18.21 5.82
CA THR A 756 8.66 -16.87 5.25
C THR A 756 9.46 -16.65 3.99
N VAL A 757 9.20 -15.50 3.34
CA VAL A 757 9.87 -15.10 2.12
C VAL A 757 11.37 -14.77 2.35
N ASN A 758 11.71 -14.24 3.55
CA ASN A 758 13.09 -13.90 3.91
C ASN A 758 13.87 -15.09 4.50
N GLY A 759 13.30 -16.29 4.42
CA GLY A 759 13.91 -17.50 4.95
C GLY A 759 13.92 -17.58 6.47
N MET A 760 13.12 -16.75 7.12
CA MET A 760 13.00 -16.76 8.57
C MET A 760 12.04 -17.92 8.89
N ILE A 761 12.30 -18.63 9.99
CA ILE A 761 11.46 -19.72 10.48
C ILE A 761 11.06 -19.33 11.89
N GLY A 762 9.75 -19.33 12.10
CA GLY A 762 9.16 -18.95 13.37
C GLY A 762 8.27 -20.02 13.92
N LEU A 763 7.82 -19.81 15.17
CA LEU A 763 6.99 -20.73 15.89
C LEU A 763 5.92 -20.00 16.67
N VAL A 764 4.66 -20.50 16.58
CA VAL A 764 3.49 -19.93 17.26
C VAL A 764 2.96 -20.98 18.14
N THR A 765 2.65 -20.58 19.37
CA THR A 765 2.13 -21.46 20.39
C THR A 765 1.14 -20.73 21.27
N SER A 766 0.21 -21.47 21.88
CA SER A 766 -0.83 -20.93 22.75
C SER A 766 -0.41 -20.91 24.24
N LEU A 767 -0.95 -19.94 25.00
CA LEU A 767 -0.69 -19.76 26.42
C LEU A 767 -2.01 -19.71 27.20
N SER A 768 -1.95 -20.06 28.50
CA SER A 768 -3.09 -19.94 29.41
C SER A 768 -3.18 -18.45 29.79
N GLU A 769 -4.32 -18.01 30.38
CA GLU A 769 -4.55 -16.62 30.80
C GLU A 769 -3.46 -16.08 31.72
N SER A 770 -3.10 -16.88 32.73
CA SER A 770 -2.11 -16.55 33.75
C SER A 770 -0.68 -16.54 33.21
N TRP A 771 -0.34 -17.45 32.26
CA TRP A 771 0.99 -17.49 31.60
C TRP A 771 1.15 -16.21 30.75
N TYR A 772 0.09 -15.83 29.98
CA TYR A 772 0.07 -14.62 29.17
C TYR A 772 0.27 -13.40 30.07
N ASN A 773 -0.53 -13.27 31.14
CA ASN A 773 -0.49 -12.15 32.06
C ASN A 773 0.90 -11.91 32.63
N LEU A 774 1.59 -12.98 33.12
CA LEU A 774 2.95 -12.90 33.68
C LEU A 774 3.97 -12.45 32.62
N LEU A 775 3.93 -13.06 31.42
CA LEU A 775 4.83 -12.74 30.31
C LEU A 775 4.58 -11.34 29.73
N LEU A 776 3.33 -10.83 29.82
CA LEU A 776 2.99 -9.48 29.35
C LEU A 776 3.56 -8.43 30.30
N ASP A 777 3.47 -8.68 31.63
CA ASP A 777 4.05 -7.81 32.64
C ASP A 777 5.58 -7.77 32.48
N MET A 778 6.17 -8.96 32.18
CA MET A 778 7.61 -9.12 31.90
C MET A 778 8.06 -8.27 30.71
N GLN A 779 7.26 -8.23 29.63
CA GLN A 779 7.58 -7.44 28.45
C GLN A 779 7.61 -5.96 28.74
N ASN A 780 6.62 -5.47 29.52
CA ASN A 780 6.55 -4.05 29.87
C ASN A 780 7.73 -3.63 30.72
N ARG A 781 8.19 -4.53 31.61
CA ARG A 781 9.35 -4.32 32.48
C ARG A 781 10.64 -4.37 31.66
N LEU A 782 10.78 -5.38 30.76
CA LEU A 782 11.95 -5.54 29.90
C LEU A 782 12.16 -4.31 29.02
N ASN A 783 11.07 -3.75 28.46
CA ASN A 783 11.07 -2.56 27.59
C ASN A 783 11.58 -1.28 28.29
N LYS A 784 11.47 -1.21 29.63
CA LYS A 784 11.95 -0.09 30.43
C LYS A 784 13.46 -0.17 30.68
N VAL A 785 14.03 -1.39 30.51
CA VAL A 785 15.44 -1.72 30.77
C VAL A 785 16.25 -1.86 29.45
N ILE A 786 15.75 -2.69 28.51
CA ILE A 786 16.41 -2.91 27.21
C ILE A 786 16.22 -1.66 26.36
N LYS A 787 17.34 -1.11 25.86
CA LYS A 787 17.27 0.06 25.01
C LYS A 787 17.13 -0.32 23.52
N SER A 788 16.51 0.57 22.72
CA SER A 788 16.33 0.37 21.29
C SER A 788 17.30 1.23 20.45
N VAL A 789 17.88 0.63 19.40
CA VAL A 789 18.77 1.35 18.47
C VAL A 789 17.85 2.18 17.55
N GLY A 790 18.07 3.49 17.54
CA GLY A 790 17.23 4.40 16.77
C GLY A 790 16.04 4.91 17.57
N LYS A 791 15.93 4.44 18.85
CA LYS A 791 14.92 4.78 19.85
C LYS A 791 13.47 4.55 19.37
N ILE A 792 13.25 3.40 18.71
CA ILE A 792 11.96 2.93 18.20
C ILE A 792 11.31 2.16 19.36
N GLU A 793 10.10 2.54 19.79
CA GLU A 793 9.41 1.82 20.87
C GLU A 793 9.05 0.39 20.44
N HIS A 794 9.33 -0.63 21.30
CA HIS A 794 8.98 -2.04 21.02
C HIS A 794 7.48 -2.16 20.70
N SER A 795 6.63 -1.49 21.51
CA SER A 795 5.18 -1.42 21.36
C SER A 795 4.72 -0.86 19.97
N PHE A 796 5.43 0.15 19.46
CA PHE A 796 5.18 0.73 18.15
C PHE A 796 5.50 -0.29 17.07
N TRP A 797 6.65 -0.96 17.20
CA TRP A 797 7.13 -2.00 16.27
C TRP A 797 6.14 -3.16 16.13
N ARG A 798 5.65 -3.68 17.26
CA ARG A 798 4.75 -4.84 17.26
C ARG A 798 3.25 -4.49 17.09
N SER A 799 2.89 -3.15 17.01
CA SER A 799 1.53 -2.64 16.74
C SER A 799 1.08 -3.11 15.37
N PHE A 800 -0.11 -3.74 15.29
CA PHE A 800 -0.73 -4.18 14.05
C PHE A 800 -0.81 -2.96 13.14
N HIS A 801 -0.28 -3.08 11.95
CA HIS A 801 -0.27 -1.94 11.07
C HIS A 801 -0.55 -2.28 9.61
N THR A 802 -1.50 -1.54 9.03
CA THR A 802 -1.88 -1.53 7.62
C THR A 802 -2.06 -0.06 7.14
N GLU A 803 -2.29 0.16 5.85
CA GLU A 803 -2.56 1.49 5.30
C GLU A 803 -3.86 2.04 5.86
N ARG A 804 -4.81 1.12 6.19
CA ARG A 804 -6.14 1.41 6.76
C ARG A 804 -6.10 1.75 8.26
N LYS A 805 -5.38 0.97 9.08
CA LYS A 805 -5.33 1.17 10.53
C LYS A 805 -4.01 0.85 11.20
N THR A 806 -3.85 1.36 12.44
CA THR A 806 -2.73 1.08 13.34
C THR A 806 -3.33 0.84 14.72
N GLU A 807 -3.11 -0.36 15.28
CA GLU A 807 -3.63 -0.71 16.59
C GLU A 807 -2.55 -1.39 17.42
N PRO A 808 -2.55 -1.22 18.77
CA PRO A 808 -1.56 -1.90 19.60
C PRO A 808 -1.68 -3.42 19.54
N ALA A 809 -0.57 -4.16 19.65
CA ALA A 809 -0.58 -5.62 19.63
C ALA A 809 -1.40 -6.11 20.82
N THR A 810 -2.17 -7.17 20.59
CA THR A 810 -3.05 -7.72 21.60
C THR A 810 -3.05 -9.23 21.55
N GLY A 811 -3.07 -9.86 22.73
CA GLY A 811 -3.09 -11.31 22.88
C GLY A 811 -1.91 -12.05 22.29
N PHE A 812 -0.77 -11.33 22.04
CA PHE A 812 0.48 -11.88 21.50
C PHE A 812 1.70 -11.48 22.31
N ILE A 813 2.54 -12.46 22.65
CA ILE A 813 3.78 -12.32 23.43
C ILE A 813 4.97 -12.48 22.46
N ASP A 814 5.89 -11.53 22.52
CA ASP A 814 7.11 -11.56 21.73
C ASP A 814 8.11 -12.43 22.49
N GLY A 815 8.20 -13.69 22.06
CA GLY A 815 9.13 -14.67 22.61
C GLY A 815 10.58 -14.25 22.51
N ASP A 816 10.95 -13.56 21.40
CA ASP A 816 12.30 -13.04 21.20
C ASP A 816 12.67 -12.07 22.32
N LEU A 817 11.74 -11.14 22.66
CA LEU A 817 11.95 -10.16 23.73
C LEU A 817 12.05 -10.80 25.09
N ILE A 818 11.14 -11.74 25.42
CA ILE A 818 11.17 -12.38 26.74
C ILE A 818 12.43 -13.28 26.87
N GLU A 819 12.85 -13.98 25.78
CA GLU A 819 14.07 -14.83 25.79
C GLU A 819 15.36 -14.04 26.04
N SER A 820 15.39 -12.77 25.60
CA SER A 820 16.51 -11.85 25.79
C SER A 820 16.77 -11.51 27.27
N PHE A 821 15.84 -11.87 28.20
CA PHE A 821 15.99 -11.66 29.64
C PHE A 821 17.18 -12.45 30.19
N LEU A 822 17.43 -13.65 29.63
CA LEU A 822 18.53 -14.53 30.00
C LEU A 822 19.91 -13.94 29.61
N ASP A 823 19.93 -13.01 28.60
CA ASP A 823 21.13 -12.34 28.10
C ASP A 823 21.49 -11.02 28.82
N ILE A 824 20.56 -10.44 29.61
CA ILE A 824 20.87 -9.21 30.36
C ILE A 824 21.64 -9.57 31.65
N SER A 825 22.42 -8.62 32.16
CA SER A 825 23.22 -8.81 33.37
C SER A 825 22.35 -9.05 34.61
N ARG A 826 22.90 -9.73 35.62
CA ARG A 826 22.19 -10.01 36.87
C ARG A 826 21.71 -8.71 37.58
N PRO A 827 22.50 -7.59 37.66
CA PRO A 827 21.96 -6.37 38.31
C PRO A 827 20.76 -5.77 37.58
N LYS A 828 20.68 -5.99 36.25
CA LYS A 828 19.57 -5.50 35.45
C LYS A 828 18.35 -6.42 35.57
N MET A 829 18.57 -7.74 35.81
CA MET A 829 17.51 -8.73 35.99
C MET A 829 16.65 -8.37 37.22
N GLN A 830 17.32 -7.99 38.33
CA GLN A 830 16.67 -7.61 39.59
C GLN A 830 15.82 -6.34 39.44
N GLU A 831 16.22 -5.41 38.55
CA GLU A 831 15.43 -4.19 38.32
C GLU A 831 14.19 -4.50 37.47
N VAL A 832 14.29 -5.52 36.56
CA VAL A 832 13.19 -6.01 35.72
C VAL A 832 12.13 -6.70 36.60
N VAL A 833 12.58 -7.62 37.51
CA VAL A 833 11.70 -8.39 38.42
C VAL A 833 11.36 -7.63 39.74
N ALA A 834 11.74 -6.34 39.87
CA ALA A 834 11.47 -5.54 41.08
C ALA A 834 9.97 -5.39 41.40
N ASN A 835 9.53 -6.07 42.50
CA ASN A 835 8.17 -6.07 43.06
C ASN A 835 7.05 -6.28 42.03
N ALA A 848 8.20 -12.12 43.11
CA ALA A 848 9.01 -12.75 42.08
C ALA A 848 10.48 -12.40 42.25
N THR A 849 11.35 -13.41 42.09
CA THR A 849 12.81 -13.27 42.17
C THR A 849 13.38 -13.48 40.77
N ALA A 850 14.66 -13.11 40.55
CA ALA A 850 15.30 -13.30 39.25
C ALA A 850 15.31 -14.80 38.86
N ASP A 851 15.60 -15.69 39.85
CA ASP A 851 15.68 -17.15 39.69
C ASP A 851 14.34 -17.80 39.35
N ASP A 852 13.22 -17.21 39.80
CA ASP A 852 11.86 -17.64 39.47
C ASP A 852 11.65 -17.46 37.95
N LEU A 853 12.01 -16.27 37.43
CA LEU A 853 11.86 -15.94 36.01
C LEU A 853 12.90 -16.59 35.13
N ILE A 854 14.12 -16.81 35.64
CA ILE A 854 15.17 -17.50 34.90
C ILE A 854 14.69 -18.91 34.54
N LYS A 855 14.07 -19.61 35.54
CA LYS A 855 13.54 -20.97 35.35
C LYS A 855 12.39 -20.97 34.34
N VAL A 856 11.54 -19.91 34.35
CA VAL A 856 10.41 -19.71 33.44
C VAL A 856 10.88 -19.51 31.99
N VAL A 857 11.82 -18.56 31.77
CA VAL A 857 12.36 -18.21 30.44
C VAL A 857 13.15 -19.40 29.83
N GLU A 858 13.88 -20.15 30.68
CA GLU A 858 14.67 -21.29 30.22
C GLU A 858 13.80 -22.42 29.70
N GLU A 859 12.65 -22.70 30.34
CA GLU A 859 11.77 -23.74 29.84
C GLU A 859 11.08 -23.30 28.53
N LEU A 860 10.88 -21.97 28.37
CA LEU A 860 10.33 -21.38 27.15
C LEU A 860 11.33 -21.49 25.99
N THR A 861 12.67 -21.49 26.25
CA THR A 861 13.69 -21.60 25.19
C THR A 861 13.72 -23.01 24.58
N ARG A 862 13.24 -24.01 25.33
CA ARG A 862 13.17 -25.42 24.96
C ARG A 862 12.00 -25.79 23.98
N ILE A 863 11.15 -24.80 23.60
CA ILE A 863 10.05 -25.03 22.65
C ILE A 863 10.55 -25.01 21.18
N HIS A 864 11.82 -24.59 20.98
CA HIS A 864 12.50 -24.52 19.69
C HIS A 864 14.01 -24.84 19.81
N ARG B 49 -0.55 -9.00 -21.88
CA ARG B 49 -1.10 -8.88 -20.52
C ARG B 49 -0.66 -10.03 -19.55
N GLU B 50 -0.43 -9.67 -18.28
CA GLU B 50 0.04 -10.58 -17.24
C GLU B 50 -1.03 -11.54 -16.74
N HIS B 51 -0.72 -12.83 -16.76
CA HIS B 51 -1.63 -13.89 -16.33
C HIS B 51 -1.70 -13.87 -14.81
N VAL B 52 -2.92 -14.05 -14.22
CA VAL B 52 -3.16 -14.01 -12.79
C VAL B 52 -2.26 -15.03 -12.08
N LEU B 53 -1.97 -16.17 -12.71
CA LEU B 53 -1.15 -17.20 -12.10
C LEU B 53 0.28 -16.81 -12.06
N LYS B 54 0.70 -15.99 -13.04
CA LYS B 54 2.07 -15.47 -13.17
C LYS B 54 2.25 -14.37 -12.12
N GLN B 55 1.19 -13.59 -11.89
CA GLN B 55 1.20 -12.50 -10.89
C GLN B 55 1.30 -13.12 -9.50
N LEU B 56 0.56 -14.21 -9.25
CA LEU B 56 0.53 -14.95 -7.97
C LEU B 56 1.85 -15.60 -7.64
N GLU B 57 2.55 -16.10 -8.67
CA GLU B 57 3.84 -16.73 -8.48
C GLU B 57 4.82 -15.72 -7.94
N ARG B 58 4.81 -14.50 -8.52
CA ARG B 58 5.70 -13.44 -8.13
C ARG B 58 5.58 -13.13 -6.64
N VAL B 59 4.34 -13.17 -6.10
CA VAL B 59 3.98 -12.88 -4.69
C VAL B 59 4.73 -13.85 -3.78
N LYS B 60 4.62 -15.16 -4.06
CA LYS B 60 5.21 -16.18 -3.21
C LYS B 60 6.75 -16.03 -3.07
N ILE B 61 7.44 -15.55 -4.14
CA ILE B 61 8.90 -15.42 -4.10
C ILE B 61 9.37 -14.02 -3.71
N SER B 62 8.50 -13.00 -3.74
CA SER B 62 8.86 -11.62 -3.41
C SER B 62 8.28 -11.09 -2.10
N GLY B 63 7.13 -11.62 -1.68
CA GLY B 63 6.44 -11.17 -0.48
C GLY B 63 5.84 -9.79 -0.67
N GLN B 64 5.44 -9.46 -1.92
CA GLN B 64 4.86 -8.19 -2.29
C GLN B 64 3.52 -8.44 -2.90
N LEU B 65 2.46 -8.30 -2.07
CA LEU B 65 1.08 -8.53 -2.44
C LEU B 65 0.35 -7.28 -2.12
N SER B 66 -0.15 -6.59 -3.14
CA SER B 66 -0.91 -5.36 -2.95
C SER B 66 -1.94 -5.20 -4.05
N PRO B 67 -3.07 -4.50 -3.80
CA PRO B 67 -4.05 -4.27 -4.89
C PRO B 67 -3.51 -3.45 -6.07
N ARG B 68 -2.58 -2.50 -5.81
CA ARG B 68 -1.97 -1.65 -6.83
C ARG B 68 -0.94 -2.46 -7.68
N LEU B 69 -1.20 -3.78 -7.84
CA LEU B 69 -0.44 -4.75 -8.65
C LEU B 69 -1.45 -5.54 -9.50
N PHE B 70 -2.59 -5.84 -8.91
CA PHE B 70 -3.70 -6.53 -9.55
C PHE B 70 -4.63 -5.49 -10.25
N ARG B 71 -4.15 -4.23 -10.29
CA ARG B 71 -4.78 -3.03 -10.85
C ARG B 71 -5.29 -3.22 -12.27
N LYS B 72 -4.46 -3.82 -13.13
CA LYS B 72 -4.72 -3.97 -14.55
C LYS B 72 -5.39 -5.28 -14.95
N LEU B 73 -5.72 -6.16 -13.97
CA LEU B 73 -6.39 -7.42 -14.31
C LEU B 73 -7.90 -7.33 -14.12
N PRO B 74 -8.70 -8.11 -14.92
CA PRO B 74 -10.18 -8.10 -14.80
C PRO B 74 -10.79 -8.49 -13.42
N PRO B 75 -12.12 -8.23 -13.16
CA PRO B 75 -12.71 -8.57 -11.85
C PRO B 75 -12.64 -10.04 -11.58
N ARG B 76 -12.44 -10.45 -10.33
CA ARG B 76 -12.34 -11.88 -10.03
C ARG B 76 -13.72 -12.53 -10.03
N VAL B 77 -14.73 -11.79 -9.54
CA VAL B 77 -16.14 -12.20 -9.46
C VAL B 77 -17.06 -11.14 -10.06
N CYS B 78 -17.99 -11.57 -10.94
CA CYS B 78 -19.09 -10.79 -11.50
C CYS B 78 -20.41 -11.46 -11.15
N VAL B 79 -21.29 -10.69 -10.57
CA VAL B 79 -22.58 -11.16 -10.11
C VAL B 79 -23.64 -10.23 -10.71
N SER B 80 -24.71 -10.77 -11.28
CA SER B 80 -25.76 -9.89 -11.81
C SER B 80 -26.77 -9.57 -10.68
N LEU B 81 -27.12 -8.28 -10.54
CA LEU B 81 -28.04 -7.73 -9.55
C LEU B 81 -29.27 -8.57 -9.43
N LYS B 82 -29.84 -9.01 -10.58
CA LYS B 82 -31.06 -9.78 -10.68
C LYS B 82 -30.98 -11.12 -9.99
N ASN B 83 -29.76 -11.69 -9.91
CA ASN B 83 -29.59 -13.00 -9.30
C ASN B 83 -29.38 -12.95 -7.78
N ILE B 84 -29.08 -11.76 -7.22
CA ILE B 84 -28.85 -11.62 -5.79
C ILE B 84 -29.95 -10.79 -5.10
N VAL B 85 -30.92 -10.26 -5.86
CA VAL B 85 -31.95 -9.41 -5.28
C VAL B 85 -33.18 -10.20 -4.94
N ASP B 86 -33.74 -9.89 -3.74
CA ASP B 86 -34.98 -10.46 -3.19
C ASP B 86 -36.18 -10.02 -4.05
N GLU B 87 -36.97 -11.00 -4.53
CA GLU B 87 -38.12 -10.80 -5.42
C GLU B 87 -39.30 -10.05 -4.78
N ASP B 88 -39.34 -9.97 -3.44
CA ASP B 88 -40.42 -9.27 -2.70
C ASP B 88 -40.29 -7.74 -2.81
N PHE B 89 -39.07 -7.25 -3.19
CA PHE B 89 -38.70 -5.84 -3.34
C PHE B 89 -38.71 -5.38 -4.84
N LEU B 90 -39.42 -6.16 -5.70
CA LEU B 90 -39.59 -5.89 -7.13
C LEU B 90 -40.56 -4.71 -7.30
N TYR B 91 -41.74 -4.80 -6.66
CA TYR B 91 -42.80 -3.80 -6.63
C TYR B 91 -42.46 -2.65 -5.65
N ALA B 92 -41.14 -2.37 -5.43
CA ALA B 92 -40.63 -1.32 -4.56
C ALA B 92 -39.82 -0.34 -5.37
N GLY B 93 -39.03 -0.85 -6.33
CA GLY B 93 -38.22 -0.05 -7.24
C GLY B 93 -37.02 0.66 -6.63
N HIS B 94 -36.09 -0.13 -6.04
CA HIS B 94 -34.87 0.35 -5.43
C HIS B 94 -33.92 0.81 -6.50
N ILE B 95 -33.04 1.79 -6.15
CA ILE B 95 -32.02 2.39 -7.01
C ILE B 95 -30.72 2.08 -6.31
N PHE B 96 -29.99 1.05 -6.74
CA PHE B 96 -28.75 0.63 -6.07
C PHE B 96 -27.63 1.60 -6.31
N LEU B 97 -26.92 2.03 -5.21
CA LEU B 97 -25.84 3.04 -5.21
C LEU B 97 -24.42 2.48 -5.27
N GLY B 98 -24.23 1.32 -4.68
CA GLY B 98 -22.90 0.69 -4.70
C GLY B 98 -22.50 0.06 -3.40
N PHE B 99 -21.20 -0.19 -3.26
CA PHE B 99 -20.67 -0.84 -2.05
C PHE B 99 -20.19 0.16 -1.02
N SER B 100 -20.22 -0.24 0.28
CA SER B 100 -19.63 0.59 1.31
C SER B 100 -18.09 0.42 1.20
N LYS B 101 -17.25 1.27 1.87
CA LYS B 101 -15.78 1.17 1.73
C LYS B 101 -15.28 -0.26 1.98
N CYS B 102 -15.81 -0.92 3.03
CA CYS B 102 -15.58 -2.33 3.36
C CYS B 102 -16.64 -3.02 2.47
N GLY B 103 -16.29 -4.08 1.74
CA GLY B 103 -17.27 -4.72 0.87
C GLY B 103 -18.42 -5.46 1.53
N ARG B 104 -18.74 -5.16 2.83
CA ARG B 104 -19.79 -5.83 3.62
C ARG B 104 -21.20 -5.50 3.17
N TYR B 105 -21.45 -4.22 2.87
CA TYR B 105 -22.76 -3.72 2.48
C TYR B 105 -22.81 -3.15 1.06
N VAL B 106 -24.03 -3.17 0.49
CA VAL B 106 -24.40 -2.59 -0.78
C VAL B 106 -25.64 -1.74 -0.46
N LEU B 107 -25.58 -0.45 -0.72
CA LEU B 107 -26.64 0.52 -0.42
C LEU B 107 -27.58 0.79 -1.61
N SER B 108 -28.83 1.14 -1.29
CA SER B 108 -29.86 1.50 -2.28
C SER B 108 -30.84 2.54 -1.70
N TYR B 109 -31.59 3.26 -2.58
CA TYR B 109 -32.57 4.22 -2.14
C TYR B 109 -33.90 4.03 -2.84
N THR B 110 -34.95 4.62 -2.26
CA THR B 110 -36.33 4.57 -2.72
C THR B 110 -36.89 5.99 -2.84
N SER B 111 -37.51 6.31 -3.99
CA SER B 111 -38.14 7.61 -4.21
C SER B 111 -39.63 7.44 -4.33
N SER B 112 -40.28 6.97 -3.25
CA SER B 112 -41.73 6.74 -3.18
C SER B 112 -42.57 8.03 -3.14
N SER B 113 -43.78 7.99 -3.70
CA SER B 113 -44.70 9.12 -3.70
C SER B 113 -45.94 8.83 -2.86
N SER B 119 -48.61 13.45 -3.47
CA SER B 119 -48.05 14.66 -4.06
C SER B 119 -46.57 14.91 -3.67
N PHE B 120 -46.22 14.64 -2.41
CA PHE B 120 -44.87 14.79 -1.87
C PHE B 120 -44.05 13.57 -2.22
N TYR B 121 -42.70 13.68 -2.13
CA TYR B 121 -41.77 12.56 -2.31
C TYR B 121 -41.23 12.12 -0.96
N ILE B 122 -41.07 10.81 -0.75
CA ILE B 122 -40.53 10.23 0.49
C ILE B 122 -39.27 9.48 0.12
N TYR B 123 -38.14 9.72 0.85
CA TYR B 123 -36.88 9.01 0.52
C TYR B 123 -36.44 8.02 1.59
N HIS B 124 -35.93 6.87 1.16
CA HIS B 124 -35.48 5.80 2.05
C HIS B 124 -34.09 5.28 1.69
N LEU B 125 -33.24 5.10 2.70
CA LEU B 125 -31.88 4.57 2.49
C LEU B 125 -31.84 3.16 3.07
N TYR B 126 -31.29 2.20 2.32
CA TYR B 126 -31.21 0.79 2.70
C TYR B 126 -29.80 0.27 2.76
N TRP B 127 -29.56 -0.66 3.69
CA TRP B 127 -28.28 -1.35 3.84
C TRP B 127 -28.52 -2.84 3.61
N TRP B 128 -27.90 -3.40 2.55
CA TRP B 128 -28.04 -4.80 2.18
C TRP B 128 -26.75 -5.53 2.45
N GLU B 129 -26.85 -6.67 3.12
CA GLU B 129 -25.72 -7.51 3.44
C GLU B 129 -25.36 -8.27 2.17
N PHE B 130 -24.14 -8.10 1.68
CA PHE B 130 -23.63 -8.77 0.48
C PHE B 130 -22.80 -9.99 0.86
N ASN B 131 -22.93 -11.07 0.10
CA ASN B 131 -22.16 -12.31 0.26
C ASN B 131 -22.01 -13.07 -1.10
N VAL B 132 -21.36 -12.38 -2.07
CA VAL B 132 -21.09 -12.85 -3.42
C VAL B 132 -22.40 -13.23 -4.12
N HIS B 133 -22.70 -14.58 -4.26
CA HIS B 133 -23.83 -15.17 -4.96
C HIS B 133 -25.09 -15.31 -4.17
N SER B 134 -24.94 -15.17 -2.86
CA SER B 134 -26.05 -15.29 -1.95
C SER B 134 -26.96 -14.11 -2.10
N LYS B 135 -28.23 -14.31 -1.83
CA LYS B 135 -29.22 -13.24 -1.90
C LYS B 135 -28.88 -12.15 -0.86
N LEU B 136 -29.27 -10.92 -1.16
CA LEU B 136 -29.00 -9.79 -0.28
C LEU B 136 -29.95 -9.83 0.89
N LYS B 137 -29.45 -9.53 2.10
CA LYS B 137 -30.30 -9.50 3.31
C LYS B 137 -30.38 -8.06 3.81
N LEU B 138 -31.59 -7.51 3.93
CA LEU B 138 -31.82 -6.17 4.46
C LEU B 138 -31.43 -6.09 5.94
N VAL B 139 -30.57 -5.14 6.27
CA VAL B 139 -30.05 -4.90 7.60
C VAL B 139 -30.68 -3.63 8.19
N ARG B 140 -30.73 -2.54 7.40
CA ARG B 140 -31.25 -1.23 7.81
C ARG B 140 -32.04 -0.59 6.68
N GLN B 141 -33.17 0.04 7.02
CA GLN B 141 -34.07 0.83 6.15
C GLN B 141 -34.39 2.08 6.98
N VAL B 142 -33.93 3.26 6.51
CA VAL B 142 -34.15 4.53 7.19
C VAL B 142 -34.91 5.51 6.32
N ARG B 143 -35.71 6.39 6.95
CA ARG B 143 -36.49 7.41 6.26
C ARG B 143 -35.69 8.70 6.21
N LEU B 144 -35.16 9.01 5.01
CA LEU B 144 -34.39 10.21 4.78
C LEU B 144 -35.23 11.49 4.83
N PHE B 145 -34.58 12.58 5.35
CA PHE B 145 -35.11 13.93 5.49
C PHE B 145 -36.48 13.94 6.22
N GLN B 146 -36.44 13.57 7.53
CA GLN B 146 -37.59 13.44 8.43
C GLN B 146 -38.38 14.76 8.52
N ASP B 147 -39.74 14.65 8.43
CA ASP B 147 -40.75 15.72 8.45
C ASP B 147 -40.43 16.87 7.46
N GLU B 148 -39.89 16.51 6.27
CA GLU B 148 -39.53 17.42 5.19
C GLU B 148 -40.27 17.03 3.94
N GLU B 149 -41.08 17.97 3.44
CA GLU B 149 -41.89 17.75 2.26
C GLU B 149 -41.18 18.23 1.00
N ILE B 150 -40.87 17.29 0.09
CA ILE B 150 -40.15 17.59 -1.15
C ILE B 150 -41.11 17.47 -2.32
N TYR B 151 -41.25 18.58 -3.07
CA TYR B 151 -42.17 18.68 -4.21
C TYR B 151 -41.50 18.40 -5.58
N SER B 152 -40.27 17.87 -5.59
CA SER B 152 -39.52 17.57 -6.83
C SER B 152 -38.49 16.49 -6.59
N ASP B 153 -38.24 15.64 -7.62
CA ASP B 153 -37.28 14.53 -7.54
C ASP B 153 -35.86 15.05 -7.37
N LEU B 154 -35.23 14.67 -6.24
CA LEU B 154 -33.90 15.07 -5.83
C LEU B 154 -32.83 14.20 -6.45
N TYR B 155 -31.65 14.79 -6.68
CA TYR B 155 -30.45 14.14 -7.18
C TYR B 155 -29.70 13.90 -5.90
N LEU B 156 -29.88 12.70 -5.30
CA LEU B 156 -29.17 12.42 -4.07
C LEU B 156 -27.83 11.61 -4.25
N THR B 157 -26.87 11.85 -3.33
CA THR B 157 -25.52 11.28 -3.25
C THR B 157 -25.23 10.77 -1.81
N VAL B 158 -24.77 9.53 -1.68
CA VAL B 158 -24.43 9.01 -0.35
C VAL B 158 -22.92 8.96 -0.22
N CYS B 159 -22.38 9.57 0.84
CA CYS B 159 -20.93 9.65 1.05
C CYS B 159 -20.45 9.03 2.32
N GLU B 160 -19.19 8.63 2.36
CA GLU B 160 -18.53 8.04 3.53
C GLU B 160 -17.23 8.80 3.84
N TRP B 161 -16.97 9.01 5.12
CA TRP B 161 -15.74 9.67 5.58
C TRP B 161 -14.43 8.83 5.35
N PRO B 162 -13.25 9.48 5.40
CA PRO B 162 -12.01 8.73 5.17
C PRO B 162 -11.75 7.58 6.13
N SER B 163 -11.89 7.78 7.46
CA SER B 163 -11.62 6.75 8.48
C SER B 163 -12.82 6.47 9.39
N ASP B 164 -13.88 7.31 9.37
CA ASP B 164 -15.06 7.11 10.20
C ASP B 164 -16.04 6.17 9.54
N ALA B 165 -16.14 4.93 10.04
CA ALA B 165 -17.03 3.96 9.44
C ALA B 165 -18.40 3.91 10.12
N SER B 166 -18.55 4.61 11.26
CA SER B 166 -19.77 4.65 12.03
C SER B 166 -20.95 5.41 11.37
N LYS B 167 -20.67 6.42 10.53
CA LYS B 167 -21.72 7.24 9.89
C LYS B 167 -21.57 7.34 8.36
N VAL B 168 -22.66 7.80 7.68
CA VAL B 168 -22.78 8.10 6.24
C VAL B 168 -23.51 9.46 6.08
N ILE B 169 -23.43 10.12 4.91
CA ILE B 169 -24.05 11.44 4.65
C ILE B 169 -24.82 11.36 3.36
N VAL B 170 -26.08 11.84 3.36
CA VAL B 170 -26.91 11.85 2.17
C VAL B 170 -27.14 13.29 1.74
N PHE B 171 -26.66 13.65 0.56
CA PHE B 171 -26.85 15.01 0.07
C PHE B 171 -27.83 14.88 -1.05
N GLY B 172 -28.99 15.49 -0.89
CA GLY B 172 -29.97 15.54 -1.95
C GLY B 172 -30.29 16.97 -2.28
N PHE B 173 -30.51 17.27 -3.57
CA PHE B 173 -30.87 18.62 -4.01
C PHE B 173 -31.76 18.56 -5.20
N ASN B 174 -32.61 19.53 -5.38
CA ASN B 174 -33.46 19.57 -6.56
C ASN B 174 -32.83 20.48 -7.62
N THR B 175 -33.16 20.25 -8.91
CA THR B 175 -32.68 21.05 -10.05
C THR B 175 -32.93 22.58 -9.80
N ARG B 176 -34.11 22.92 -9.21
CA ARG B 176 -34.56 24.27 -8.86
C ARG B 176 -35.69 24.19 -7.84
N SER B 177 -35.71 25.13 -6.87
CA SER B 177 -36.72 25.18 -5.79
C SER B 177 -38.14 25.53 -6.26
N ALA B 178 -39.13 25.48 -5.33
CA ALA B 178 -40.54 25.79 -5.59
C ALA B 178 -41.15 26.69 -4.47
N ASN B 179 -42.06 27.60 -4.85
CA ASN B 179 -42.74 28.52 -3.94
C ASN B 179 -44.09 28.89 -4.52
N MET B 187 -45.56 24.37 -5.25
CA MET B 187 -46.11 23.87 -6.51
C MET B 187 -45.40 24.45 -7.75
N MET B 188 -45.38 25.81 -7.90
CA MET B 188 -44.75 26.56 -9.02
C MET B 188 -43.22 26.62 -8.86
N SER B 189 -42.46 26.27 -9.94
CA SER B 189 -40.98 26.26 -9.92
C SER B 189 -40.38 27.67 -9.83
N ASP B 190 -39.63 27.90 -8.74
CA ASP B 190 -38.96 29.16 -8.44
C ASP B 190 -37.48 29.12 -8.78
N GLU B 191 -37.04 30.02 -9.68
CA GLU B 191 -35.64 30.16 -10.09
C GLU B 191 -34.83 30.86 -8.98
N ASN B 192 -33.56 31.21 -9.22
CA ASN B 192 -32.70 31.95 -8.29
C ASN B 192 -32.69 31.45 -6.81
N HIS B 193 -33.18 30.23 -6.56
CA HIS B 193 -33.24 29.56 -5.25
C HIS B 193 -33.21 28.05 -5.41
N ARG B 194 -32.48 27.35 -4.54
CA ARG B 194 -32.35 25.90 -4.60
C ARG B 194 -32.33 25.30 -3.21
N ASP B 195 -32.93 24.12 -3.05
CA ASP B 195 -33.00 23.44 -1.76
C ASP B 195 -31.94 22.36 -1.62
N ILE B 196 -31.14 22.40 -0.57
CA ILE B 196 -30.13 21.38 -0.27
C ILE B 196 -30.61 20.63 0.98
N TYR B 197 -30.62 19.30 0.93
CA TYR B 197 -31.07 18.45 2.01
C TYR B 197 -29.91 17.56 2.39
N VAL B 198 -29.54 17.55 3.67
CA VAL B 198 -28.41 16.71 4.08
C VAL B 198 -28.82 15.93 5.36
N SER B 199 -28.53 14.60 5.38
CA SER B 199 -28.83 13.69 6.49
C SER B 199 -27.61 12.89 6.89
N THR B 200 -27.30 12.83 8.19
CA THR B 200 -26.20 12.02 8.74
C THR B 200 -26.82 10.77 9.42
N VAL B 201 -26.58 9.60 8.84
CA VAL B 201 -27.16 8.36 9.33
C VAL B 201 -26.10 7.42 9.86
N ALA B 202 -26.37 6.84 11.04
CA ALA B 202 -25.51 5.86 11.71
C ALA B 202 -25.65 4.51 11.00
N VAL B 203 -24.52 3.86 10.69
CA VAL B 203 -24.54 2.58 10.01
C VAL B 203 -24.82 1.46 11.04
N PRO B 204 -25.34 0.29 10.58
CA PRO B 204 -25.62 -0.81 11.52
C PRO B 204 -24.39 -1.31 12.31
N PRO B 205 -24.56 -1.89 13.51
CA PRO B 205 -23.39 -2.36 14.27
C PRO B 205 -22.59 -3.45 13.56
N PRO B 206 -21.25 -3.40 13.63
CA PRO B 206 -20.44 -4.45 12.96
C PRO B 206 -20.57 -5.85 13.61
N GLY B 207 -20.56 -5.87 14.94
CA GLY B 207 -20.69 -7.11 15.68
C GLY B 207 -21.69 -7.00 16.79
N ARG B 208 -21.47 -7.80 17.84
CA ARG B 208 -22.28 -7.85 19.06
C ARG B 208 -22.08 -6.53 19.81
N CYS B 209 -23.16 -5.77 20.01
CA CYS B 209 -23.11 -4.49 20.72
C CYS B 209 -23.90 -4.65 22.00
N ALA B 210 -23.22 -4.44 23.16
CA ALA B 210 -23.83 -4.63 24.48
C ALA B 210 -24.97 -3.67 24.78
N ALA B 211 -24.87 -2.42 24.27
CA ALA B 211 -25.90 -1.42 24.46
C ALA B 211 -27.09 -1.64 23.52
N CYS B 212 -26.83 -2.24 22.34
CA CYS B 212 -27.85 -2.58 21.33
C CYS B 212 -28.73 -3.71 21.84
N GLN B 213 -28.10 -4.74 22.46
CA GLN B 213 -28.74 -5.92 23.04
C GLN B 213 -29.90 -5.58 24.00
N ASP B 214 -29.79 -4.43 24.71
CA ASP B 214 -30.83 -3.89 25.58
C ASP B 214 -31.93 -3.34 24.66
N ALA B 215 -33.07 -4.08 24.62
CA ALA B 215 -34.22 -3.79 23.76
C ALA B 215 -35.56 -4.10 24.45
N SER B 216 -36.64 -3.50 23.89
CA SER B 216 -38.05 -3.61 24.30
C SER B 216 -38.95 -3.53 23.05
N ASN B 224 -36.99 -3.23 16.34
CA ASN B 224 -35.63 -2.95 15.82
C ASN B 224 -34.91 -1.82 16.63
N ALA B 225 -34.81 -2.08 17.97
CA ALA B 225 -34.22 -1.23 18.99
C ALA B 225 -32.70 -1.26 18.89
N GLN B 226 -32.11 -0.09 18.64
CA GLN B 226 -30.67 0.11 18.47
C GLN B 226 -30.20 1.32 19.26
N CYS B 227 -29.10 1.17 20.01
CA CYS B 227 -28.48 2.22 20.84
C CYS B 227 -28.14 3.49 20.04
N LEU B 228 -27.93 4.62 20.72
CA LEU B 228 -27.61 5.92 20.12
C LEU B 228 -26.36 5.88 19.25
N ARG B 229 -25.29 5.20 19.71
CA ARG B 229 -24.03 5.07 18.99
C ARG B 229 -24.23 4.41 17.63
N HIS B 230 -25.04 3.33 17.58
CA HIS B 230 -25.31 2.54 16.38
C HIS B 230 -26.75 2.68 15.88
N GLY B 231 -27.38 3.80 16.18
CA GLY B 231 -28.77 4.04 15.80
C GLY B 231 -29.30 5.43 16.10
N PHE B 232 -28.80 6.40 15.33
CA PHE B 232 -29.20 7.79 15.36
C PHE B 232 -29.28 8.31 13.91
N MET B 233 -29.90 9.47 13.73
CA MET B 233 -30.09 10.13 12.45
C MET B 233 -30.09 11.63 12.66
N LEU B 234 -29.51 12.37 11.73
CA LEU B 234 -29.45 13.83 11.81
C LEU B 234 -29.93 14.43 10.48
N HIS B 235 -30.79 15.46 10.54
CA HIS B 235 -31.34 16.08 9.34
C HIS B 235 -31.14 17.58 9.32
N THR B 236 -30.98 18.17 8.13
CA THR B 236 -30.83 19.61 7.91
C THR B 236 -31.23 19.99 6.46
N LYS B 237 -31.52 21.27 6.24
CA LYS B 237 -31.97 21.82 4.96
C LYS B 237 -31.63 23.31 4.92
N TYR B 238 -31.07 23.74 3.78
CA TYR B 238 -30.71 25.13 3.56
C TYR B 238 -30.97 25.54 2.13
N GLN B 239 -31.41 26.80 1.94
CA GLN B 239 -31.64 27.43 0.65
C GLN B 239 -30.37 28.21 0.25
N VAL B 240 -29.96 27.97 -1.02
CA VAL B 240 -28.81 28.59 -1.68
C VAL B 240 -29.31 29.53 -2.80
N VAL B 241 -28.46 30.51 -3.17
CA VAL B 241 -28.77 31.50 -4.20
C VAL B 241 -27.74 31.47 -5.34
N TYR B 242 -27.93 32.30 -6.38
CA TYR B 242 -27.02 32.33 -7.54
C TYR B 242 -25.74 33.15 -7.25
N PRO B 243 -24.51 32.72 -7.66
CA PRO B 243 -24.18 31.45 -8.33
C PRO B 243 -24.33 30.29 -7.37
N PHE B 244 -25.03 29.21 -7.79
CA PHE B 244 -25.32 28.09 -6.91
C PHE B 244 -24.03 27.42 -6.48
N PRO B 245 -23.78 27.29 -5.14
CA PRO B 245 -22.51 26.70 -4.67
C PRO B 245 -22.15 25.34 -5.27
N THR B 246 -20.85 25.10 -5.43
CA THR B 246 -20.39 23.87 -6.02
C THR B 246 -20.43 22.72 -5.00
N PHE B 247 -20.72 21.50 -5.51
CA PHE B 247 -20.72 20.30 -4.71
C PHE B 247 -19.29 19.77 -4.77
N GLN B 248 -18.64 19.70 -3.62
CA GLN B 248 -17.25 19.33 -3.42
C GLN B 248 -17.15 18.20 -2.39
N PRO B 249 -17.63 16.99 -2.71
CA PRO B 249 -17.70 15.96 -1.65
C PRO B 249 -16.38 15.47 -1.06
N ALA B 250 -15.30 15.48 -1.82
CA ALA B 250 -14.02 15.02 -1.31
C ALA B 250 -13.42 15.96 -0.28
N PHE B 251 -13.63 17.29 -0.48
CA PHE B 251 -13.10 18.30 0.43
C PHE B 251 -14.05 18.50 1.59
N GLN B 252 -15.38 18.56 1.32
CA GLN B 252 -16.38 18.77 2.34
C GLN B 252 -16.31 17.75 3.47
N LEU B 253 -15.90 16.52 3.14
CA LEU B 253 -15.77 15.46 4.13
C LEU B 253 -14.30 14.98 4.36
N LYS B 254 -13.27 15.80 3.97
CA LYS B 254 -11.85 15.52 4.20
C LYS B 254 -11.50 15.38 5.67
N LYS B 255 -12.14 16.19 6.56
CA LYS B 255 -11.96 16.09 8.02
C LYS B 255 -12.95 15.04 8.51
N ASP B 256 -12.42 14.03 9.17
CA ASP B 256 -13.07 12.79 9.58
C ASP B 256 -14.44 12.87 10.26
N GLN B 257 -14.81 13.93 10.94
CA GLN B 257 -16.16 13.86 11.54
C GLN B 257 -17.00 15.10 11.22
N VAL B 258 -16.52 15.89 10.23
CA VAL B 258 -17.07 17.18 9.84
C VAL B 258 -17.59 17.17 8.40
N VAL B 259 -18.61 17.99 8.15
CA VAL B 259 -19.20 18.25 6.84
C VAL B 259 -19.06 19.76 6.73
N LEU B 260 -18.48 20.26 5.64
CA LEU B 260 -18.41 21.69 5.42
C LEU B 260 -19.58 22.00 4.44
N LEU B 261 -20.52 22.85 4.85
CA LEU B 261 -21.65 23.19 4.01
C LEU B 261 -21.66 24.65 3.56
N ASN B 262 -21.59 24.89 2.24
CA ASN B 262 -21.63 26.25 1.69
C ASN B 262 -23.11 26.64 1.52
N THR B 263 -23.58 27.53 2.41
CA THR B 263 -24.97 28.00 2.44
C THR B 263 -25.16 29.26 1.59
N SER B 264 -24.18 29.56 0.71
CA SER B 264 -24.10 30.75 -0.15
C SER B 264 -23.59 31.99 0.59
N TYR B 265 -24.06 32.17 1.84
CA TYR B 265 -23.78 33.29 2.74
C TYR B 265 -22.74 33.01 3.82
N SER B 266 -22.54 31.72 4.14
CA SER B 266 -21.58 31.27 5.14
C SER B 266 -21.17 29.81 4.90
N LEU B 267 -20.04 29.39 5.47
CA LEU B 267 -19.55 28.01 5.40
C LEU B 267 -19.72 27.48 6.82
N VAL B 268 -20.47 26.40 6.99
CA VAL B 268 -20.71 25.84 8.31
C VAL B 268 -19.96 24.54 8.49
N ALA B 269 -19.18 24.44 9.57
CA ALA B 269 -18.41 23.25 9.95
C ALA B 269 -19.31 22.43 10.90
N CYS B 270 -19.80 21.29 10.41
CA CYS B 270 -20.74 20.51 11.15
C CYS B 270 -20.24 19.13 11.62
N ALA B 271 -20.01 19.04 12.95
CA ALA B 271 -19.48 17.85 13.60
C ALA B 271 -20.50 17.11 14.44
N VAL B 272 -20.69 15.82 14.18
CA VAL B 272 -21.58 14.94 14.93
C VAL B 272 -20.74 13.82 15.50
N SER B 273 -20.82 13.62 16.83
CA SER B 273 -20.04 12.58 17.51
C SER B 273 -20.75 12.01 18.72
N VAL B 274 -20.76 10.66 18.86
CA VAL B 274 -21.38 9.95 19.98
C VAL B 274 -20.33 9.53 21.01
N HIS B 275 -20.57 9.90 22.29
CA HIS B 275 -19.69 9.58 23.43
C HIS B 275 -20.50 8.88 24.50
N GLU C 46 -14.43 34.67 20.22
CA GLU C 46 -14.05 36.08 20.39
C GLU C 46 -14.26 36.93 19.12
N PRO C 47 -13.86 36.52 17.88
CA PRO C 47 -14.14 37.38 16.71
C PRO C 47 -15.64 37.40 16.32
N GLY C 48 -16.03 38.46 15.61
CA GLY C 48 -17.40 38.65 15.16
C GLY C 48 -17.76 37.83 13.93
N TYR C 49 -16.74 37.39 13.16
CA TYR C 49 -16.94 36.58 11.95
C TYR C 49 -17.21 35.11 12.22
N VAL C 50 -16.99 34.67 13.47
CA VAL C 50 -17.18 33.29 13.86
C VAL C 50 -18.35 33.17 14.83
N ASN C 51 -19.08 32.04 14.73
CA ASN C 51 -20.22 31.65 15.52
C ASN C 51 -20.15 30.17 15.81
N TYR C 52 -20.14 29.81 17.09
CA TYR C 52 -20.09 28.44 17.57
C TYR C 52 -21.29 28.10 18.46
N THR C 53 -21.90 26.94 18.19
CA THR C 53 -23.05 26.39 18.91
C THR C 53 -22.83 24.89 19.15
N LYS C 54 -23.15 24.44 20.35
CA LYS C 54 -22.96 23.04 20.74
C LYS C 54 -24.21 22.56 21.48
N LEU C 55 -24.73 21.39 21.04
CA LEU C 55 -25.92 20.77 21.61
C LEU C 55 -25.75 19.28 21.84
N TYR C 56 -26.16 18.81 23.04
CA TYR C 56 -26.07 17.40 23.46
C TYR C 56 -27.43 16.71 23.37
N TYR C 57 -27.43 15.39 23.09
CA TYR C 57 -28.67 14.62 22.93
C TYR C 57 -28.59 13.20 23.53
N VAL C 58 -29.76 12.69 23.99
CA VAL C 58 -29.95 11.34 24.56
C VAL C 58 -31.37 10.81 24.28
N LEU C 59 -31.50 9.47 24.19
CA LEU C 59 -32.76 8.77 23.91
C LEU C 59 -33.82 8.93 25.01
N SER C 77 -25.64 29.38 11.49
CA SER C 77 -26.62 28.57 12.21
C SER C 77 -27.52 27.82 11.21
N LEU C 78 -27.67 26.49 11.43
CA LEU C 78 -28.53 25.60 10.64
C LEU C 78 -29.52 24.82 11.52
N PRO C 79 -30.77 24.65 11.08
CA PRO C 79 -31.71 23.90 11.91
C PRO C 79 -31.50 22.39 11.78
N PHE C 80 -31.52 21.67 12.92
CA PHE C 80 -31.31 20.23 12.98
C PHE C 80 -32.47 19.47 13.54
N VAL C 81 -32.88 18.43 12.82
CA VAL C 81 -33.99 17.57 13.24
C VAL C 81 -33.36 16.22 13.61
N VAL C 82 -32.48 16.23 14.62
CA VAL C 82 -31.81 15.03 15.14
C VAL C 82 -32.85 14.05 15.72
N THR C 83 -32.87 12.83 15.20
CA THR C 83 -33.82 11.79 15.56
C THR C 83 -33.17 10.41 15.70
N ASP C 84 -33.95 9.41 16.12
CA ASP C 84 -33.49 8.02 16.19
C ASP C 84 -33.80 7.40 14.85
N LEU C 85 -33.71 6.08 14.72
CA LEU C 85 -33.96 5.47 13.41
C LEU C 85 -35.45 5.38 13.07
N ARG C 86 -36.31 5.57 14.08
CA ARG C 86 -37.77 5.54 13.94
C ARG C 86 -38.31 6.95 13.57
N GLY C 87 -38.38 7.87 14.54
CA GLY C 87 -38.86 9.23 14.27
C GLY C 87 -38.88 10.21 15.42
N ARG C 88 -38.58 9.76 16.65
CA ARG C 88 -38.56 10.58 17.87
C ARG C 88 -37.40 11.59 17.87
N ASN C 89 -37.73 12.88 18.02
CA ASN C 89 -36.81 14.02 17.94
C ASN C 89 -35.80 14.14 19.09
N LEU C 90 -35.60 13.05 19.87
CA LEU C 90 -34.65 12.97 20.98
C LEU C 90 -34.87 14.08 22.03
N ARG C 91 -33.80 14.57 22.68
CA ARG C 91 -33.94 15.59 23.71
C ARG C 91 -32.91 16.72 23.53
N PRO C 92 -33.30 17.91 22.99
CA PRO C 92 -32.32 19.00 22.83
C PRO C 92 -31.98 19.67 24.17
N MET C 93 -30.71 19.49 24.64
CA MET C 93 -30.21 20.02 25.92
C MET C 93 -28.68 20.20 25.99
N ARG C 94 -28.18 20.73 27.14
CA ARG C 94 -26.76 20.95 27.46
C ARG C 94 -26.50 20.46 28.89
N GLU C 95 -27.58 19.99 29.56
CA GLU C 95 -27.65 19.53 30.94
C GLU C 95 -26.69 18.37 31.31
N ARG C 96 -26.58 18.15 32.63
CA ARG C 96 -25.70 17.18 33.29
C ARG C 96 -26.18 15.75 33.22
N THR C 97 -25.30 14.89 32.67
CA THR C 97 -25.44 13.44 32.55
C THR C 97 -24.04 12.90 32.85
N ALA C 98 -23.74 12.79 34.18
CA ALA C 98 -22.46 12.33 34.76
C ALA C 98 -22.03 10.97 34.21
N VAL C 99 -20.73 10.85 33.88
CA VAL C 99 -20.04 9.68 33.27
C VAL C 99 -20.40 9.59 31.75
N GLN C 100 -19.46 9.10 30.90
CA GLN C 100 -19.66 8.92 29.45
C GLN C 100 -20.66 7.75 29.23
N GLY C 101 -21.95 8.03 29.47
CA GLY C 101 -23.04 7.07 29.39
C GLY C 101 -23.87 7.17 28.12
N GLN C 102 -23.17 7.26 26.96
CA GLN C 102 -23.69 7.35 25.59
C GLN C 102 -24.59 8.58 25.37
N TYR C 103 -24.00 9.62 24.75
CA TYR C 103 -24.66 10.89 24.43
C TYR C 103 -24.15 11.42 23.09
N LEU C 104 -25.03 12.13 22.38
CA LEU C 104 -24.72 12.73 21.09
C LEU C 104 -24.19 14.15 21.26
N THR C 105 -23.30 14.59 20.36
CA THR C 105 -22.73 15.93 20.42
C THR C 105 -22.71 16.53 19.02
N VAL C 106 -23.51 17.60 18.80
CA VAL C 106 -23.49 18.29 17.52
C VAL C 106 -22.81 19.64 17.68
N GLU C 107 -21.97 20.00 16.72
CA GLU C 107 -21.23 21.26 16.77
C GLU C 107 -21.43 22.00 15.46
N GLN C 108 -21.42 23.33 15.54
CA GLN C 108 -21.62 24.18 14.38
C GLN C 108 -20.74 25.41 14.44
N LEU C 109 -19.64 25.42 13.62
CA LEU C 109 -18.73 26.56 13.50
C LEU C 109 -18.99 27.23 12.16
N THR C 110 -19.57 28.45 12.18
CA THR C 110 -19.90 29.19 10.96
C THR C 110 -18.84 30.27 10.61
N LEU C 111 -18.73 30.60 9.32
CA LEU C 111 -17.82 31.62 8.80
C LEU C 111 -18.59 32.56 7.86
N ASP C 112 -18.95 33.80 8.36
CA ASP C 112 -19.68 34.81 7.58
C ASP C 112 -18.82 35.35 6.43
N PHE C 113 -19.08 34.90 5.16
CA PHE C 113 -18.34 35.33 3.97
C PHE C 113 -18.37 36.82 3.83
N GLU C 114 -19.57 37.44 4.01
CA GLU C 114 -19.64 38.89 3.88
C GLU C 114 -18.74 39.64 4.86
N TYR C 115 -18.49 39.10 6.07
CA TYR C 115 -17.57 39.73 7.01
C TYR C 115 -16.13 39.59 6.52
N VAL C 116 -15.72 38.36 6.18
CA VAL C 116 -14.39 38.03 5.67
C VAL C 116 -14.02 38.95 4.50
N ILE C 117 -14.90 39.04 3.45
CA ILE C 117 -14.72 39.88 2.27
C ILE C 117 -14.44 41.30 2.67
N ASN C 118 -15.29 41.86 3.55
CA ASN C 118 -15.11 43.24 3.98
C ASN C 118 -13.83 43.43 4.72
N GLU C 119 -13.44 42.47 5.58
CA GLU C 119 -12.20 42.55 6.38
C GLU C 119 -10.92 42.49 5.52
N VAL C 120 -10.90 41.61 4.48
CA VAL C 120 -9.74 41.47 3.62
C VAL C 120 -9.64 42.65 2.67
N ILE C 121 -10.77 43.25 2.21
CA ILE C 121 -10.68 44.43 1.32
C ILE C 121 -10.12 45.65 2.09
N ARG C 122 -10.58 45.79 3.33
CA ARG C 122 -10.21 46.86 4.25
C ARG C 122 -8.73 46.81 4.61
N HIS C 123 -8.21 45.68 5.05
CA HIS C 123 -6.84 45.59 5.55
C HIS C 123 -5.79 44.97 4.64
N ASP C 124 -6.19 44.13 3.67
CA ASP C 124 -5.18 43.41 2.89
C ASP C 124 -5.21 43.63 1.37
N ALA C 125 -6.07 44.52 0.87
CA ALA C 125 -6.11 44.81 -0.56
C ALA C 125 -5.49 46.20 -0.81
N THR C 126 -4.47 46.28 -1.69
CA THR C 126 -3.78 47.54 -2.08
C THR C 126 -4.76 48.46 -2.82
N TRP C 127 -5.69 47.84 -3.55
CA TRP C 127 -6.76 48.52 -4.28
C TRP C 127 -7.97 48.82 -3.37
N GLY C 128 -7.83 48.54 -2.07
CA GLY C 128 -8.86 48.71 -1.06
C GLY C 128 -9.47 50.09 -0.99
N HIS C 129 -8.67 51.13 -1.28
CA HIS C 129 -9.12 52.53 -1.28
C HIS C 129 -10.10 52.80 -2.44
N GLN C 130 -9.90 52.11 -3.58
CA GLN C 130 -10.68 52.22 -4.82
C GLN C 130 -12.08 51.61 -4.71
N PHE C 131 -12.23 50.62 -3.84
CA PHE C 131 -13.45 49.85 -3.59
C PHE C 131 -14.68 50.66 -3.27
N CYS C 132 -15.82 50.28 -3.83
CA CYS C 132 -17.10 50.92 -3.51
C CYS C 132 -18.03 49.95 -2.78
N SER C 133 -18.45 48.87 -3.48
CA SER C 133 -19.31 47.82 -2.94
C SER C 133 -19.11 46.55 -3.75
N PHE C 134 -19.49 45.41 -3.19
CA PHE C 134 -19.42 44.14 -3.92
C PHE C 134 -20.85 43.60 -4.10
N SER C 135 -21.06 42.82 -5.17
CA SER C 135 -22.33 42.22 -5.55
C SER C 135 -22.30 40.75 -5.11
N ASP C 136 -22.33 39.81 -6.08
CA ASP C 136 -22.31 38.38 -5.83
C ASP C 136 -20.89 37.93 -5.50
N TYR C 137 -20.80 36.76 -4.84
CA TYR C 137 -19.56 36.10 -4.45
C TYR C 137 -19.72 34.60 -4.54
N ASP C 138 -18.66 33.92 -4.98
CA ASP C 138 -18.68 32.47 -5.11
C ASP C 138 -17.54 31.89 -4.33
N ILE C 139 -17.84 31.01 -3.37
CA ILE C 139 -16.80 30.39 -2.54
C ILE C 139 -16.55 28.97 -2.95
N VAL C 140 -15.28 28.68 -3.30
CA VAL C 140 -14.85 27.32 -3.68
C VAL C 140 -13.75 26.88 -2.71
N ILE C 141 -13.89 25.66 -2.11
CA ILE C 141 -12.83 25.12 -1.21
C ILE C 141 -11.66 24.65 -2.08
N LEU C 142 -10.43 25.11 -1.78
CA LEU C 142 -9.23 24.71 -2.51
C LEU C 142 -8.50 23.55 -1.81
N GLU C 143 -8.51 23.53 -0.46
CA GLU C 143 -7.88 22.46 0.34
C GLU C 143 -8.48 22.35 1.77
N VAL C 144 -8.38 21.14 2.36
CA VAL C 144 -8.81 20.85 3.73
C VAL C 144 -7.66 20.05 4.34
N CYS C 145 -7.01 20.60 5.36
CA CYS C 145 -5.90 19.92 6.03
C CYS C 145 -6.41 19.37 7.38
N PRO C 146 -6.81 18.08 7.49
CA PRO C 146 -7.39 17.59 8.75
C PRO C 146 -6.42 17.49 9.95
N GLU C 147 -5.12 17.49 9.67
CA GLU C 147 -4.12 17.40 10.73
C GLU C 147 -3.88 18.75 11.36
N THR C 148 -4.00 19.84 10.58
CA THR C 148 -3.82 21.20 11.13
C THR C 148 -5.18 21.92 11.29
N ASN C 149 -6.29 21.23 10.94
CA ASN C 149 -7.68 21.75 10.98
C ASN C 149 -7.82 23.09 10.25
N GLN C 150 -7.33 23.12 9.01
CA GLN C 150 -7.33 24.35 8.22
C GLN C 150 -8.08 24.16 6.92
N VAL C 151 -8.97 25.13 6.63
CA VAL C 151 -9.78 25.10 5.42
C VAL C 151 -9.32 26.25 4.52
N LEU C 152 -8.79 25.92 3.35
CA LEU C 152 -8.38 26.93 2.38
C LEU C 152 -9.52 27.22 1.42
N ILE C 153 -10.09 28.40 1.52
CA ILE C 153 -11.17 28.79 0.62
C ILE C 153 -10.72 29.88 -0.36
N ASN C 154 -11.28 29.84 -1.58
CA ASN C 154 -11.08 30.86 -2.58
C ASN C 154 -12.40 31.62 -2.65
N ILE C 155 -12.34 32.96 -2.65
CA ILE C 155 -13.52 33.84 -2.71
C ILE C 155 -13.56 34.65 -4.02
N GLY C 156 -14.42 34.23 -4.95
CA GLY C 156 -14.61 34.89 -6.24
C GLY C 156 -15.53 36.05 -6.03
N LEU C 157 -15.19 37.22 -6.60
CA LEU C 157 -15.94 38.43 -6.28
C LEU C 157 -16.22 39.39 -7.42
N LEU C 158 -17.49 39.77 -7.55
CA LEU C 158 -17.96 40.84 -8.44
C LEU C 158 -18.09 42.14 -7.61
N LEU C 159 -17.36 43.19 -7.99
CA LEU C 159 -17.38 44.41 -7.20
C LEU C 159 -17.48 45.67 -8.03
N LEU C 160 -17.55 46.81 -7.37
CA LEU C 160 -17.58 48.13 -7.96
C LEU C 160 -16.39 48.87 -7.39
N ALA C 161 -15.61 49.55 -8.23
CA ALA C 161 -14.45 50.31 -7.80
C ALA C 161 -14.03 51.35 -8.80
N PHE C 162 -13.32 52.38 -8.34
CA PHE C 162 -12.74 53.38 -9.21
C PHE C 162 -11.45 52.79 -9.78
N PRO C 163 -11.01 53.16 -11.00
CA PRO C 163 -9.76 52.58 -11.53
C PRO C 163 -8.54 53.36 -11.02
N SER C 164 -7.35 53.13 -11.62
CA SER C 164 -6.10 53.83 -11.33
C SER C 164 -6.29 55.37 -11.63
N PRO C 165 -5.42 56.32 -11.14
CA PRO C 165 -5.67 57.77 -11.40
C PRO C 165 -5.65 58.22 -12.89
N THR C 166 -5.47 57.25 -13.82
CA THR C 166 -5.46 57.40 -15.28
C THR C 166 -6.81 57.91 -15.80
N LEU C 171 -12.33 60.78 -13.53
CA LEU C 171 -12.40 59.37 -13.13
C LEU C 171 -13.78 58.80 -13.52
N ARG C 172 -14.14 57.51 -13.13
CA ARG C 172 -15.44 56.83 -13.34
C ARG C 172 -15.49 55.44 -12.62
N PRO C 173 -16.53 55.10 -11.82
CA PRO C 173 -16.54 53.77 -11.14
C PRO C 173 -16.89 52.63 -12.09
N LYS C 174 -16.19 51.47 -11.99
CA LYS C 174 -16.37 50.29 -12.90
C LYS C 174 -16.62 48.98 -12.15
N THR C 175 -17.21 47.96 -12.85
CA THR C 175 -17.46 46.61 -12.33
C THR C 175 -16.19 45.82 -12.62
N TYR C 176 -15.67 45.13 -11.60
CA TYR C 176 -14.46 44.32 -11.67
C TYR C 176 -14.70 42.93 -11.11
N HIS C 177 -13.71 42.04 -11.29
CA HIS C 177 -13.70 40.69 -10.76
C HIS C 177 -12.34 40.44 -10.08
N THR C 178 -12.37 39.80 -8.91
CA THR C 178 -11.16 39.46 -8.20
C THR C 178 -11.34 38.11 -7.38
N SER C 179 -10.23 37.61 -6.82
CA SER C 179 -10.16 36.36 -6.08
C SER C 179 -9.48 36.62 -4.73
N LEU C 180 -10.05 36.05 -3.65
CA LEU C 180 -9.49 36.18 -2.30
C LEU C 180 -9.24 34.78 -1.67
N LYS C 181 -7.97 34.40 -1.50
CA LYS C 181 -7.66 33.14 -0.86
C LYS C 181 -7.54 33.45 0.67
N VAL C 182 -8.21 32.62 1.50
CA VAL C 182 -8.29 32.78 2.95
C VAL C 182 -8.20 31.40 3.61
N ALA C 183 -7.36 31.28 4.65
CA ALA C 183 -7.17 30.02 5.41
C ALA C 183 -7.97 30.17 6.67
N TRP C 184 -8.87 29.22 6.93
CA TRP C 184 -9.75 29.24 8.09
C TRP C 184 -9.41 28.13 9.05
N ASP C 185 -8.93 28.49 10.27
CA ASP C 185 -8.57 27.57 11.37
C ASP C 185 -9.82 27.09 12.09
N LEU C 186 -10.00 25.78 12.20
CA LEU C 186 -11.20 25.23 12.82
C LEU C 186 -11.07 25.12 14.34
N ASN C 187 -9.83 25.05 14.86
CA ASN C 187 -9.59 25.01 16.32
C ASN C 187 -9.92 26.42 16.92
N THR C 188 -9.32 27.50 16.33
CA THR C 188 -9.48 28.90 16.74
C THR C 188 -10.73 29.59 16.15
N GLY C 189 -11.11 29.23 14.92
CA GLY C 189 -12.25 29.84 14.24
C GLY C 189 -11.83 31.07 13.46
N ILE C 190 -10.58 31.52 13.71
CA ILE C 190 -9.90 32.68 13.12
C ILE C 190 -9.44 32.40 11.70
N PHE C 191 -9.73 33.35 10.79
CA PHE C 191 -9.28 33.26 9.39
C PHE C 191 -8.02 34.14 9.24
N GLU C 192 -7.27 33.91 8.19
CA GLU C 192 -6.03 34.58 7.88
C GLU C 192 -6.03 34.69 6.38
N THR C 193 -5.71 35.86 5.84
CA THR C 193 -5.71 35.99 4.38
C THR C 193 -4.36 35.54 3.82
N VAL C 194 -4.39 34.74 2.73
CA VAL C 194 -3.18 34.20 2.07
C VAL C 194 -2.96 34.75 0.65
N SER C 195 -3.95 35.38 0.01
CA SER C 195 -3.82 35.95 -1.33
C SER C 195 -4.98 36.90 -1.66
N VAL C 196 -4.65 38.03 -2.30
CA VAL C 196 -5.58 39.06 -2.77
C VAL C 196 -5.28 39.33 -4.25
N GLY C 197 -6.26 39.00 -5.09
CA GLY C 197 -6.11 39.12 -6.52
C GLY C 197 -6.07 40.53 -7.02
N ASP C 198 -5.67 40.67 -8.27
CA ASP C 198 -5.65 41.96 -8.92
C ASP C 198 -7.05 42.25 -9.46
N LEU C 199 -7.41 43.52 -9.57
CA LEU C 199 -8.71 43.94 -10.04
C LEU C 199 -8.80 43.84 -11.59
N THR C 200 -9.46 42.81 -12.09
CA THR C 200 -9.63 42.61 -13.53
C THR C 200 -11.03 43.04 -13.97
N GLU C 201 -11.11 43.95 -14.96
CA GLU C 201 -12.35 44.53 -15.51
C GLU C 201 -13.24 43.49 -16.16
N VAL C 202 -14.56 43.67 -16.02
CA VAL C 202 -15.59 42.81 -16.61
C VAL C 202 -16.18 43.65 -17.76
N LYS C 203 -15.67 43.42 -18.95
CA LYS C 203 -16.09 44.15 -20.13
C LYS C 203 -16.87 43.18 -21.00
N GLY C 204 -18.15 43.51 -21.20
CA GLY C 204 -19.06 42.77 -22.06
C GLY C 204 -19.24 41.28 -21.84
N GLN C 205 -18.73 40.72 -20.70
CA GLN C 205 -18.89 39.30 -20.34
C GLN C 205 -19.98 39.19 -19.28
N THR C 206 -20.87 38.21 -19.41
CA THR C 206 -22.02 38.04 -18.52
C THR C 206 -21.63 37.49 -17.14
N SER C 207 -22.62 37.40 -16.23
CA SER C 207 -22.48 36.90 -14.87
C SER C 207 -22.09 35.43 -14.88
N GLY C 208 -22.69 34.71 -15.80
CA GLY C 208 -22.40 33.29 -15.97
C GLY C 208 -21.02 33.05 -16.50
N SER C 209 -20.58 33.91 -17.44
CA SER C 209 -19.27 33.86 -18.08
C SER C 209 -18.15 34.06 -17.06
N VAL C 210 -18.33 34.99 -16.10
CA VAL C 210 -17.32 35.31 -15.09
C VAL C 210 -17.22 34.21 -14.00
N TRP C 211 -18.35 33.58 -13.59
CA TRP C 211 -18.34 32.51 -12.59
C TRP C 211 -17.81 31.19 -13.16
N SER C 212 -18.04 30.96 -14.48
CA SER C 212 -17.55 29.79 -15.19
C SER C 212 -16.03 29.85 -15.25
N SER C 213 -15.47 31.01 -15.66
CA SER C 213 -14.03 31.27 -15.75
C SER C 213 -13.36 31.17 -14.38
N TYR C 214 -14.08 31.58 -13.31
CA TYR C 214 -13.53 31.57 -11.97
C TYR C 214 -13.40 30.09 -11.50
N ARG C 215 -14.51 29.34 -11.57
CA ARG C 215 -14.51 27.93 -11.16
C ARG C 215 -13.52 27.13 -11.98
N LYS C 216 -13.37 27.41 -13.29
CA LYS C 216 -12.37 26.76 -14.15
C LYS C 216 -10.95 27.00 -13.59
N SER C 217 -10.69 28.20 -13.02
CA SER C 217 -9.40 28.52 -12.45
C SER C 217 -9.16 27.77 -11.14
N CYS C 218 -10.23 27.60 -10.30
CA CYS C 218 -10.15 26.83 -9.06
C CYS C 218 -9.78 25.40 -9.50
N VAL C 219 -10.62 24.75 -10.34
CA VAL C 219 -10.39 23.41 -10.91
C VAL C 219 -8.95 23.30 -11.39
N ASP C 220 -8.48 24.25 -12.19
CA ASP C 220 -7.10 24.29 -12.69
C ASP C 220 -6.05 24.12 -11.57
N MET C 221 -6.16 24.94 -10.50
CA MET C 221 -5.30 24.99 -9.34
C MET C 221 -5.33 23.72 -8.51
N VAL C 222 -6.54 23.20 -8.17
CA VAL C 222 -6.64 22.01 -7.33
C VAL C 222 -6.04 20.76 -8.07
N MET C 223 -6.25 20.64 -9.43
CA MET C 223 -5.71 19.58 -10.28
C MET C 223 -4.19 19.65 -10.25
N LYS C 224 -3.65 20.87 -10.36
CA LYS C 224 -2.22 21.20 -10.37
C LYS C 224 -1.57 20.78 -9.05
N TRP C 225 -2.29 20.89 -7.92
CA TRP C 225 -1.72 20.56 -6.61
C TRP C 225 -2.11 19.18 -6.07
N LEU C 226 -2.92 18.44 -6.86
CA LEU C 226 -3.43 17.11 -6.56
C LEU C 226 -2.32 16.06 -6.39
N VAL C 227 -2.24 15.54 -5.17
CA VAL C 227 -1.27 14.52 -4.78
C VAL C 227 -2.10 13.26 -4.43
N PRO C 228 -1.72 12.07 -4.94
CA PRO C 228 -2.53 10.87 -4.70
C PRO C 228 -2.66 10.52 -3.23
N GLU C 229 -3.83 10.02 -2.79
CA GLU C 229 -4.03 9.69 -1.38
C GLU C 229 -3.97 8.19 -1.24
N SER C 230 -3.77 7.68 -0.01
CA SER C 230 -3.73 6.23 0.26
C SER C 230 -5.11 5.57 0.08
N SER C 231 -5.14 4.26 -0.23
CA SER C 231 -6.41 3.49 -0.39
C SER C 231 -6.96 3.29 1.02
N GLY C 232 -7.86 4.16 1.43
CA GLY C 232 -8.38 4.08 2.78
C GLY C 232 -8.42 5.40 3.51
N ARG C 233 -8.21 6.48 2.75
CA ARG C 233 -8.38 7.85 3.20
C ARG C 233 -9.29 8.58 2.17
N TYR C 234 -9.84 7.78 1.25
CA TYR C 234 -10.71 8.14 0.14
C TYR C 234 -12.13 8.48 0.64
N VAL C 235 -12.77 9.50 0.03
CA VAL C 235 -14.13 9.87 0.39
C VAL C 235 -14.99 9.13 -0.60
N ASN C 236 -15.72 8.09 -0.13
CA ASN C 236 -16.61 7.32 -0.99
C ASN C 236 -17.82 8.17 -1.37
N ARG C 237 -18.10 8.28 -2.66
CA ARG C 237 -19.21 9.09 -3.14
C ARG C 237 -20.03 8.18 -4.03
N MET C 238 -21.30 7.93 -3.70
CA MET C 238 -22.17 7.03 -4.47
C MET C 238 -23.42 7.72 -4.93
N THR C 239 -23.74 7.59 -6.22
CA THR C 239 -24.93 8.17 -6.84
C THR C 239 -25.34 7.43 -8.11
N ASN C 240 -26.63 7.11 -8.23
CA ASN C 240 -27.19 6.41 -9.40
C ASN C 240 -28.39 7.18 -9.97
N GLU C 241 -28.34 7.40 -11.29
CA GLU C 241 -29.36 8.10 -12.09
C GLU C 241 -30.53 7.17 -12.55
N ALA C 242 -31.75 7.76 -12.68
CA ALA C 242 -33.00 7.12 -13.13
C ALA C 242 -34.04 8.19 -13.51
N SER C 248 -27.28 6.64 -15.55
CA SER C 248 -27.50 5.33 -14.90
C SER C 248 -26.23 4.47 -14.94
N LEU C 249 -25.98 3.73 -13.84
CA LEU C 249 -24.80 2.88 -13.68
C LEU C 249 -24.93 1.49 -14.32
N LYS C 250 -23.82 0.99 -14.90
CA LYS C 250 -23.80 -0.33 -15.53
C LYS C 250 -23.28 -1.37 -14.52
N VAL C 251 -22.24 -0.99 -13.71
CA VAL C 251 -21.64 -1.86 -12.70
C VAL C 251 -21.47 -1.17 -11.35
N LEU C 252 -21.53 -1.95 -10.25
CA LEU C 252 -21.26 -1.46 -8.91
C LEU C 252 -19.97 -2.21 -8.49
N ALA C 253 -18.85 -1.52 -8.44
CA ALA C 253 -17.60 -2.20 -8.16
C ALA C 253 -17.10 -2.07 -6.73
N ASP C 254 -16.52 -3.16 -6.21
CA ASP C 254 -15.86 -3.25 -4.93
C ASP C 254 -14.41 -3.39 -5.30
N SER C 255 -13.79 -2.23 -5.49
CA SER C 255 -12.40 -1.92 -5.90
C SER C 255 -11.32 -2.88 -5.34
N GLU C 256 -11.16 -2.87 -4.00
CA GLU C 256 -10.20 -3.62 -3.21
C GLU C 256 -10.39 -5.15 -3.27
N ARG C 257 -11.62 -5.63 -3.58
CA ARG C 257 -11.86 -7.07 -3.67
C ARG C 257 -12.24 -7.55 -5.10
N TYR C 258 -12.09 -6.68 -6.13
CA TYR C 258 -12.30 -6.98 -7.56
C TYR C 258 -13.59 -7.74 -7.80
N THR C 259 -14.68 -7.22 -7.24
CA THR C 259 -16.02 -7.80 -7.34
C THR C 259 -16.94 -6.76 -7.94
N TRP C 260 -17.72 -7.16 -8.94
CA TRP C 260 -18.65 -6.27 -9.59
C TRP C 260 -20.04 -6.80 -9.49
N ILE C 261 -21.02 -5.91 -9.32
CA ILE C 261 -22.42 -6.23 -9.42
C ILE C 261 -22.80 -5.58 -10.74
N VAL C 262 -23.31 -6.39 -11.66
CA VAL C 262 -23.72 -5.94 -12.98
C VAL C 262 -25.25 -5.57 -12.92
N LEU C 263 -25.57 -4.30 -13.22
CA LEU C 263 -26.97 -3.81 -13.24
C LEU C 263 -27.62 -3.93 -14.63
N ARG D 24 -35.08 21.39 -22.71
CA ARG D 24 -35.38 21.59 -24.12
C ARG D 24 -34.12 21.58 -25.02
N MET D 25 -32.87 21.69 -24.46
CA MET D 25 -31.63 21.65 -25.29
C MET D 25 -30.45 20.89 -24.64
N ARG D 26 -29.82 20.00 -25.45
CA ARG D 26 -28.71 19.13 -25.07
C ARG D 26 -27.42 19.45 -25.82
N LEU D 27 -26.30 19.46 -25.08
CA LEU D 27 -24.98 19.73 -25.59
C LEU D 27 -24.04 18.56 -25.38
N TYR D 28 -23.01 18.48 -26.23
CA TYR D 28 -21.96 17.49 -26.13
C TYR D 28 -20.70 18.14 -25.58
N VAL D 29 -20.17 17.64 -24.47
CA VAL D 29 -18.92 18.15 -23.88
C VAL D 29 -17.85 17.06 -24.03
N GLY D 30 -16.73 17.41 -24.65
CA GLY D 30 -15.64 16.47 -24.94
C GLY D 30 -14.25 17.02 -24.75
N SER D 31 -13.23 16.21 -25.05
CA SER D 31 -11.80 16.50 -24.91
C SER D 31 -11.50 16.99 -23.49
N LEU D 32 -12.04 16.27 -22.48
CA LEU D 32 -11.89 16.56 -21.04
C LEU D 32 -10.79 15.72 -20.40
N HIS D 33 -10.18 16.26 -19.36
CA HIS D 33 -9.17 15.57 -18.57
C HIS D 33 -9.89 14.44 -17.77
N PHE D 34 -9.26 13.25 -17.72
CA PHE D 34 -9.80 12.03 -17.10
C PHE D 34 -10.18 12.16 -15.60
N ASN D 35 -9.69 13.23 -14.90
CA ASN D 35 -9.98 13.52 -13.49
C ASN D 35 -11.09 14.57 -13.28
N ILE D 36 -11.64 15.16 -14.39
CA ILE D 36 -12.74 16.12 -14.32
C ILE D 36 -14.02 15.35 -13.97
N THR D 37 -14.60 15.67 -12.82
CA THR D 37 -15.79 15.02 -12.25
C THR D 37 -17.10 15.63 -12.79
N GLU D 38 -18.24 14.96 -12.58
CA GLU D 38 -19.56 15.47 -12.96
C GLU D 38 -19.84 16.77 -12.19
N ASP D 39 -19.57 16.78 -10.87
CA ASP D 39 -19.69 17.95 -9.98
C ASP D 39 -18.91 19.16 -10.47
N MET D 40 -17.73 18.91 -11.11
CA MET D 40 -16.88 19.97 -11.67
C MET D 40 -17.54 20.54 -12.89
N LEU D 41 -18.07 19.66 -13.76
CA LEU D 41 -18.79 20.04 -14.97
C LEU D 41 -20.03 20.82 -14.64
N ARG D 42 -20.74 20.42 -13.56
CA ARG D 42 -21.96 21.10 -13.12
C ARG D 42 -21.60 22.53 -12.71
N GLY D 43 -20.53 22.67 -11.93
CA GLY D 43 -20.05 23.96 -11.43
C GLY D 43 -19.63 24.94 -12.51
N ILE D 44 -19.00 24.43 -13.56
CA ILE D 44 -18.52 25.21 -14.71
C ILE D 44 -19.68 25.62 -15.63
N PHE D 45 -20.63 24.70 -15.91
CA PHE D 45 -21.75 24.94 -16.82
C PHE D 45 -22.98 25.61 -16.20
N GLU D 46 -23.26 25.35 -14.90
CA GLU D 46 -24.44 25.90 -14.21
C GLU D 46 -24.59 27.42 -14.22
N PRO D 47 -23.52 28.25 -14.17
CA PRO D 47 -23.76 29.70 -14.16
C PRO D 47 -24.46 30.25 -15.43
N PHE D 48 -24.41 29.49 -16.55
CA PHE D 48 -25.02 29.91 -17.81
C PHE D 48 -26.55 29.79 -17.84
N GLY D 49 -27.07 28.76 -17.16
CA GLY D 49 -28.50 28.47 -17.07
C GLY D 49 -28.84 27.23 -16.28
N ARG D 50 -30.17 26.98 -16.06
CA ARG D 50 -30.71 25.80 -15.35
C ARG D 50 -30.41 24.52 -16.14
N ILE D 51 -29.80 23.52 -15.46
CA ILE D 51 -29.46 22.24 -16.10
C ILE D 51 -30.38 21.12 -15.61
N GLU D 52 -31.05 20.44 -16.56
CA GLU D 52 -31.96 19.32 -16.31
C GLU D 52 -31.20 18.04 -15.98
N SER D 53 -30.16 17.71 -16.78
CA SER D 53 -29.37 16.51 -16.60
C SER D 53 -27.95 16.63 -17.14
N ILE D 54 -26.99 16.07 -16.40
CA ILE D 54 -25.57 16.00 -16.75
C ILE D 54 -25.20 14.52 -16.66
N GLN D 55 -24.61 13.97 -17.71
CA GLN D 55 -24.15 12.59 -17.66
C GLN D 55 -22.76 12.46 -18.28
N LEU D 56 -21.74 12.33 -17.40
CA LEU D 56 -20.36 12.10 -17.75
C LEU D 56 -20.20 10.59 -17.96
N MET D 57 -19.72 10.21 -19.16
CA MET D 57 -19.52 8.81 -19.54
C MET D 57 -18.31 8.19 -18.88
N MET D 58 -18.55 7.08 -18.16
CA MET D 58 -17.53 6.37 -17.43
C MET D 58 -17.16 5.01 -18.04
N ASP D 59 -15.92 4.55 -17.79
CA ASP D 59 -15.46 3.23 -18.22
C ASP D 59 -15.88 2.16 -17.16
N SER D 60 -16.65 1.10 -17.57
CA SER D 60 -17.09 0.05 -16.64
C SER D 60 -15.89 -0.73 -16.11
N GLU D 61 -14.97 -1.09 -17.03
CA GLU D 61 -13.70 -1.77 -16.80
C GLU D 61 -12.65 -0.68 -16.49
N THR D 62 -12.08 -0.67 -15.24
CA THR D 62 -11.12 0.33 -14.72
C THR D 62 -11.86 1.66 -14.61
N GLY D 63 -12.71 1.73 -13.60
CA GLY D 63 -13.60 2.83 -13.29
C GLY D 63 -12.99 4.22 -13.25
N ARG D 64 -13.10 4.93 -14.40
CA ARG D 64 -12.59 6.29 -14.67
C ARG D 64 -13.38 6.92 -15.84
N SER D 65 -13.42 8.27 -15.88
CA SER D 65 -14.09 9.10 -16.91
C SER D 65 -13.55 8.82 -18.30
N LYS D 66 -14.46 8.75 -19.29
CA LYS D 66 -14.14 8.53 -20.71
C LYS D 66 -13.62 9.83 -21.41
N GLY D 67 -13.79 10.96 -20.73
CA GLY D 67 -13.39 12.28 -21.23
C GLY D 67 -14.50 13.01 -21.96
N TYR D 68 -15.70 12.40 -22.03
CA TYR D 68 -16.84 13.01 -22.71
C TYR D 68 -18.15 12.85 -21.93
N GLY D 69 -19.11 13.68 -22.26
CA GLY D 69 -20.42 13.66 -21.64
C GLY D 69 -21.46 14.51 -22.33
N PHE D 70 -22.63 14.63 -21.70
CA PHE D 70 -23.77 15.40 -22.19
C PHE D 70 -24.40 16.25 -21.09
N ILE D 71 -24.57 17.55 -21.36
CA ILE D 71 -25.19 18.49 -20.44
C ILE D 71 -26.47 18.97 -21.12
N THR D 72 -27.60 18.93 -20.39
CA THR D 72 -28.88 19.29 -20.97
C THR D 72 -29.48 20.49 -20.26
N PHE D 73 -29.35 21.67 -20.87
CA PHE D 73 -29.93 22.91 -20.33
C PHE D 73 -31.46 22.94 -20.50
N SER D 74 -32.17 23.58 -19.57
CA SER D 74 -33.64 23.74 -19.63
C SER D 74 -34.00 24.75 -20.72
N ASP D 75 -33.08 25.72 -20.97
CA ASP D 75 -33.21 26.78 -21.97
C ASP D 75 -32.19 26.62 -23.09
N SER D 76 -32.63 26.81 -24.36
CA SER D 76 -31.79 26.70 -25.55
C SER D 76 -30.78 27.85 -25.65
N GLU D 77 -31.21 29.12 -25.41
CA GLU D 77 -30.35 30.32 -25.45
C GLU D 77 -29.28 30.26 -24.37
N CYS D 78 -29.59 29.60 -23.22
CA CYS D 78 -28.65 29.42 -22.09
C CYS D 78 -27.56 28.41 -22.45
N ALA D 79 -27.94 27.37 -23.23
CA ALA D 79 -27.05 26.32 -23.73
C ALA D 79 -26.14 26.87 -24.83
N LYS D 80 -26.66 27.84 -25.63
CA LYS D 80 -25.93 28.50 -26.73
C LYS D 80 -24.77 29.35 -26.17
N LYS D 81 -25.02 30.10 -25.07
CA LYS D 81 -24.04 30.97 -24.43
C LYS D 81 -22.96 30.16 -23.74
N ALA D 82 -23.32 28.97 -23.21
CA ALA D 82 -22.40 28.05 -22.55
C ALA D 82 -21.38 27.52 -23.55
N LEU D 83 -21.83 27.26 -24.80
CA LEU D 83 -21.03 26.77 -25.92
C LEU D 83 -20.08 27.85 -26.38
N GLU D 84 -20.61 29.07 -26.63
CA GLU D 84 -19.88 30.23 -27.08
C GLU D 84 -18.73 30.59 -26.14
N GLN D 85 -18.94 30.42 -24.83
CA GLN D 85 -17.96 30.79 -23.83
C GLN D 85 -17.04 29.65 -23.35
N LEU D 86 -17.32 28.39 -23.71
CA LEU D 86 -16.48 27.30 -23.22
C LEU D 86 -15.77 26.47 -24.30
N ASN D 87 -16.31 26.48 -25.54
CA ASN D 87 -15.76 25.73 -26.66
C ASN D 87 -14.41 26.26 -27.12
N GLY D 88 -13.41 25.37 -27.04
CA GLY D 88 -12.04 25.61 -27.45
C GLY D 88 -11.15 26.18 -26.38
N PHE D 89 -11.71 26.35 -25.17
CA PHE D 89 -10.99 26.91 -24.05
C PHE D 89 -10.56 25.82 -23.08
N GLU D 90 -9.27 25.88 -22.71
CA GLU D 90 -8.57 24.97 -21.81
C GLU D 90 -9.14 24.82 -20.37
N LEU D 91 -9.57 23.59 -20.02
CA LEU D 91 -9.96 23.15 -18.67
C LEU D 91 -8.92 22.08 -18.37
N ALA D 92 -8.04 22.41 -17.42
CA ALA D 92 -6.80 21.79 -17.01
C ALA D 92 -5.74 22.33 -18.04
N GLY D 93 -5.52 21.59 -19.11
CA GLY D 93 -4.60 22.01 -20.17
C GLY D 93 -5.09 21.51 -21.50
N ARG D 94 -6.25 20.82 -21.46
CA ARG D 94 -6.89 20.22 -22.63
C ARG D 94 -7.98 21.15 -23.07
N PRO D 95 -7.94 21.65 -24.33
CA PRO D 95 -9.01 22.53 -24.81
C PRO D 95 -10.34 21.78 -24.99
N MET D 96 -11.34 22.17 -24.17
CA MET D 96 -12.69 21.60 -24.13
C MET D 96 -13.43 21.75 -25.47
N LYS D 97 -14.20 20.72 -25.86
CA LYS D 97 -14.98 20.73 -27.09
C LYS D 97 -16.47 20.62 -26.78
N VAL D 98 -17.19 21.76 -26.84
CA VAL D 98 -18.63 21.85 -26.57
C VAL D 98 -19.40 21.99 -27.90
N GLY D 99 -20.30 21.05 -28.19
CA GLY D 99 -21.09 21.03 -29.42
C GLY D 99 -22.56 20.67 -29.28
N HIS D 100 -23.29 20.52 -30.40
CA HIS D 100 -24.72 20.16 -30.42
C HIS D 100 -24.98 18.68 -30.73
N VAL D 101 -26.26 18.25 -30.74
CA VAL D 101 -26.65 16.85 -30.97
C VAL D 101 -27.78 16.66 -31.99
N THR D 102 -27.88 15.41 -32.55
CA THR D 102 -28.86 14.87 -33.52
C THR D 102 -28.96 15.76 -34.79
N ASP E 27 38.97 -8.65 -20.86
CA ASP E 27 40.04 -7.85 -21.44
C ASP E 27 40.40 -6.65 -20.54
N PHE E 28 39.37 -5.89 -20.06
CA PHE E 28 39.54 -4.73 -19.17
C PHE E 28 38.85 -4.96 -17.81
N LEU E 29 39.62 -5.60 -16.90
CA LEU E 29 39.27 -6.02 -15.54
C LEU E 29 40.39 -5.65 -14.57
N LYS E 30 41.64 -5.95 -14.94
CA LYS E 30 42.90 -5.71 -14.23
C LYS E 30 43.10 -4.29 -13.62
N GLY E 31 43.76 -4.26 -12.47
CA GLY E 31 44.08 -3.05 -11.72
C GLY E 31 43.01 -2.57 -10.77
N LEU E 32 42.23 -3.53 -10.15
CA LEU E 32 41.11 -3.32 -9.21
C LEU E 32 41.49 -2.54 -7.93
N PRO E 33 40.58 -1.75 -7.31
CA PRO E 33 40.96 -0.99 -6.10
C PRO E 33 41.62 -1.78 -4.96
N VAL E 34 42.73 -1.24 -4.41
CA VAL E 34 43.49 -1.82 -3.31
C VAL E 34 43.47 -0.87 -2.10
N TYR E 35 42.58 -1.11 -1.13
CA TYR E 35 42.54 -0.29 0.10
C TYR E 35 43.66 -0.71 1.04
N ASN E 36 43.96 -2.03 1.05
CA ASN E 36 45.02 -2.68 1.84
C ASN E 36 45.24 -4.08 1.23
N LYS E 37 46.50 -4.36 0.90
CA LYS E 37 46.97 -5.60 0.29
C LYS E 37 46.66 -6.84 1.14
N SER E 38 46.79 -6.69 2.47
CA SER E 38 46.60 -7.69 3.53
C SER E 38 45.19 -8.32 3.61
N ASN E 39 44.17 -7.49 3.41
CA ASN E 39 42.76 -7.84 3.54
C ASN E 39 42.37 -9.19 2.96
N PHE E 40 42.77 -9.60 1.76
CA PHE E 40 42.24 -10.94 1.45
C PHE E 40 43.30 -12.04 1.25
N SER E 41 44.57 -11.68 1.45
CA SER E 41 45.76 -12.53 1.30
C SER E 41 45.67 -13.85 2.09
N ARG E 42 45.15 -13.76 3.33
CA ARG E 42 44.96 -14.88 4.25
C ARG E 42 43.55 -15.37 4.06
N PHE E 43 43.40 -16.64 3.70
CA PHE E 43 42.08 -17.19 3.38
C PHE E 43 41.31 -17.78 4.56
N HIS E 44 39.99 -17.67 4.42
CA HIS E 44 38.96 -18.12 5.34
C HIS E 44 38.56 -19.60 5.03
N ALA E 45 37.24 -19.95 5.17
CA ALA E 45 36.63 -21.29 5.01
C ALA E 45 36.85 -21.93 3.63
N PRO E 56 27.68 -12.80 13.73
CA PRO E 56 28.25 -11.94 14.78
C PRO E 56 27.53 -12.05 16.13
N SER E 57 28.15 -11.49 17.19
CA SER E 57 27.60 -11.37 18.55
C SER E 57 26.41 -10.37 18.53
N VAL E 58 25.28 -10.74 19.18
CA VAL E 58 24.07 -9.90 19.23
C VAL E 58 24.23 -8.71 20.21
N TYR E 59 23.88 -7.50 19.74
CA TYR E 59 23.94 -6.27 20.53
C TYR E 59 22.63 -6.07 21.29
N LEU E 60 22.68 -6.19 22.63
CA LEU E 60 21.50 -5.95 23.46
C LEU E 60 21.75 -4.63 24.17
N PRO E 61 21.27 -3.46 23.68
CA PRO E 61 21.58 -2.20 24.36
C PRO E 61 21.10 -2.11 25.79
N THR E 62 22.09 -2.01 26.67
CA THR E 62 21.97 -1.86 28.11
C THR E 62 21.39 -0.47 28.38
N ARG E 63 20.76 -0.30 29.58
CA ARG E 63 20.15 0.96 30.02
C ARG E 63 21.16 2.16 30.00
N GLU E 64 21.23 2.87 28.83
CA GLU E 64 22.11 4.03 28.56
C GLU E 64 21.56 4.75 27.36
N TYR E 65 21.13 6.00 27.56
CA TYR E 65 20.43 6.76 26.55
C TYR E 65 20.93 8.21 26.30
N PRO E 66 22.11 8.42 25.67
CA PRO E 66 22.52 9.81 25.38
C PRO E 66 22.10 10.33 23.96
N SER E 67 20.98 11.11 23.81
CA SER E 67 20.55 11.65 22.47
C SER E 67 20.17 13.12 22.49
N GLU E 68 20.61 13.88 21.45
CA GLU E 68 20.39 15.33 21.41
C GLU E 68 20.13 15.91 20.04
N GLN E 69 18.98 15.54 19.45
CA GLN E 69 18.49 15.98 18.13
C GLN E 69 17.34 15.07 17.69
N ILE E 70 16.23 15.66 17.21
CA ILE E 70 15.06 14.89 16.75
C ILE E 70 14.66 15.23 15.33
N ILE E 71 14.04 14.29 14.61
CA ILE E 71 13.58 14.50 13.24
C ILE E 71 12.08 14.73 13.28
N VAL E 72 11.64 15.89 12.73
CA VAL E 72 10.22 16.29 12.70
C VAL E 72 9.77 16.64 11.28
N THR E 73 8.47 16.47 10.98
CA THR E 73 7.93 16.82 9.67
C THR E 73 7.09 18.10 9.74
N GLU E 74 7.15 18.90 8.65
CA GLU E 74 6.43 20.14 8.36
C GLU E 74 4.92 19.88 8.52
N LYS E 75 4.32 20.47 9.58
CA LYS E 75 2.90 20.29 9.88
C LYS E 75 1.97 20.84 8.76
N THR E 76 2.23 22.11 8.37
CA THR E 76 1.49 22.87 7.38
C THR E 76 1.46 22.21 5.98
N ASN E 77 0.31 22.32 5.31
CA ASN E 77 0.04 21.83 3.94
C ASN E 77 0.95 22.55 2.93
N ILE E 78 1.37 21.84 1.89
CA ILE E 78 2.32 22.36 0.89
C ILE E 78 1.68 23.46 0.00
N LEU E 79 0.36 23.42 -0.22
CA LEU E 79 -0.32 24.43 -1.03
C LEU E 79 -0.38 25.72 -0.24
N LEU E 80 -0.75 25.61 1.07
CA LEU E 80 -0.85 26.73 2.01
C LEU E 80 0.54 27.33 2.19
N ARG E 81 1.60 26.49 2.39
CA ARG E 81 2.98 26.95 2.59
C ARG E 81 3.45 27.84 1.42
N TYR E 82 3.12 27.41 0.18
CA TYR E 82 3.45 28.12 -1.04
C TYR E 82 2.72 29.45 -1.11
N LEU E 83 1.39 29.46 -0.88
CA LEU E 83 0.60 30.71 -0.91
C LEU E 83 1.04 31.71 0.16
N HIS E 84 1.33 31.19 1.38
CA HIS E 84 1.85 31.95 2.51
C HIS E 84 3.18 32.55 2.11
N GLN E 85 4.07 31.72 1.50
CA GLN E 85 5.41 32.12 1.02
C GLN E 85 5.31 33.25 -0.01
N GLN E 86 4.36 33.17 -0.97
CA GLN E 86 4.18 34.18 -2.03
C GLN E 86 3.62 35.49 -1.50
N TRP E 87 2.60 35.39 -0.63
CA TRP E 87 1.94 36.54 -0.01
C TRP E 87 2.86 37.27 0.95
N ASP E 88 3.74 36.54 1.68
CA ASP E 88 4.69 37.13 2.62
C ASP E 88 5.81 37.86 1.87
N LYS E 89 6.18 37.38 0.66
CA LYS E 89 7.18 38.01 -0.20
C LYS E 89 6.59 39.26 -0.81
N LYS E 90 5.27 39.23 -1.12
CA LYS E 90 4.54 40.36 -1.66
C LYS E 90 4.42 41.50 -0.61
N ASN E 91 4.31 41.13 0.69
CA ASN E 91 4.25 42.07 1.81
C ASN E 91 5.59 42.77 1.99
N ALA E 92 6.71 42.06 1.72
CA ALA E 92 8.08 42.59 1.80
C ALA E 92 8.32 43.58 0.64
N ALA E 93 7.73 43.27 -0.55
CA ALA E 93 7.81 44.10 -1.76
C ALA E 93 6.98 45.41 -1.60
N LYS E 94 6.10 45.46 -0.59
CA LYS E 94 5.24 46.59 -0.23
C LYS E 94 5.95 47.43 0.85
N LYS E 95 6.74 46.79 1.76
CA LYS E 95 7.47 47.49 2.82
C LYS E 95 8.68 48.26 2.28
N ARG E 96 9.31 47.78 1.17
CA ARG E 96 10.48 48.40 0.54
C ARG E 96 10.17 49.76 -0.09
N ASP E 97 8.97 49.89 -0.71
CA ASP E 97 8.49 51.13 -1.34
C ASP E 97 7.95 52.11 -0.28
N GLN E 98 7.15 51.61 0.68
CA GLN E 98 6.58 52.40 1.77
C GLN E 98 7.58 52.57 2.91
#